data_1D4K
# 
_entry.id   1D4K 
# 
_audit_conform.dict_name       mmcif_pdbx.dic 
_audit_conform.dict_version    5.351 
_audit_conform.dict_location   http://mmcif.pdb.org/dictionaries/ascii/mmcif_pdbx.dic 
# 
loop_
_database_2.database_id 
_database_2.database_code 
_database_2.pdbx_database_accession 
_database_2.pdbx_DOI 
PDB   1D4K         pdb_00001d4k 10.2210/pdb1d4k/pdb 
RCSB  RCSB009784   ?            ?                   
WWPDB D_1000009784 ?            ?                   
# 
loop_
_pdbx_database_related.db_name 
_pdbx_database_related.db_id 
_pdbx_database_related.details 
_pdbx_database_related.content_type 
PDB 1b6k 
;1b6k contains a similar C-terminal macrocylic 
 HIV-1 protease inhibitor
;
unspecified 
PDB 1b6m 
;1b6m contains a similar C-terminal macrocylic 
 HIV-1 protease inhibitor
;
unspecified 
# 
_pdbx_database_status.status_code                     REL 
_pdbx_database_status.entry_id                        1D4K 
_pdbx_database_status.recvd_initial_deposition_date   1999-10-04 
_pdbx_database_status.deposit_site                    RCSB 
_pdbx_database_status.process_site                    RCSB 
_pdbx_database_status.status_code_sf                  REL 
_pdbx_database_status.SG_entry                        . 
_pdbx_database_status.pdb_format_compatible           Y 
_pdbx_database_status.status_code_mr                  ? 
_pdbx_database_status.status_code_cs                  ? 
_pdbx_database_status.methods_development_category    ? 
_pdbx_database_status.status_code_nmr_data            ? 
# 
loop_
_audit_author.name 
_audit_author.pdbx_ordinal 
'Tyndall, J.D.'   1  
'Reid, R.C.'      2  
'Tyssen, D.P.'    3  
'Jardine, D.K.'   4  
'Todd, B.'        5  
'Passmore, M.'    6  
'March, D.R.'     7  
'Pattenden, L.K.' 8  
'Alewood, D.'     9  
'Hu, S.H.'        10 
'Alewood, P.F.'   11 
'Birch, C.J.'     12 
'Martin, J.L.'    13 
'Fairlie, D.P.'   14 
# 
loop_
_citation.id 
_citation.title 
_citation.journal_abbrev 
_citation.journal_volume 
_citation.page_first 
_citation.page_last 
_citation.year 
_citation.journal_id_ASTM 
_citation.country 
_citation.journal_id_ISSN 
_citation.journal_id_CSD 
_citation.book_publisher 
_citation.pdbx_database_id_PubMed 
_citation.pdbx_database_id_DOI 
primary 
;Synthesis, stability, antiviral activity, and protease-bound structures of substrate-mimicking constrained macrocyclic inhibitors of HIV-1 protease.
;
J.Med.Chem.    43  3495  3504  2000 JMCMAR US 0022-2623 0151 ? 11000004 10.1021/jm000013n 
1       'Molecular Recognition of Macrocyclic Peptidomimetic Inhibitors by HIV-1 Protease.' Biochemistry   38  7978  7988  1999 
BICHAW US 0006-2960 0033 ? ?        10.1021/bi990174x 
2       'Substrate-Based Cyclic Peptidomimetics Of Phe Ile Val That Inhibit HIV-1 Protease Using a Novel Enzyme Binding Mode' 
J.Am.Chem.Soc. 118 3375  3379  1996 JACSAT US 0002-7863 0004 ? ?        10.1021/ja953790z 
3       
;Regioselective Structural and Functional Mimicry Of Peptides: Design Of Hydrolytically Stable Cyclic Peptidomimetic Inhibitors Of HIV-1 Protease.
;
J.Am.Chem.Soc. 117 10220 10226 1995 JACSAT US 0002-7863 0004 ? ?        ?                 
# 
loop_
_citation_author.citation_id 
_citation_author.name 
_citation_author.ordinal 
_citation_author.identifier_ORCID 
primary 'Tyndall, J.D.'        1  ? 
primary 'Reid, R.C.'           2  ? 
primary 'Tyssen, D.P.'         3  ? 
primary 'Jardine, D.K.'        4  ? 
primary 'Todd, B.'             5  ? 
primary 'Passmore, M.'         6  ? 
primary 'March, D.R.'          7  ? 
primary 'Pattenden, L.K.'      8  ? 
primary 'Bergman, D.A.'        9  ? 
primary 'Alewood, D.'          10 ? 
primary 'Hu, S.H.'             11 ? 
primary 'Alewood, P.F.'        12 ? 
primary 'Birch, C.J.'          13 ? 
primary 'Martin, J.L.'         14 ? 
primary 'Fairlie, D.P.'        15 ? 
1       'Martin, J.L.'         16 ? 
1       'Begun, J.'            17 ? 
1       'Schindeler, A.'       18 ? 
1       'Wickramasinghe, W.A.' 19 ? 
1       'Alewood, D.'          20 ? 
1       'Alewood, P.F.'        21 ? 
1       'Bergman, D.A.'        22 ? 
1       'Brinkworth, R.I.'     23 ? 
1       'Abbenante, G.'        24 ? 
1       'March, D.R.'          25 ? 
1       'Reid, R.C.'           26 ? 
1       'Fairlie, D.P.'        27 ? 
2       'March, D.R.'          28 ? 
2       'Abbenante, G.'        29 ? 
2       'Bergman, D.'          30 ? 
2       'Brinkworth, R.I.'     31 ? 
2       'Wickramasinghe, W.'   32 ? 
2       'Begun, J.'            33 ? 
2       'Martin, J.L.'         34 ? 
2       'Fairlie, D.P.'        35 ? 
3       'Abbenante, G.'        36 ? 
3       'March, D.'            37 ? 
3       'Bergman, D.'          38 ? 
3       'Hunt, P.A.'           39 ? 
3       'Garnham, B.'          40 ? 
3       'Dancer, R.J.'         41 ? 
3       'Martin, J.L.'         42 ? 
3       'Fairlie, D.P.'        43 ? 
# 
_cell.entry_id           1D4K 
_cell.length_a           51.820 
_cell.length_b           58.920 
_cell.length_c           61.860 
_cell.angle_alpha        90.00 
_cell.angle_beta         90.00 
_cell.angle_gamma        90.00 
_cell.Z_PDB              8 
_cell.pdbx_unique_axis   ? 
# 
_symmetry.entry_id                         1D4K 
_symmetry.space_group_name_H-M             'P 21 21 21' 
_symmetry.pdbx_full_space_group_name_H-M   ? 
_symmetry.cell_setting                     ? 
_symmetry.Int_Tables_number                19 
# 
loop_
_entity.id 
_entity.type 
_entity.src_method 
_entity.pdbx_description 
_entity.formula_weight 
_entity.pdbx_number_of_molecules 
_entity.pdbx_ec 
_entity.pdbx_mutation 
_entity.pdbx_fragment 
_entity.details 
1 polymer     syn 'HIV-1 PROTEASE' 10765.687 2  3.4.23.16 'Q7K, L33I, C67(ABA), C95(ABA)' ? ? 
2 non-polymer syn 'SULFATE ION' 96.063    2  ?         ?                               ? ? 
3 non-polymer syn 
;N-13-[(10S,13S)-9,12-DIOXO-10-(2-BUTYL)-2-OXA-8,11-DIAZABICYCLO [13.2.2] NONADECA-15,17,18-TRIENE] (2R)-BENZYL-(4S)-HYDROXY-5-AMINOPENTANOIC (1R)-HYDROXY-(2S)-INDANEAMIDE
;
698.891   1  ?         ?                               ? ? 
4 water       nat water 18.015    89 ?         ?                               ? ? 
# 
_entity_poly.entity_id                      1 
_entity_poly.type                           'polypeptide(L)' 
_entity_poly.nstd_linkage                   no 
_entity_poly.nstd_monomer                   yes 
_entity_poly.pdbx_seq_one_letter_code       
;PQITLWKRPLVTIRIGGQLKEALLDTGADDTVIEEMNLPGKWKPKMIGGIGGFIKVRQYDQIPVEI(ABA)GHKAIGTVL
VGPTPVNIIGRNLLTQIG(ABA)TLNF
;
_entity_poly.pdbx_seq_one_letter_code_can   
;PQITLWKRPLVTIRIGGQLKEALLDTGADDTVIEEMNLPGKWKPKMIGGIGGFIKVRQYDQIPVEIAGHKAIGTVLVGPT
PVNIIGRNLLTQIGATLNF
;
_entity_poly.pdbx_strand_id                 A,B 
_entity_poly.pdbx_target_identifier         ? 
# 
loop_
_entity_poly_seq.entity_id 
_entity_poly_seq.num 
_entity_poly_seq.mon_id 
_entity_poly_seq.hetero 
1 1  PRO n 
1 2  GLN n 
1 3  ILE n 
1 4  THR n 
1 5  LEU n 
1 6  TRP n 
1 7  LYS n 
1 8  ARG n 
1 9  PRO n 
1 10 LEU n 
1 11 VAL n 
1 12 THR n 
1 13 ILE n 
1 14 ARG n 
1 15 ILE n 
1 16 GLY n 
1 17 GLY n 
1 18 GLN n 
1 19 LEU n 
1 20 LYS n 
1 21 GLU n 
1 22 ALA n 
1 23 LEU n 
1 24 LEU n 
1 25 ASP n 
1 26 THR n 
1 27 GLY n 
1 28 ALA n 
1 29 ASP n 
1 30 ASP n 
1 31 THR n 
1 32 VAL n 
1 33 ILE n 
1 34 GLU n 
1 35 GLU n 
1 36 MET n 
1 37 ASN n 
1 38 LEU n 
1 39 PRO n 
1 40 GLY n 
1 41 LYS n 
1 42 TRP n 
1 43 LYS n 
1 44 PRO n 
1 45 LYS n 
1 46 MET n 
1 47 ILE n 
1 48 GLY n 
1 49 GLY n 
1 50 ILE n 
1 51 GLY n 
1 52 GLY n 
1 53 PHE n 
1 54 ILE n 
1 55 LYS n 
1 56 VAL n 
1 57 ARG n 
1 58 GLN n 
1 59 TYR n 
1 60 ASP n 
1 61 GLN n 
1 62 ILE n 
1 63 PRO n 
1 64 VAL n 
1 65 GLU n 
1 66 ILE n 
1 67 ABA n 
1 68 GLY n 
1 69 HIS n 
1 70 LYS n 
1 71 ALA n 
1 72 ILE n 
1 73 GLY n 
1 74 THR n 
1 75 VAL n 
1 76 LEU n 
1 77 VAL n 
1 78 GLY n 
1 79 PRO n 
1 80 THR n 
1 81 PRO n 
1 82 VAL n 
1 83 ASN n 
1 84 ILE n 
1 85 ILE n 
1 86 GLY n 
1 87 ARG n 
1 88 ASN n 
1 89 LEU n 
1 90 LEU n 
1 91 THR n 
1 92 GLN n 
1 93 ILE n 
1 94 GLY n 
1 95 ABA n 
1 96 THR n 
1 97 LEU n 
1 98 ASN n 
1 99 PHE n 
# 
_pdbx_entity_src_syn.entity_id              1 
_pdbx_entity_src_syn.pdbx_src_id            1 
_pdbx_entity_src_syn.pdbx_alt_source_flag   sample 
_pdbx_entity_src_syn.pdbx_beg_seq_num       ? 
_pdbx_entity_src_syn.pdbx_end_seq_num       ? 
_pdbx_entity_src_syn.organism_scientific    ? 
_pdbx_entity_src_syn.organism_common_name   ? 
_pdbx_entity_src_syn.ncbi_taxonomy_id       ? 
_pdbx_entity_src_syn.details                
'SF2 isolate, chemically synthesised protein corresponds to the protease from HIV-1, with 4 mutations per monomer' 
# 
_struct_ref.id                         1 
_struct_ref.db_name                    UNP 
_struct_ref.db_code                    POL_HV1A2 
_struct_ref.entity_id                  1 
_struct_ref.pdbx_db_accession          P03369 
_struct_ref.pdbx_align_begin           ? 
_struct_ref.pdbx_seq_one_letter_code   ? 
_struct_ref.pdbx_db_isoform            ? 
# 
loop_
_struct_ref_seq.align_id 
_struct_ref_seq.ref_id 
_struct_ref_seq.pdbx_PDB_id_code 
_struct_ref_seq.pdbx_strand_id 
_struct_ref_seq.seq_align_beg 
_struct_ref_seq.pdbx_seq_align_beg_ins_code 
_struct_ref_seq.seq_align_end 
_struct_ref_seq.pdbx_seq_align_end_ins_code 
_struct_ref_seq.pdbx_db_accession 
_struct_ref_seq.db_align_beg 
_struct_ref_seq.pdbx_db_align_beg_ins_code 
_struct_ref_seq.db_align_end 
_struct_ref_seq.pdbx_db_align_end_ins_code 
_struct_ref_seq.pdbx_auth_seq_align_beg 
_struct_ref_seq.pdbx_auth_seq_align_end 
1 1 1D4K A 1 ? 99 ? P03369 57 ? 155 ? 1 99 
2 1 1D4K B 1 ? 99 ? P03369 57 ? 155 ? 1 99 
# 
loop_
_struct_ref_seq_dif.align_id 
_struct_ref_seq_dif.pdbx_pdb_id_code 
_struct_ref_seq_dif.mon_id 
_struct_ref_seq_dif.pdbx_pdb_strand_id 
_struct_ref_seq_dif.seq_num 
_struct_ref_seq_dif.pdbx_pdb_ins_code 
_struct_ref_seq_dif.pdbx_seq_db_name 
_struct_ref_seq_dif.pdbx_seq_db_accession_code 
_struct_ref_seq_dif.db_mon_id 
_struct_ref_seq_dif.pdbx_seq_db_seq_num 
_struct_ref_seq_dif.details 
_struct_ref_seq_dif.pdbx_auth_seq_num 
_struct_ref_seq_dif.pdbx_ordinal 
1 1D4K LYS A 7  ? UNP P03369 GLN 63  'engineered mutation' 7  1 
1 1D4K ILE A 33 ? UNP P03369 LEU 89  'engineered mutation' 33 2 
1 1D4K ABA A 67 ? UNP P03369 CYS 123 'engineered mutation' 67 3 
1 1D4K ABA A 95 ? UNP P03369 CYS 151 'engineered mutation' 95 4 
2 1D4K LYS B 7  ? UNP P03369 GLN 63  'engineered mutation' 7  5 
2 1D4K ILE B 33 ? UNP P03369 LEU 89  'engineered mutation' 33 6 
2 1D4K ABA B 67 ? UNP P03369 CYS 123 'engineered mutation' 67 7 
2 1D4K ABA B 95 ? UNP P03369 CYS 151 'engineered mutation' 95 8 
# 
loop_
_chem_comp.id 
_chem_comp.type 
_chem_comp.mon_nstd_flag 
_chem_comp.name 
_chem_comp.pdbx_synonyms 
_chem_comp.formula 
_chem_comp.formula_weight 
ABA 'L-peptide linking' n 'ALPHA-AMINOBUTYRIC ACID' ?                                        'C4 H9 N O2'     103.120 
ALA 'L-peptide linking' y ALANINE ?                                        'C3 H7 N O2'     89.093  
ARG 'L-peptide linking' y ARGININE ?                                        'C6 H15 N4 O2 1' 175.209 
ASN 'L-peptide linking' y ASPARAGINE ?                                        'C4 H8 N2 O3'    132.118 
ASP 'L-peptide linking' y 'ASPARTIC ACID' ?                                        'C4 H7 N O4'     133.103 
CYS 'L-peptide linking' y CYSTEINE ?                                        'C3 H7 N O2 S'   121.158 
GLN 'L-peptide linking' y GLUTAMINE ?                                        'C5 H10 N2 O3'   146.144 
GLU 'L-peptide linking' y 'GLUTAMIC ACID' ?                                        'C5 H9 N O4'     147.129 
GLY 'peptide linking'   y GLYCINE ?                                        'C2 H5 N O2'     75.067  
HIS 'L-peptide linking' y HISTIDINE ?                                        'C6 H10 N3 O2 1' 156.162 
HOH non-polymer         . WATER ?                                        'H2 O'           18.015  
ILE 'L-peptide linking' y ISOLEUCINE ?                                        'C6 H13 N O2'    131.173 
LEU 'L-peptide linking' y LEUCINE ?                                        'C6 H13 N O2'    131.173 
LYS 'L-peptide linking' y LYSINE ?                                        'C6 H15 N2 O2 1' 147.195 
MET 'L-peptide linking' y METHIONINE ?                                        'C5 H11 N O2 S'  149.211 
PHE 'L-peptide linking' y PHENYLALANINE ?                                        'C9 H11 N O2'    165.189 
PI8 non-polymer         . 
;N-13-[(10S,13S)-9,12-DIOXO-10-(2-BUTYL)-2-OXA-8,11-DIAZABICYCLO [13.2.2] NONADECA-15,17,18-TRIENE] (2R)-BENZYL-(4S)-HYDROXY-5-AMINOPENTANOIC (1R)-HYDROXY-(2S)-INDANEAMIDE
;
'MACROCYCLIC PEPTIDOMIMETIC INHIBITOR 8' 'C41 H54 N4 O6'  698.891 
PRO 'L-peptide linking' y PROLINE ?                                        'C5 H9 N O2'     115.130 
SO4 non-polymer         . 'SULFATE ION' ?                                        'O4 S -2'        96.063  
THR 'L-peptide linking' y THREONINE ?                                        'C4 H9 N O3'     119.119 
TRP 'L-peptide linking' y TRYPTOPHAN ?                                        'C11 H12 N2 O2'  204.225 
TYR 'L-peptide linking' y TYROSINE ?                                        'C9 H11 N O3'    181.189 
VAL 'L-peptide linking' y VALINE ?                                        'C5 H11 N O2'    117.146 
# 
_exptl.entry_id          1D4K 
_exptl.method            'X-RAY DIFFRACTION' 
_exptl.crystals_number   1 
# 
_exptl_crystal.id                    1 
_exptl_crystal.density_meas          ? 
_exptl_crystal.density_Matthews      2.19 
_exptl_crystal.density_percent_sol   43.88 
_exptl_crystal.description           ? 
# 
_exptl_crystal_grow.crystal_id      1 
_exptl_crystal_grow.method          'VAPOR DIFFUSION, HANGING DROP' 
_exptl_crystal_grow.temp            293.0 
_exptl_crystal_grow.temp_details    ? 
_exptl_crystal_grow.pH              5.5 
_exptl_crystal_grow.pdbx_details    'ammonium sulfate. acetate buffer, , pH 5.5, VAPOR DIFFUSION, HANGING DROP, temperature 293.0K' 
_exptl_crystal_grow.pdbx_pH_range   . 
# 
_diffrn.id                     1 
_diffrn.ambient_temp           298.0 
_diffrn.ambient_temp_details   ? 
_diffrn.crystal_id             1 
# 
_diffrn_detector.diffrn_id              1 
_diffrn_detector.detector               'IMAGE PLATE' 
_diffrn_detector.type                   'RIGAKU RAXIS IIC' 
_diffrn_detector.pdbx_collection_date   1998-08-17 
_diffrn_detector.details                ? 
# 
_diffrn_radiation.diffrn_id                        1 
_diffrn_radiation.wavelength_id                    1 
_diffrn_radiation.pdbx_monochromatic_or_laue_m_l   M 
_diffrn_radiation.monochromator                    ? 
_diffrn_radiation.pdbx_diffrn_protocol             'SINGLE WAVELENGTH' 
_diffrn_radiation.pdbx_scattering_type             x-ray 
# 
_diffrn_radiation_wavelength.id           1 
_diffrn_radiation_wavelength.wavelength   1.54 
_diffrn_radiation_wavelength.wt           1.0 
# 
_diffrn_source.diffrn_id                   1 
_diffrn_source.source                      'ROTATING ANODE' 
_diffrn_source.type                        'RIGAKU RU200' 
_diffrn_source.pdbx_synchrotron_site       ? 
_diffrn_source.pdbx_synchrotron_beamline   ? 
_diffrn_source.pdbx_wavelength             1.54 
_diffrn_source.pdbx_wavelength_list        ? 
# 
_reflns.entry_id                     1D4K 
_reflns.observed_criterion_sigma_I   1.0 
_reflns.observed_criterion_sigma_F   0.0 
_reflns.d_resolution_low             50.00 
_reflns.d_resolution_high            1.85 
_reflns.number_obs                   51287 
_reflns.number_all                   55326 
_reflns.percent_possible_obs         92.7 
_reflns.pdbx_Rmerge_I_obs            0.0510000 
_reflns.pdbx_Rsym_value              ? 
_reflns.pdbx_netI_over_sigmaI        12.0 
_reflns.B_iso_Wilson_estimate        13.0 
_reflns.pdbx_redundancy              3.56 
_reflns.R_free_details               ? 
_reflns.limit_h_max                  ? 
_reflns.limit_h_min                  ? 
_reflns.limit_k_max                  ? 
_reflns.limit_k_min                  ? 
_reflns.limit_l_max                  ? 
_reflns.limit_l_min                  ? 
_reflns.observed_criterion_F_max     ? 
_reflns.observed_criterion_F_min     ? 
_reflns.pdbx_diffrn_id               1 
_reflns.pdbx_ordinal                 1 
# 
_reflns_shell.d_res_high             1.85 
_reflns_shell.d_res_low              1.92 
_reflns_shell.percent_possible_all   87.9 
_reflns_shell.Rmerge_I_obs           0.2770000 
_reflns_shell.pdbx_Rsym_value        ? 
_reflns_shell.meanI_over_sigI_obs    ? 
_reflns_shell.pdbx_redundancy        8.19 
_reflns_shell.percent_possible_obs   ? 
_reflns_shell.number_unique_all      1457 
_reflns_shell.pdbx_diffrn_id         ? 
_reflns_shell.pdbx_ordinal           1 
# 
_refine.entry_id                                 1D4K 
_refine.ls_number_reflns_obs                     15323 
_refine.ls_number_reflns_all                     15323 
_refine.pdbx_ls_sigma_I                          0.0 
_refine.pdbx_ls_sigma_F                          0.0 
_refine.pdbx_data_cutoff_high_absF               10000000.00 
_refine.pdbx_data_cutoff_low_absF                0.001 
_refine.ls_d_res_low                             8.00 
_refine.ls_d_res_high                            1.85 
_refine.ls_percent_reflns_obs                    93.0 
_refine.ls_R_factor_obs                          0.2120000 
_refine.ls_R_factor_all                          0.2119000 
_refine.ls_R_factor_R_work                       0.2120000 
_refine.ls_R_factor_R_free                       0.2590000 
_refine.ls_R_factor_R_free_error                 0.007 
_refine.ls_R_factor_R_free_error_details         ? 
_refine.ls_percent_reflns_R_free                 10.1 
_refine.ls_number_reflns_R_free                  1547 
_refine.ls_number_parameters                     ? 
_refine.ls_number_restraints                     ? 
_refine.occupancy_min                            ? 
_refine.occupancy_max                            ? 
_refine.B_iso_mean                               24.5 
_refine.aniso_B[1][1]                            0.00 
_refine.aniso_B[2][2]                            0.00 
_refine.aniso_B[3][3]                            0.00 
_refine.aniso_B[1][2]                            0.00 
_refine.aniso_B[1][3]                            0.00 
_refine.aniso_B[2][3]                            0.00 
_refine.solvent_model_details                    ? 
_refine.solvent_model_param_ksol                 ? 
_refine.solvent_model_param_bsol                 ? 
_refine.pdbx_ls_cross_valid_method               THROUGHOUT 
_refine.details                                  ? 
_refine.pdbx_starting_model                      ? 
_refine.pdbx_method_to_determine_struct          ? 
_refine.pdbx_isotropic_thermal_model             RESTRAINED 
_refine.pdbx_stereochemistry_target_values       'Engh & Huber' 
_refine.pdbx_stereochem_target_val_spec_case     ? 
_refine.pdbx_R_Free_selection_details            RANDOM 
_refine.pdbx_overall_ESU_R_Free                  ? 
_refine.overall_SU_B                             ? 
_refine.ls_redundancy_reflns_obs                 ? 
_refine.overall_SU_ML                            ? 
_refine.pdbx_overall_ESU_R                       ? 
_refine.pdbx_data_cutoff_high_rms_absF           ? 
_refine.B_iso_min                                ? 
_refine.B_iso_max                                ? 
_refine.pdbx_refine_id                           'X-RAY DIFFRACTION' 
_refine.pdbx_diffrn_id                           1 
_refine.pdbx_TLS_residual_ADP_flag               ? 
_refine.correlation_coeff_Fo_to_Fc               ? 
_refine.correlation_coeff_Fo_to_Fc_free          ? 
_refine.pdbx_solvent_vdw_probe_radii             ? 
_refine.pdbx_solvent_ion_probe_radii             ? 
_refine.pdbx_solvent_shrinkage_radii             ? 
_refine.pdbx_overall_phase_error                 ? 
_refine.overall_SU_R_Cruickshank_DPI             ? 
_refine.pdbx_overall_SU_R_free_Cruickshank_DPI   ? 
_refine.pdbx_overall_SU_R_Blow_DPI               ? 
_refine.pdbx_overall_SU_R_free_Blow_DPI          ? 
# 
_refine_analyze.entry_id                        1D4K 
_refine_analyze.Luzzati_coordinate_error_obs    0.23 
_refine_analyze.Luzzati_sigma_a_obs             0.24 
_refine_analyze.Luzzati_d_res_low_obs           5.00 
_refine_analyze.Luzzati_coordinate_error_free   0.26 
_refine_analyze.Luzzati_sigma_a_free            0.23 
_refine_analyze.Luzzati_d_res_low_free          ? 
_refine_analyze.number_disordered_residues      ? 
_refine_analyze.occupancy_sum_hydrogen          ? 
_refine_analyze.occupancy_sum_non_hydrogen      ? 
_refine_analyze.pdbx_Luzzati_d_res_high_obs     ? 
_refine_analyze.pdbx_refine_id                  'X-RAY DIFFRACTION' 
# 
_refine_hist.pdbx_refine_id                   'X-RAY DIFFRACTION' 
_refine_hist.cycle_id                         LAST 
_refine_hist.pdbx_number_atoms_protein        1530 
_refine_hist.pdbx_number_atoms_nucleic_acid   0 
_refine_hist.pdbx_number_atoms_ligand         68 
_refine_hist.number_atoms_solvent             89 
_refine_hist.number_atoms_total               1687 
_refine_hist.d_res_high                       1.85 
_refine_hist.d_res_low                        8.00 
# 
loop_
_refine_ls_restr.type 
_refine_ls_restr.dev_ideal 
_refine_ls_restr.dev_ideal_target 
_refine_ls_restr.weight 
_refine_ls_restr.number 
_refine_ls_restr.pdbx_refine_id 
_refine_ls_restr.pdbx_restraint_function 
x_bond_d                0.005 ?    ? ? 'X-RAY DIFFRACTION' ? 
x_bond_d_na             ?     ?    ? ? 'X-RAY DIFFRACTION' ? 
x_bond_d_prot           ?     ?    ? ? 'X-RAY DIFFRACTION' ? 
x_angle_d               ?     ?    ? ? 'X-RAY DIFFRACTION' ? 
x_angle_d_na            ?     ?    ? ? 'X-RAY DIFFRACTION' ? 
x_angle_d_prot          ?     ?    ? ? 'X-RAY DIFFRACTION' ? 
x_angle_deg             1.2   ?    ? ? 'X-RAY DIFFRACTION' ? 
x_angle_deg_na          ?     ?    ? ? 'X-RAY DIFFRACTION' ? 
x_angle_deg_prot        ?     ?    ? ? 'X-RAY DIFFRACTION' ? 
x_dihedral_angle_d      27.1  ?    ? ? 'X-RAY DIFFRACTION' ? 
x_dihedral_angle_d_na   ?     ?    ? ? 'X-RAY DIFFRACTION' ? 
x_dihedral_angle_d_prot ?     ?    ? ? 'X-RAY DIFFRACTION' ? 
x_improper_angle_d      1.12  ?    ? ? 'X-RAY DIFFRACTION' ? 
x_improper_angle_d_na   ?     ?    ? ? 'X-RAY DIFFRACTION' ? 
x_improper_angle_d_prot ?     ?    ? ? 'X-RAY DIFFRACTION' ? 
x_mcbond_it             1.41  1.50 ? ? 'X-RAY DIFFRACTION' ? 
x_mcangle_it            2.30  2.00 ? ? 'X-RAY DIFFRACTION' ? 
x_scbond_it             2.41  2.00 ? ? 'X-RAY DIFFRACTION' ? 
x_scangle_it            3.88  2.50 ? ? 'X-RAY DIFFRACTION' ? 
# 
_refine_ls_shell.pdbx_total_number_of_bins_used   6 
_refine_ls_shell.d_res_high                       1.85 
_refine_ls_shell.d_res_low                        1.96 
_refine_ls_shell.number_reflns_R_work             2133 
_refine_ls_shell.R_factor_R_work                  0.2850000 
_refine_ls_shell.percent_reflns_obs               88.3 
_refine_ls_shell.R_factor_R_free                  0.3160000 
_refine_ls_shell.R_factor_R_free_error            0.020 
_refine_ls_shell.percent_reflns_R_free            10.6 
_refine_ls_shell.number_reflns_R_free             253 
_refine_ls_shell.redundancy_reflns_obs            ? 
_refine_ls_shell.number_reflns_all                ? 
_refine_ls_shell.number_reflns_obs                ? 
_refine_ls_shell.pdbx_refine_id                   'X-RAY DIFFRACTION' 
_refine_ls_shell.R_factor_all                     ? 
# 
_struct.entry_id                  1D4K 
_struct.title                     'HIV-1 PROTEASE COMPLEXED WITH A MACROCYCLIC PEPTIDOMIMETIC INHIBITOR' 
_struct.pdbx_model_details        ? 
_struct.pdbx_CASP_flag            ? 
_struct.pdbx_model_type_details   ? 
# 
_struct_keywords.entry_id        1D4K 
_struct_keywords.pdbx_keywords   HYDROLASE 
_struct_keywords.text            'HIV, PROTEASE, INHIBITOR, ANTIVIRAL, HYDROLASE' 
# 
loop_
_struct_asym.id 
_struct_asym.pdbx_blank_PDB_chainid_flag 
_struct_asym.pdbx_modified 
_struct_asym.entity_id 
_struct_asym.details 
A N N 1 ? 
B N N 1 ? 
C N N 2 ? 
D N N 2 ? 
E N N 3 ? 
F N N 4 ? 
G N N 4 ? 
# 
loop_
_struct_conf.conf_type_id 
_struct_conf.id 
_struct_conf.pdbx_PDB_helix_id 
_struct_conf.beg_label_comp_id 
_struct_conf.beg_label_asym_id 
_struct_conf.beg_label_seq_id 
_struct_conf.pdbx_beg_PDB_ins_code 
_struct_conf.end_label_comp_id 
_struct_conf.end_label_asym_id 
_struct_conf.end_label_seq_id 
_struct_conf.pdbx_end_PDB_ins_code 
_struct_conf.beg_auth_comp_id 
_struct_conf.beg_auth_asym_id 
_struct_conf.beg_auth_seq_id 
_struct_conf.end_auth_comp_id 
_struct_conf.end_auth_asym_id 
_struct_conf.end_auth_seq_id 
_struct_conf.pdbx_PDB_helix_class 
_struct_conf.details 
_struct_conf.pdbx_PDB_helix_length 
HELX_P HELX_P1 1 GLY A 86 ? THR A 91 ? GLY A 86 THR A 91 1 ? 6 
HELX_P HELX_P2 2 GLY B 86 ? THR B 91 ? GLY B 86 THR B 91 1 ? 6 
# 
_struct_conf_type.id          HELX_P 
_struct_conf_type.criteria    ? 
_struct_conf_type.reference   ? 
# 
loop_
_struct_conn.id 
_struct_conn.conn_type_id 
_struct_conn.pdbx_leaving_atom_flag 
_struct_conn.pdbx_PDB_id 
_struct_conn.ptnr1_label_asym_id 
_struct_conn.ptnr1_label_comp_id 
_struct_conn.ptnr1_label_seq_id 
_struct_conn.ptnr1_label_atom_id 
_struct_conn.pdbx_ptnr1_label_alt_id 
_struct_conn.pdbx_ptnr1_PDB_ins_code 
_struct_conn.pdbx_ptnr1_standard_comp_id 
_struct_conn.ptnr1_symmetry 
_struct_conn.ptnr2_label_asym_id 
_struct_conn.ptnr2_label_comp_id 
_struct_conn.ptnr2_label_seq_id 
_struct_conn.ptnr2_label_atom_id 
_struct_conn.pdbx_ptnr2_label_alt_id 
_struct_conn.pdbx_ptnr2_PDB_ins_code 
_struct_conn.ptnr1_auth_asym_id 
_struct_conn.ptnr1_auth_comp_id 
_struct_conn.ptnr1_auth_seq_id 
_struct_conn.ptnr2_auth_asym_id 
_struct_conn.ptnr2_auth_comp_id 
_struct_conn.ptnr2_auth_seq_id 
_struct_conn.ptnr2_symmetry 
_struct_conn.pdbx_ptnr3_label_atom_id 
_struct_conn.pdbx_ptnr3_label_seq_id 
_struct_conn.pdbx_ptnr3_label_comp_id 
_struct_conn.pdbx_ptnr3_label_asym_id 
_struct_conn.pdbx_ptnr3_label_alt_id 
_struct_conn.pdbx_ptnr3_PDB_ins_code 
_struct_conn.details 
_struct_conn.pdbx_dist_value 
_struct_conn.pdbx_value_order 
_struct_conn.pdbx_role 
covale1 covale both ? A ILE 66 C ? ? ? 1_555 A ABA 67 N ? ? A ILE 66 A ABA 67 1_555 ? ? ? ? ? ? ? 1.332 ? ? 
covale2 covale both ? A ABA 67 C ? ? ? 1_555 A GLY 68 N ? ? A ABA 67 A GLY 68 1_555 ? ? ? ? ? ? ? 1.328 ? ? 
covale3 covale both ? A GLY 94 C ? ? ? 1_555 A ABA 95 N ? ? A GLY 94 A ABA 95 1_555 ? ? ? ? ? ? ? 1.329 ? ? 
covale4 covale both ? A ABA 95 C ? ? ? 1_555 A THR 96 N ? ? A ABA 95 A THR 96 1_555 ? ? ? ? ? ? ? 1.328 ? ? 
covale5 covale both ? B ILE 66 C ? ? ? 1_555 B ABA 67 N ? ? B ILE 66 B ABA 67 1_555 ? ? ? ? ? ? ? 1.331 ? ? 
covale6 covale both ? B ABA 67 C ? ? ? 1_555 B GLY 68 N ? ? B ABA 67 B GLY 68 1_555 ? ? ? ? ? ? ? 1.331 ? ? 
covale7 covale both ? B GLY 94 C ? ? ? 1_555 B ABA 95 N ? ? B GLY 94 B ABA 95 1_555 ? ? ? ? ? ? ? 1.332 ? ? 
covale8 covale both ? B ABA 95 C ? ? ? 1_555 B THR 96 N ? ? B ABA 95 B THR 96 1_555 ? ? ? ? ? ? ? 1.330 ? ? 
# 
_struct_conn_type.id          covale 
_struct_conn_type.criteria    ? 
_struct_conn_type.reference   ? 
# 
loop_
_struct_sheet.id 
_struct_sheet.type 
_struct_sheet.number_strands 
_struct_sheet.details 
A ? 4 ? 
B ? 8 ? 
C ? 8 ? 
# 
loop_
_struct_sheet_order.sheet_id 
_struct_sheet_order.range_id_1 
_struct_sheet_order.range_id_2 
_struct_sheet_order.offset 
_struct_sheet_order.sense 
A 1 2 ? anti-parallel 
A 2 3 ? anti-parallel 
A 3 4 ? anti-parallel 
B 1 2 ? anti-parallel 
B 2 3 ? anti-parallel 
B 3 4 ? parallel      
B 4 5 ? anti-parallel 
B 5 6 ? parallel      
B 6 7 ? anti-parallel 
B 7 8 ? anti-parallel 
C 1 2 ? anti-parallel 
C 2 3 ? anti-parallel 
C 3 4 ? parallel      
C 4 5 ? anti-parallel 
C 5 6 ? parallel      
C 6 7 ? anti-parallel 
C 7 8 ? anti-parallel 
# 
loop_
_struct_sheet_range.sheet_id 
_struct_sheet_range.id 
_struct_sheet_range.beg_label_comp_id 
_struct_sheet_range.beg_label_asym_id 
_struct_sheet_range.beg_label_seq_id 
_struct_sheet_range.pdbx_beg_PDB_ins_code 
_struct_sheet_range.end_label_comp_id 
_struct_sheet_range.end_label_asym_id 
_struct_sheet_range.end_label_seq_id 
_struct_sheet_range.pdbx_end_PDB_ins_code 
_struct_sheet_range.beg_auth_comp_id 
_struct_sheet_range.beg_auth_asym_id 
_struct_sheet_range.beg_auth_seq_id 
_struct_sheet_range.end_auth_comp_id 
_struct_sheet_range.end_auth_asym_id 
_struct_sheet_range.end_auth_seq_id 
A 1 GLN A 2  ? THR A 4  ? GLN A 2  THR A 4  
A 2 THR B 96 ? ASN B 98 ? THR B 96 ASN B 98 
A 3 THR A 96 ? ASN A 98 ? THR A 96 ASN A 98 
A 4 GLN B 2  ? ILE B 3  ? GLN B 2  ILE B 3  
B 1 LYS A 43 ? GLY A 49 ? LYS A 43 GLY A 49 
B 2 GLY A 52 ? ILE A 66 ? GLY A 52 ILE A 66 
B 3 HIS A 69 ? GLY A 78 ? HIS A 69 GLY A 78 
B 4 VAL A 32 ? GLU A 34 ? VAL A 32 GLU A 34 
B 5 ILE A 84 ? ILE A 85 ? ILE A 84 ILE A 85 
B 6 GLN A 18 ? LEU A 24 ? GLN A 18 LEU A 24 
B 7 LEU A 10 ? ILE A 15 ? LEU A 10 ILE A 15 
B 8 GLY A 52 ? ILE A 66 ? GLY A 52 ILE A 66 
C 1 LYS B 43 ? GLY B 48 ? LYS B 43 GLY B 48 
C 2 PHE B 53 ? ILE B 66 ? PHE B 53 ILE B 66 
C 3 HIS B 69 ? GLY B 78 ? HIS B 69 GLY B 78 
C 4 VAL B 32 ? GLU B 34 ? VAL B 32 GLU B 34 
C 5 ASN B 83 ? ILE B 85 ? ASN B 83 ILE B 85 
C 6 GLN B 18 ? LEU B 24 ? GLN B 18 LEU B 24 
C 7 LEU B 10 ? ILE B 15 ? LEU B 10 ILE B 15 
C 8 PHE B 53 ? ILE B 66 ? PHE B 53 ILE B 66 
# 
loop_
_pdbx_struct_sheet_hbond.sheet_id 
_pdbx_struct_sheet_hbond.range_id_1 
_pdbx_struct_sheet_hbond.range_id_2 
_pdbx_struct_sheet_hbond.range_1_label_atom_id 
_pdbx_struct_sheet_hbond.range_1_label_comp_id 
_pdbx_struct_sheet_hbond.range_1_label_asym_id 
_pdbx_struct_sheet_hbond.range_1_label_seq_id 
_pdbx_struct_sheet_hbond.range_1_PDB_ins_code 
_pdbx_struct_sheet_hbond.range_1_auth_atom_id 
_pdbx_struct_sheet_hbond.range_1_auth_comp_id 
_pdbx_struct_sheet_hbond.range_1_auth_asym_id 
_pdbx_struct_sheet_hbond.range_1_auth_seq_id 
_pdbx_struct_sheet_hbond.range_2_label_atom_id 
_pdbx_struct_sheet_hbond.range_2_label_comp_id 
_pdbx_struct_sheet_hbond.range_2_label_asym_id 
_pdbx_struct_sheet_hbond.range_2_label_seq_id 
_pdbx_struct_sheet_hbond.range_2_PDB_ins_code 
_pdbx_struct_sheet_hbond.range_2_auth_atom_id 
_pdbx_struct_sheet_hbond.range_2_auth_comp_id 
_pdbx_struct_sheet_hbond.range_2_auth_asym_id 
_pdbx_struct_sheet_hbond.range_2_auth_seq_id 
A 1 2 N ILE A 3  ? N ILE A 3  O LEU B 97 ? O LEU B 97 
A 2 3 O ASN B 98 ? O ASN B 98 N THR A 96 ? N THR A 96 
A 3 4 O LEU A 97 ? O LEU A 97 N ILE B 3  ? N ILE B 3  
B 1 2 N GLY A 49 ? N GLY A 49 O GLY A 52 ? O GLY A 52 
B 2 3 N ILE A 66 ? N ILE A 66 O HIS A 69 ? O HIS A 69 
B 3 4 O LEU A 76 ? O LEU A 76 N ILE A 33 ? N ILE A 33 
B 4 5 O VAL A 32 ? O VAL A 32 N ILE A 84 ? N ILE A 84 
B 5 6 N ILE A 85 ? N ILE A 85 O LEU A 23 ? O LEU A 23 
B 6 7 N ALA A 22 ? N ALA A 22 O VAL A 11 ? O VAL A 11 
B 7 8 O ARG A 14 ? O ARG A 14 N GLU A 65 ? N GLU A 65 
C 1 2 N ILE B 47 ? N ILE B 47 O ILE B 54 ? O ILE B 54 
C 2 3 N ILE B 66 ? N ILE B 66 O HIS B 69 ? O HIS B 69 
C 3 4 O LEU B 76 ? O LEU B 76 N ILE B 33 ? N ILE B 33 
C 4 5 O VAL B 32 ? O VAL B 32 N ILE B 84 ? N ILE B 84 
C 5 6 N ASN B 83 ? N ASN B 83 O GLU B 21 ? O GLU B 21 
C 6 7 N ALA B 22 ? N ALA B 22 O VAL B 11 ? O VAL B 11 
C 7 8 O ARG B 14 ? O ARG B 14 N GLU B 65 ? N GLU B 65 
# 
loop_
_struct_site.id 
_struct_site.pdbx_evidence_code 
_struct_site.pdbx_auth_asym_id 
_struct_site.pdbx_auth_comp_id 
_struct_site.pdbx_auth_seq_id 
_struct_site.pdbx_auth_ins_code 
_struct_site.pdbx_num_residues 
_struct_site.details 
AC1 Software A SO4 501 ? 4  'BINDING SITE FOR RESIDUE SO4 A 501' 
AC2 Software A SO4 502 ? 2  'BINDING SITE FOR RESIDUE SO4 A 502' 
AC3 Software A PI8 201 ? 25 'BINDING SITE FOR RESIDUE PI8 A 201' 
# 
loop_
_struct_site_gen.id 
_struct_site_gen.site_id 
_struct_site_gen.pdbx_num_res 
_struct_site_gen.label_comp_id 
_struct_site_gen.label_asym_id 
_struct_site_gen.label_seq_id 
_struct_site_gen.pdbx_auth_ins_code 
_struct_site_gen.auth_comp_id 
_struct_site_gen.auth_asym_id 
_struct_site_gen.auth_seq_id 
_struct_site_gen.label_atom_id 
_struct_site_gen.label_alt_id 
_struct_site_gen.symmetry 
_struct_site_gen.details 
1  AC1 4  GLY A 68 ? GLY A 68  . ? 1_555 ? 
2  AC1 4  HIS A 69 ? HIS A 69  . ? 1_555 ? 
3  AC1 4  LYS A 70 ? LYS A 70  . ? 1_555 ? 
4  AC1 4  PRO B 1  ? PRO B 1   . ? 4_456 ? 
5  AC2 2  PRO A 1  ? PRO A 1   . ? 2_454 ? 
6  AC2 2  HIS A 69 ? HIS A 69  . ? 2_454 ? 
7  AC3 25 ARG A 8  ? ARG A 8   . ? 1_555 ? 
8  AC3 25 ASP A 25 ? ASP A 25  . ? 1_555 ? 
9  AC3 25 GLY A 27 ? GLY A 27  . ? 1_555 ? 
10 AC3 25 ALA A 28 ? ALA A 28  . ? 1_555 ? 
11 AC3 25 ASP A 29 ? ASP A 29  . ? 1_555 ? 
12 AC3 25 ASP A 30 ? ASP A 30  . ? 1_555 ? 
13 AC3 25 VAL A 32 ? VAL A 32  . ? 1_555 ? 
14 AC3 25 GLY A 48 ? GLY A 48  . ? 1_555 ? 
15 AC3 25 GLY A 49 ? GLY A 49  . ? 1_555 ? 
16 AC3 25 ILE A 50 ? ILE A 50  . ? 1_555 ? 
17 AC3 25 PRO A 81 ? PRO A 81  . ? 1_555 ? 
18 AC3 25 VAL A 82 ? VAL A 82  . ? 1_555 ? 
19 AC3 25 ILE A 84 ? ILE A 84  . ? 1_555 ? 
20 AC3 25 HOH F .  ? HOH A 321 . ? 1_555 ? 
21 AC3 25 ARG B 8  ? ARG B 8   . ? 1_555 ? 
22 AC3 25 ASP B 25 ? ASP B 25  . ? 1_555 ? 
23 AC3 25 GLY B 27 ? GLY B 27  . ? 1_555 ? 
24 AC3 25 ALA B 28 ? ALA B 28  . ? 1_555 ? 
25 AC3 25 ASP B 29 ? ASP B 29  . ? 1_555 ? 
26 AC3 25 VAL B 32 ? VAL B 32  . ? 1_555 ? 
27 AC3 25 GLY B 48 ? GLY B 48  . ? 1_555 ? 
28 AC3 25 GLY B 49 ? GLY B 49  . ? 1_555 ? 
29 AC3 25 VAL B 82 ? VAL B 82  . ? 1_555 ? 
30 AC3 25 ILE B 84 ? ILE B 84  . ? 1_555 ? 
31 AC3 25 HOH G .  ? HOH B 301 . ? 1_555 ? 
# 
_atom_sites.entry_id                    1D4K 
_atom_sites.fract_transf_matrix[1][1]   -0.00876422 
_atom_sites.fract_transf_matrix[1][2]   0.00348067 
_atom_sites.fract_transf_matrix[1][3]   0.01683705 
_atom_sites.fract_transf_matrix[2][1]   0.01318567 
_atom_sites.fract_transf_matrix[2][2]   0.00949590 
_atom_sites.fract_transf_matrix[2][3]   0.00490051 
_atom_sites.fract_transf_matrix[3][1]   -0.00704959 
_atom_sites.fract_transf_matrix[3][2]   0.01307773 
_atom_sites.fract_transf_matrix[3][3]   -0.00637306 
_atom_sites.fract_transf_vector[1]      0.097834 
_atom_sites.fract_transf_vector[2]      0.019274 
_atom_sites.fract_transf_vector[3]      0.297011 
# 
loop_
_atom_type.symbol 
C 
N 
O 
S 
# 
loop_
_atom_site.group_PDB 
_atom_site.id 
_atom_site.type_symbol 
_atom_site.label_atom_id 
_atom_site.label_alt_id 
_atom_site.label_comp_id 
_atom_site.label_asym_id 
_atom_site.label_entity_id 
_atom_site.label_seq_id 
_atom_site.pdbx_PDB_ins_code 
_atom_site.Cartn_x 
_atom_site.Cartn_y 
_atom_site.Cartn_z 
_atom_site.occupancy 
_atom_site.B_iso_or_equiv 
_atom_site.pdbx_formal_charge 
_atom_site.auth_seq_id 
_atom_site.auth_comp_id 
_atom_site.auth_asym_id 
_atom_site.auth_atom_id 
_atom_site.pdbx_PDB_model_num 
ATOM   1    N N   . PRO A 1 1  ? 2.058   14.830  -11.560 1.00 29.64  ? 1   PRO A N   1 
ATOM   2    C CA  . PRO A 1 1  ? 0.599   15.086  -11.412 1.00 28.04  ? 1   PRO A CA  1 
ATOM   3    C C   . PRO A 1 1  ? 0.173   14.841  -9.967  1.00 26.59  ? 1   PRO A C   1 
ATOM   4    O O   . PRO A 1 1  ? 0.865   14.142  -9.222  1.00 28.09  ? 1   PRO A O   1 
ATOM   5    C CB  . PRO A 1 1  ? -0.140  14.150  -12.370 1.00 30.21  ? 1   PRO A CB  1 
ATOM   6    C CG  . PRO A 1 1  ? 0.849   12.995  -12.502 1.00 27.63  ? 1   PRO A CG  1 
ATOM   7    C CD  . PRO A 1 1  ? 2.233   13.597  -12.427 1.00 27.90  ? 1   PRO A CD  1 
ATOM   8    N N   . GLN A 1 2  ? -0.918  15.479  -9.546  1.00 25.50  ? 2   GLN A N   1 
ATOM   9    C CA  . GLN A 1 2  ? -1.455  15.303  -8.190  1.00 24.32  ? 2   GLN A CA  1 
ATOM   10   C C   . GLN A 1 2  ? -2.562  14.259  -8.297  1.00 24.30  ? 2   GLN A C   1 
ATOM   11   O O   . GLN A 1 2  ? -3.476  14.398  -9.110  1.00 23.84  ? 2   GLN A O   1 
ATOM   12   C CB  . GLN A 1 2  ? -2.016  16.616  -7.641  1.00 25.12  ? 2   GLN A CB  1 
ATOM   13   C CG  . GLN A 1 2  ? -2.666  16.479  -6.262  1.00 28.97  ? 2   GLN A CG  1 
ATOM   14   C CD  . GLN A 1 2  ? -3.095  17.808  -5.662  1.00 32.79  ? 2   GLN A CD  1 
ATOM   15   O OE1 . GLN A 1 2  ? -2.307  18.481  -4.997  1.00 35.09  ? 2   GLN A OE1 1 
ATOM   16   N NE2 . GLN A 1 2  ? -4.353  18.181  -5.877  1.00 33.65  ? 2   GLN A NE2 1 
ATOM   17   N N   . ILE A 1 3  ? -2.472  13.211  -7.486  1.00 21.02  ? 3   ILE A N   1 
ATOM   18   C CA  . ILE A 1 3  ? -3.468  12.132  -7.521  1.00 18.57  ? 3   ILE A CA  1 
ATOM   19   C C   . ILE A 1 3  ? -4.226  12.005  -6.208  1.00 18.11  ? 3   ILE A C   1 
ATOM   20   O O   . ILE A 1 3  ? -3.627  11.766  -5.156  1.00 17.63  ? 3   ILE A O   1 
ATOM   21   C CB  . ILE A 1 3  ? -2.791  10.780  -7.876  1.00 19.79  ? 3   ILE A CB  1 
ATOM   22   C CG1 . ILE A 1 3  ? -2.095  10.894  -9.237  1.00 21.87  ? 3   ILE A CG1 1 
ATOM   23   C CG2 . ILE A 1 3  ? -3.816  9.653   -7.907  1.00 19.51  ? 3   ILE A CG2 1 
ATOM   24   C CD1 . ILE A 1 3  ? -1.314  9.666   -9.649  1.00 22.73  ? 3   ILE A CD1 1 
ATOM   25   N N   . THR A 1 4  ? -5.542  12.208  -6.270  1.00 16.39  ? 4   THR A N   1 
ATOM   26   C CA  . THR A 1 4  ? -6.405  12.090  -5.079  1.00 15.32  ? 4   THR A CA  1 
ATOM   27   C C   . THR A 1 4  ? -6.661  10.608  -4.848  1.00 15.71  ? 4   THR A C   1 
ATOM   28   O O   . THR A 1 4  ? -6.457  9.791   -5.748  1.00 18.40  ? 4   THR A O   1 
ATOM   29   C CB  . THR A 1 4  ? -7.750  12.843  -5.242  1.00 15.17  ? 4   THR A CB  1 
ATOM   30   O OG1 . THR A 1 4  ? -8.392  12.432  -6.455  1.00 15.17  ? 4   THR A OG1 1 
ATOM   31   C CG2 . THR A 1 4  ? -7.522  14.355  -5.257  1.00 12.76  ? 4   THR A CG2 1 
ATOM   32   N N   . LEU A 1 5  ? -7.145  10.258  -3.666  1.00 14.56  ? 5   LEU A N   1 
ATOM   33   C CA  . LEU A 1 5  ? -7.356  8.842   -3.349  1.00 17.01  ? 5   LEU A CA  1 
ATOM   34   C C   . LEU A 1 5  ? -8.792  8.326   -3.267  1.00 18.22  ? 5   LEU A C   1 
ATOM   35   O O   . LEU A 1 5  ? -9.057  7.336   -2.580  1.00 16.99  ? 5   LEU A O   1 
ATOM   36   C CB  . LEU A 1 5  ? -6.573  8.501   -2.077  1.00 14.91  ? 5   LEU A CB  1 
ATOM   37   C CG  . LEU A 1 5  ? -5.065  8.755   -2.200  1.00 15.35  ? 5   LEU A CG  1 
ATOM   38   C CD1 . LEU A 1 5  ? -4.402  8.692   -0.841  1.00 14.99  ? 5   LEU A CD1 1 
ATOM   39   C CD2 . LEU A 1 5  ? -4.434  7.755   -3.161  1.00 16.51  ? 5   LEU A CD2 1 
ATOM   40   N N   . TRP A 1 6  ? -9.715  8.979   -3.976  1.00 20.42  ? 6   TRP A N   1 
ATOM   41   C CA  . TRP A 1 6  ? -11.128 8.550   -3.980  1.00 21.17  ? 6   TRP A CA  1 
ATOM   42   C C   . TRP A 1 6  ? -11.242 7.222   -4.712  1.00 20.77  ? 6   TRP A C   1 
ATOM   43   O O   . TRP A 1 6  ? -12.082 6.388   -4.384  1.00 21.99  ? 6   TRP A O   1 
ATOM   44   C CB  . TRP A 1 6  ? -12.018 9.608   -4.638  1.00 23.67  ? 6   TRP A CB  1 
ATOM   45   C CG  . TRP A 1 6  ? -11.988 10.907  -3.908  1.00 25.29  ? 6   TRP A CG  1 
ATOM   46   C CD1 . TRP A 1 6  ? -11.344 12.049  -4.290  1.00 27.87  ? 6   TRP A CD1 1 
ATOM   47   C CD2 . TRP A 1 6  ? -12.568 11.180  -2.631  1.00 26.38  ? 6   TRP A CD2 1 
ATOM   48   N NE1 . TRP A 1 6  ? -11.480 13.017  -3.321  1.00 29.21  ? 6   TRP A NE1 1 
ATOM   49   C CE2 . TRP A 1 6  ? -12.227 12.510  -2.292  1.00 28.29  ? 6   TRP A CE2 1 
ATOM   50   C CE3 . TRP A 1 6  ? -13.343 10.432  -1.734  1.00 27.80  ? 6   TRP A CE3 1 
ATOM   51   C CZ2 . TRP A 1 6  ? -12.632 13.106  -1.094  1.00 29.19  ? 6   TRP A CZ2 1 
ATOM   52   C CZ3 . TRP A 1 6  ? -13.746 11.025  -0.543  1.00 29.47  ? 6   TRP A CZ3 1 
ATOM   53   C CH2 . TRP A 1 6  ? -13.388 12.350  -0.234  1.00 30.98  ? 6   TRP A CH2 1 
ATOM   54   N N   . LYS A 1 7  ? -10.385 7.045   -5.711  1.00 19.33  ? 7   LYS A N   1 
ATOM   55   C CA  . LYS A 1 7  ? -10.330 5.803   -6.491  1.00 20.38  ? 7   LYS A CA  1 
ATOM   56   C C   . LYS A 1 7  ? -8.938  5.229   -6.255  1.00 19.90  ? 7   LYS A C   1 
ATOM   57   O O   . LYS A 1 7  ? -8.075  5.911   -5.693  1.00 18.96  ? 7   LYS A O   1 
ATOM   58   C CB  . LYS A 1 7  ? -10.513 6.091   -7.981  0.50 19.88  ? 7   LYS A CB  1 
ATOM   59   C CG  . LYS A 1 7  ? -11.870 6.645   -8.359  0.50 22.14  ? 7   LYS A CG  1 
ATOM   60   C CD  . LYS A 1 7  ? -11.962 6.836   -9.862  0.50 26.10  ? 7   LYS A CD  1 
ATOM   61   C CE  . LYS A 1 7  ? -13.330 7.345   -10.280 0.50 28.01  ? 7   LYS A CE  1 
ATOM   62   N NZ  . LYS A 1 7  ? -13.422 7.498   -11.759 0.50 30.56  ? 7   LYS A NZ  1 
ATOM   63   N N   . ARG A 1 8  ? -8.721  3.980   -6.657  1.00 19.19  ? 8   ARG A N   1 
ATOM   64   C CA  . ARG A 1 8  ? -7.397  3.359   -6.490  1.00 18.89  ? 8   ARG A CA  1 
ATOM   65   C C   . ARG A 1 8  ? -6.422  4.103   -7.387  1.00 17.02  ? 8   ARG A C   1 
ATOM   66   O O   . ARG A 1 8  ? -6.736  4.398   -8.541  1.00 17.41  ? 8   ARG A O   1 
ATOM   67   C CB  . ARG A 1 8  ? -7.423  1.885   -6.888  1.00 20.45  ? 8   ARG A CB  1 
ATOM   68   C CG  . ARG A 1 8  ? -8.303  1.028   -6.022  1.00 25.00  ? 8   ARG A CG  1 
ATOM   69   C CD  . ARG A 1 8  ? -8.135  -0.427  -6.374  1.00 31.61  ? 8   ARG A CD  1 
ATOM   70   N NE  . ARG A 1 8  ? -9.246  -1.226  -5.845  1.00 39.98  ? 8   ARG A NE  1 
ATOM   71   C CZ  . ARG A 1 8  ? -9.133  -2.477  -5.417  1.00 43.57  ? 8   ARG A CZ  1 
ATOM   72   N NH1 . ARG A 1 8  ? -7.957  -3.089  -5.446  1.00 46.11  ? 8   ARG A NH1 1 
ATOM   73   N NH2 . ARG A 1 8  ? -10.201 -3.119  -4.966  1.00 46.08  ? 8   ARG A NH2 1 
ATOM   74   N N   . PRO A 1 9  ? -5.245  4.462   -6.856  1.00 15.01  ? 9   PRO A N   1 
ATOM   75   C CA  . PRO A 1 9  ? -4.251  5.183   -7.655  1.00 13.31  ? 9   PRO A CA  1 
ATOM   76   C C   . PRO A 1 9  ? -3.593  4.304   -8.714  1.00 13.66  ? 9   PRO A C   1 
ATOM   77   O O   . PRO A 1 9  ? -2.399  4.022   -8.654  1.00 13.18  ? 9   PRO A O   1 
ATOM   78   C CB  . PRO A 1 9  ? -3.259  5.675   -6.600  1.00 13.48  ? 9   PRO A CB  1 
ATOM   79   C CG  . PRO A 1 9  ? -3.347  4.617   -5.535  1.00 12.96  ? 9   PRO A CG  1 
ATOM   80   C CD  . PRO A 1 9  ? -4.822  4.346   -5.449  1.00 12.23  ? 9   PRO A CD  1 
ATOM   81   N N   . LEU A 1 10 ? -4.399  3.864   -9.677  1.00 15.15  ? 10  LEU A N   1 
ATOM   82   C CA  . LEU A 1 10 ? -3.922  3.019   -10.781 1.00 16.78  ? 10  LEU A CA  1 
ATOM   83   C C   . LEU A 1 10 ? -3.443  3.872   -11.946 1.00 18.61  ? 10  LEU A C   1 
ATOM   84   O O   . LEU A 1 10 ? -4.172  4.737   -12.434 1.00 20.89  ? 10  LEU A O   1 
ATOM   85   C CB  . LEU A 1 10 ? -5.037  2.091   -11.267 1.00 18.65  ? 10  LEU A CB  1 
ATOM   86   C CG  . LEU A 1 10 ? -5.452  0.911   -10.389 1.00 20.84  ? 10  LEU A CG  1 
ATOM   87   C CD1 . LEU A 1 10 ? -6.735  0.303   -10.930 1.00 22.52  ? 10  LEU A CD1 1 
ATOM   88   C CD2 . LEU A 1 10 ? -4.344  -0.129  -10.346 1.00 17.82  ? 10  LEU A CD2 1 
ATOM   89   N N   . VAL A 1 11 ? -2.210  3.633   -12.378 1.00 16.56  ? 11  VAL A N   1 
ATOM   90   C CA  . VAL A 1 11 ? -1.626  4.370   -13.505 1.00 16.67  ? 11  VAL A CA  1 
ATOM   91   C C   . VAL A 1 11 ? -1.068  3.392   -14.531 1.00 17.56  ? 11  VAL A C   1 
ATOM   92   O O   . VAL A 1 11 ? -0.882  2.208   -14.242 1.00 17.21  ? 11  VAL A O   1 
ATOM   93   C CB  . VAL A 1 11 ? -0.500  5.322   -13.042 1.00 17.21  ? 11  VAL A CB  1 
ATOM   94   C CG1 . VAL A 1 11 ? -1.050  6.337   -12.048 1.00 15.12  ? 11  VAL A CG1 1 
ATOM   95   C CG2 . VAL A 1 11 ? 0.648   4.531   -12.424 1.00 16.16  ? 11  VAL A CG2 1 
ATOM   96   N N   . THR A 1 12 ? -0.827  3.886   -15.738 1.00 19.58  ? 12  THR A N   1 
ATOM   97   C CA  . THR A 1 12 ? -0.284  3.049   -16.811 1.00 20.67  ? 12  THR A CA  1 
ATOM   98   C C   . THR A 1 12 ? 1.238   3.081   -16.784 1.00 20.32  ? 12  THR A C   1 
ATOM   99   O O   . THR A 1 12 ? 1.849   4.150   -16.733 1.00 21.69  ? 12  THR A O   1 
ATOM   100  C CB  . THR A 1 12 ? -0.779  3.517   -18.202 1.00 23.13  ? 12  THR A CB  1 
ATOM   101  O OG1 . THR A 1 12 ? -2.211  3.569   -18.209 1.00 24.61  ? 12  THR A OG1 1 
ATOM   102  C CG2 . THR A 1 12 ? -0.322  2.551   -19.282 1.00 24.50  ? 12  THR A CG2 1 
ATOM   103  N N   . ILE A 1 13 ? 1.844   1.901   -16.762 1.00 18.13  ? 13  ILE A N   1 
ATOM   104  C CA  . ILE A 1 13 ? 3.305   1.790   -16.759 1.00 19.55  ? 13  ILE A CA  1 
ATOM   105  C C   . ILE A 1 13 ? 3.726   1.063   -18.021 1.00 21.50  ? 13  ILE A C   1 
ATOM   106  O O   . ILE A 1 13 ? 2.912   0.420   -18.680 1.00 21.41  ? 13  ILE A O   1 
ATOM   107  C CB  . ILE A 1 13 ? 3.844   1.004   -15.530 1.00 19.98  ? 13  ILE A CB  1 
ATOM   108  C CG1 . ILE A 1 13 ? 3.422   -0.465  -15.605 1.00 17.13  ? 13  ILE A CG1 1 
ATOM   109  C CG2 . ILE A 1 13 ? 3.376   1.656   -14.230 1.00 14.77  ? 13  ILE A CG2 1 
ATOM   110  C CD1 . ILE A 1 13 ? 4.050   -1.339  -14.547 1.00 18.47  ? 13  ILE A CD1 1 
ATOM   111  N N   . ARG A 1 14 ? 5.002   1.181   -18.360 1.00 24.69  ? 14  ARG A N   1 
ATOM   112  C CA  . ARG A 1 14 ? 5.545   0.520   -19.547 1.00 29.10  ? 14  ARG A CA  1 
ATOM   113  C C   . ARG A 1 14 ? 6.755   -0.282  -19.099 1.00 28.36  ? 14  ARG A C   1 
ATOM   114  O O   . ARG A 1 14 ? 7.709   0.269   -18.554 1.00 28.71  ? 14  ARG A O   1 
ATOM   115  C CB  . ARG A 1 14 ? 5.929   1.560   -20.598 1.00 32.48  ? 14  ARG A CB  1 
ATOM   116  C CG  . ARG A 1 14 ? 6.365   0.982   -21.924 1.00 39.95  ? 14  ARG A CG  1 
ATOM   117  C CD  . ARG A 1 14 ? 6.615   2.093   -22.928 1.00 47.49  ? 14  ARG A CD  1 
ATOM   118  N NE  . ARG A 1 14 ? 7.520   1.675   -24.011 1.00 55.88  ? 14  ARG A NE  1 
ATOM   119  C CZ  . ARG A 1 14 ? 8.784   1.297   -23.834 1.00 58.63  ? 14  ARG A CZ  1 
ATOM   120  N NH1 . ARG A 1 14 ? 9.320   1.273   -22.619 1.00 60.80  ? 14  ARG A NH1 1 
ATOM   121  N NH2 . ARG A 1 14 ? 9.522   0.953   -24.880 1.00 61.64  ? 14  ARG A NH2 1 
ATOM   122  N N   . ILE A 1 15 ? 6.678   -1.596  -19.274 1.00 30.17  ? 15  ILE A N   1 
ATOM   123  C CA  . ILE A 1 15 ? 7.763   -2.498  -18.876 1.00 32.08  ? 15  ILE A CA  1 
ATOM   124  C C   . ILE A 1 15 ? 7.904   -3.626  -19.894 1.00 35.28  ? 15  ILE A C   1 
ATOM   125  O O   . ILE A 1 15 ? 6.915   -4.252  -20.285 1.00 35.81  ? 15  ILE A O   1 
ATOM   126  C CB  . ILE A 1 15 ? 7.515   -3.067  -17.453 1.00 31.56  ? 15  ILE A CB  1 
ATOM   127  C CG1 . ILE A 1 15 ? 8.667   -3.987  -17.039 1.00 32.28  ? 15  ILE A CG1 1 
ATOM   128  C CG2 . ILE A 1 15 ? 6.164   -3.772  -17.386 1.00 28.96  ? 15  ILE A CG2 1 
ATOM   129  C CD1 . ILE A 1 15 ? 8.633   -4.397  -15.581 1.00 32.72  ? 15  ILE A CD1 1 
ATOM   130  N N   . GLY A 1 16 ? 9.138   -3.850  -20.343 1.00 38.51  ? 16  GLY A N   1 
ATOM   131  C CA  . GLY A 1 16 ? 9.413   -4.885  -21.328 1.00 40.16  ? 16  GLY A CA  1 
ATOM   132  C C   . GLY A 1 16 ? 8.716   -4.621  -22.653 1.00 39.17  ? 16  GLY A C   1 
ATOM   133  O O   . GLY A 1 16 ? 8.364   -5.552  -23.373 1.00 41.19  ? 16  GLY A O   1 
ATOM   134  N N   . GLY A 1 17 ? 8.524   -3.345  -22.975 1.00 37.04  ? 17  GLY A N   1 
ATOM   135  C CA  . GLY A 1 17 ? 7.852   -2.981  -24.208 1.00 34.91  ? 17  GLY A CA  1 
ATOM   136  C C   . GLY A 1 17 ? 6.343   -3.055  -24.065 1.00 35.04  ? 17  GLY A C   1 
ATOM   137  O O   . GLY A 1 17 ? 5.613   -2.577  -24.929 1.00 35.78  ? 17  GLY A O   1 
ATOM   138  N N   . GLN A 1 18 ? 5.876   -3.638  -22.962 1.00 34.36  ? 18  GLN A N   1 
ATOM   139  C CA  . GLN A 1 18 ? 4.434   -3.782  -22.699 1.00 35.14  ? 18  GLN A CA  1 
ATOM   140  C C   . GLN A 1 18 ? 3.856   -2.705  -21.791 1.00 32.59  ? 18  GLN A C   1 
ATOM   141  O O   . GLN A 1 18 ? 4.497   -2.268  -20.837 1.00 33.43  ? 18  GLN A O   1 
ATOM   142  C CB  . GLN A 1 18 ? 4.136   -5.134  -22.052 1.00 39.25  ? 18  GLN A CB  1 
ATOM   143  C CG  . GLN A 1 18 ? 4.448   -6.345  -22.896 1.00 46.54  ? 18  GLN A CG  1 
ATOM   144  C CD  . GLN A 1 18 ? 3.965   -7.631  -22.246 1.00 51.31  ? 18  GLN A CD  1 
ATOM   145  O OE1 . GLN A 1 18 ? 3.852   -7.725  -21.022 1.00 52.15  ? 18  GLN A OE1 1 
ATOM   146  N NE2 . GLN A 1 18 ? 3.673   -8.631  -23.069 1.00 55.11  ? 18  GLN A NE2 1 
ATOM   147  N N   . LEU A 1 19 ? 2.620   -2.314  -22.077 1.00 29.96  ? 19  LEU A N   1 
ATOM   148  C CA  . LEU A 1 19 ? 1.916   -1.319  -21.264 1.00 29.69  ? 19  LEU A CA  1 
ATOM   149  C C   . LEU A 1 19 ? 1.050   -2.084  -20.273 1.00 28.81  ? 19  LEU A C   1 
ATOM   150  O O   . LEU A 1 19 ? 0.372   -3.042  -20.644 1.00 29.67  ? 19  LEU A O   1 
ATOM   151  C CB  . LEU A 1 19 ? 1.033   -0.426  -22.139 1.00 30.68  ? 19  LEU A CB  1 
ATOM   152  C CG  . LEU A 1 19 ? 1.733   0.504   -23.129 1.00 31.30  ? 19  LEU A CG  1 
ATOM   153  C CD1 . LEU A 1 19 ? 0.686   1.292   -23.899 1.00 31.81  ? 19  LEU A CD1 1 
ATOM   154  C CD2 . LEU A 1 19 ? 2.675   1.445   -22.393 1.00 30.59  ? 19  LEU A CD2 1 
ATOM   155  N N   . LYS A 1 20 ? 1.114   -1.691  -19.005 1.00 26.70  ? 20  LYS A N   1 
ATOM   156  C CA  . LYS A 1 20 ? 0.327   -2.350  -17.953 1.00 25.05  ? 20  LYS A CA  1 
ATOM   157  C C   . LYS A 1 20 ? -0.213  -1.323  -16.973 1.00 23.83  ? 20  LYS A C   1 
ATOM   158  O O   . LYS A 1 20 ? 0.230   -0.176  -16.958 1.00 25.09  ? 20  LYS A O   1 
ATOM   159  C CB  A LYS A 1 20 ? 1.194   -3.357  -17.189 0.50 25.40  ? 20  LYS A CB  1 
ATOM   160  C CB  B LYS A 1 20 ? 1.175   -3.381  -17.204 0.50 25.19  ? 20  LYS A CB  1 
ATOM   161  C CG  A LYS A 1 20 ? 1.798   -4.459  -18.044 0.50 26.55  ? 20  LYS A CG  1 
ATOM   162  C CG  B LYS A 1 20 ? 1.698   -4.511  -18.075 0.50 26.13  ? 20  LYS A CG  1 
ATOM   163  C CD  A LYS A 1 20 ? 1.412   -5.831  -17.522 0.50 28.94  ? 20  LYS A CD  1 
ATOM   164  C CD  B LYS A 1 20 ? 1.738   -5.820  -17.311 0.50 28.24  ? 20  LYS A CD  1 
ATOM   165  C CE  A LYS A 1 20 ? 1.977   -6.939  -18.397 0.50 29.22  ? 20  LYS A CE  1 
ATOM   166  C CE  B LYS A 1 20 ? 2.234   -6.956  -18.188 0.50 28.27  ? 20  LYS A CE  1 
ATOM   167  N NZ  A LYS A 1 20 ? 1.478   -6.853  -19.800 0.50 29.19  ? 20  LYS A NZ  1 
ATOM   168  N NZ  B LYS A 1 20 ? 2.223   -8.255  -17.462 0.50 27.92  ? 20  LYS A NZ  1 
ATOM   169  N N   . GLU A 1 21 ? -1.205  -1.732  -16.190 1.00 22.03  ? 21  GLU A N   1 
ATOM   170  C CA  . GLU A 1 21 ? -1.795  -0.861  -15.169 1.00 21.62  ? 21  GLU A CA  1 
ATOM   171  C C   . GLU A 1 21 ? -1.223  -1.301  -13.829 1.00 19.60  ? 21  GLU A C   1 
ATOM   172  O O   . GLU A 1 21 ? -1.190  -2.494  -13.525 1.00 20.55  ? 21  GLU A O   1 
ATOM   173  C CB  A GLU A 1 21 ? -3.321  -0.991  -15.179 0.50 22.33  ? 21  GLU A CB  1 
ATOM   174  C CB  B GLU A 1 21 ? -3.319  -1.004  -15.132 0.50 22.21  ? 21  GLU A CB  1 
ATOM   175  C CG  A GLU A 1 21 ? -4.065  0.343   -15.225 0.50 26.03  ? 21  GLU A CG  1 
ATOM   176  C CG  B GLU A 1 21 ? -4.087  0.130   -15.796 0.50 25.27  ? 21  GLU A CG  1 
ATOM   177  C CD  A GLU A 1 21 ? -3.967  1.063   -16.571 0.50 26.47  ? 21  GLU A CD  1 
ATOM   178  C CD  B GLU A 1 21 ? -5.513  0.262   -15.274 0.50 26.54  ? 21  GLU A CD  1 
ATOM   179  O OE1 A GLU A 1 21 ? -3.067  0.754   -17.383 0.50 27.13  ? 21  GLU A OE1 1 
ATOM   180  O OE1 B GLU A 1 21 ? -6.114  -0.763  -14.880 0.50 26.32  ? 21  GLU A OE1 1 
ATOM   181  O OE2 A GLU A 1 21 ? -4.805  1.954   -16.816 0.50 29.36  ? 21  GLU A OE2 1 
ATOM   182  O OE2 B GLU A 1 21 ? -6.032  1.399   -15.248 0.50 27.82  ? 21  GLU A OE2 1 
ATOM   183  N N   . ALA A 1 22 ? -0.746  -0.347  -13.041 1.00 16.45  ? 22  ALA A N   1 
ATOM   184  C CA  . ALA A 1 22 ? -0.168  -0.675  -11.735 1.00 14.08  ? 22  ALA A CA  1 
ATOM   185  C C   . ALA A 1 22 ? -0.657  0.271   -10.657 1.00 14.33  ? 22  ALA A C   1 
ATOM   186  O O   . ALA A 1 22 ? -1.016  1.417   -10.927 1.00 13.99  ? 22  ALA A O   1 
ATOM   187  C CB  . ALA A 1 22 ? 1.346   -0.660  -11.804 1.00 12.42  ? 22  ALA A CB  1 
ATOM   188  N N   . LEU A 1 23 ? -0.668  -0.232  -9.431  1.00 13.27  ? 23  LEU A N   1 
ATOM   189  C CA  . LEU A 1 23 ? -1.117  0.532   -8.264  1.00 12.58  ? 23  LEU A CA  1 
ATOM   190  C C   . LEU A 1 23 ? 0.059   1.238   -7.592  1.00 12.78  ? 23  LEU A C   1 
ATOM   191  O O   . LEU A 1 23 ? 1.069   0.604   -7.287  1.00 12.97  ? 23  LEU A O   1 
ATOM   192  C CB  . LEU A 1 23 ? -1.773  -0.429  -7.267  1.00 13.75  ? 23  LEU A CB  1 
ATOM   193  C CG  . LEU A 1 23 ? -2.430  0.093   -5.988  1.00 16.08  ? 23  LEU A CG  1 
ATOM   194  C CD1 . LEU A 1 23 ? -3.733  0.800   -6.328  1.00 16.42  ? 23  LEU A CD1 1 
ATOM   195  C CD2 . LEU A 1 23 ? -2.706  -1.078  -5.050  1.00 16.49  ? 23  LEU A CD2 1 
ATOM   196  N N   . LEU A 1 24 ? -0.051  2.552   -7.407  1.00 11.25  ? 24  LEU A N   1 
ATOM   197  C CA  . LEU A 1 24 ? 1.008   3.317   -6.724  1.00 9.73   ? 24  LEU A CA  1 
ATOM   198  C C   . LEU A 1 24 ? 0.770   3.020   -5.248  1.00 10.39  ? 24  LEU A C   1 
ATOM   199  O O   . LEU A 1 24 ? -0.147  3.551   -4.625  1.00 9.24   ? 24  LEU A O   1 
ATOM   200  C CB  . LEU A 1 24 ? 0.884   4.811   -7.020  1.00 11.39  ? 24  LEU A CB  1 
ATOM   201  C CG  . LEU A 1 24 ? 1.025   5.182   -8.500  1.00 12.67  ? 24  LEU A CG  1 
ATOM   202  C CD1 . LEU A 1 24 ? 0.985   6.691   -8.648  1.00 14.64  ? 24  LEU A CD1 1 
ATOM   203  C CD2 . LEU A 1 24 ? 2.331   4.631   -9.060  1.00 11.96  ? 24  LEU A CD2 1 
ATOM   204  N N   . ASP A 1 25 ? 1.596   2.127   -4.716  1.00 10.00  ? 25  ASP A N   1 
ATOM   205  C CA  . ASP A 1 25 ? 1.468   1.647   -3.338  1.00 9.95   ? 25  ASP A CA  1 
ATOM   206  C C   . ASP A 1 25 ? 2.545   2.170   -2.391  1.00 9.37   ? 25  ASP A C   1 
ATOM   207  O O   . ASP A 1 25 ? 3.687   1.720   -2.435  1.00 12.42  ? 25  ASP A O   1 
ATOM   208  C CB  . ASP A 1 25 ? 1.517   0.118   -3.390  1.00 10.06  ? 25  ASP A CB  1 
ATOM   209  C CG  . ASP A 1 25 ? 0.912   -0.538  -2.180  1.00 10.09  ? 25  ASP A CG  1 
ATOM   210  O OD1 . ASP A 1 25 ? 0.869   0.083   -1.099  1.00 11.41  ? 25  ASP A OD1 1 
ATOM   211  O OD2 . ASP A 1 25 ? 0.483   -1.697  -2.322  1.00 12.45  ? 25  ASP A OD2 1 
ATOM   212  N N   . THR A 1 26 ? 2.171   3.090   -1.507  1.00 8.78   ? 26  THR A N   1 
ATOM   213  C CA  . THR A 1 26 ? 3.128   3.655   -0.542  1.00 7.73   ? 26  THR A CA  1 
ATOM   214  C C   . THR A 1 26 ? 3.406   2.704   0.624   1.00 8.46   ? 26  THR A C   1 
ATOM   215  O O   . THR A 1 26 ? 4.379   2.882   1.355   1.00 10.30  ? 26  THR A O   1 
ATOM   216  C CB  . THR A 1 26 ? 2.652   5.015   0.007   1.00 9.54   ? 26  THR A CB  1 
ATOM   217  O OG1 . THR A 1 26 ? 1.400   4.851   0.685   1.00 8.26   ? 26  THR A OG1 1 
ATOM   218  C CG2 . THR A 1 26 ? 2.492   6.019   -1.120  1.00 7.99   ? 26  THR A CG2 1 
ATOM   219  N N   . GLY A 1 27 ? 2.557   1.692   0.779   1.00 8.19   ? 27  GLY A N   1 
ATOM   220  C CA  . GLY A 1 27 ? 2.728   0.722   1.850   1.00 8.83   ? 27  GLY A CA  1 
ATOM   221  C C   . GLY A 1 27 ? 3.545   -0.494  1.449   1.00 8.71   ? 27  GLY A C   1 
ATOM   222  O O   . GLY A 1 27 ? 3.756   -1.403  2.254   1.00 10.00  ? 27  GLY A O   1 
ATOM   223  N N   . ALA A 1 28 ? 3.976   -0.524  0.192   1.00 8.17   ? 28  ALA A N   1 
ATOM   224  C CA  . ALA A 1 28 ? 4.779   -1.632  -0.329  1.00 8.60   ? 28  ALA A CA  1 
ATOM   225  C C   . ALA A 1 28 ? 6.236   -1.195  -0.424  1.00 11.16  ? 28  ALA A C   1 
ATOM   226  O O   . ALA A 1 28 ? 6.544   -0.177  -1.052  1.00 10.29  ? 28  ALA A O   1 
ATOM   227  C CB  . ALA A 1 28 ? 4.270   -2.046  -1.695  1.00 7.39   ? 28  ALA A CB  1 
ATOM   228  N N   . ASP A 1 29 ? 7.126   -1.950  0.216   1.00 11.33  ? 29  ASP A N   1 
ATOM   229  C CA  . ASP A 1 29 ? 8.563   -1.635  0.181   1.00 13.32  ? 29  ASP A CA  1 
ATOM   230  C C   . ASP A 1 29 ? 9.103   -1.822  -1.230  1.00 12.52  ? 29  ASP A C   1 
ATOM   231  O O   . ASP A 1 29 ? 9.921   -1.033  -1.703  1.00 11.95  ? 29  ASP A O   1 
ATOM   232  C CB  . ASP A 1 29 ? 9.355   -2.564  1.111   1.00 15.13  ? 29  ASP A CB  1 
ATOM   233  C CG  . ASP A 1 29 ? 8.945   -2.442  2.563   1.00 17.63  ? 29  ASP A CG  1 
ATOM   234  O OD1 . ASP A 1 29 ? 8.670   -1.317  3.031   1.00 18.05  ? 29  ASP A OD1 1 
ATOM   235  O OD2 . ASP A 1 29 ? 8.910   -3.487  3.241   1.00 21.63  ? 29  ASP A OD2 1 
ATOM   236  N N   . ASP A 1 30 ? 8.630   -2.873  -1.892  1.00 12.70  ? 30  ASP A N   1 
ATOM   237  C CA  . ASP A 1 30 ? 9.086   -3.206  -3.246  1.00 12.90  ? 30  ASP A CA  1 
ATOM   238  C C   . ASP A 1 30 ? 7.997   -3.209  -4.305  1.00 12.48  ? 30  ASP A C   1 
ATOM   239  O O   . ASP A 1 30 ? 6.806   -3.079  -4.011  1.00 13.36  ? 30  ASP A O   1 
ATOM   240  C CB  . ASP A 1 30 ? 9.794   -4.562  -3.231  1.00 16.09  ? 30  ASP A CB  1 
ATOM   241  C CG  . ASP A 1 30 ? 10.923  -4.616  -2.220  1.00 20.64  ? 30  ASP A CG  1 
ATOM   242  O OD1 . ASP A 1 30 ? 11.910  -3.859  -2.380  1.00 26.11  ? 30  ASP A OD1 1 
ATOM   243  O OD2 . ASP A 1 30 ? 10.815  -5.408  -1.258  1.00 23.46  ? 30  ASP A OD2 1 
ATOM   244  N N   . THR A 1 31 ? 8.444   -3.358  -5.544  1.00 11.60  ? 31  THR A N   1 
ATOM   245  C CA  . THR A 1 31 ? 7.585   -3.384  -6.730  1.00 11.42  ? 31  THR A CA  1 
ATOM   246  C C   . THR A 1 31 ? 7.365   -4.830  -7.163  1.00 12.97  ? 31  THR A C   1 
ATOM   247  O O   . THR A 1 31 ? 8.328   -5.558  -7.410  1.00 13.86  ? 31  THR A O   1 
ATOM   248  C CB  . THR A 1 31 ? 8.261   -2.599  -7.875  1.00 11.39  ? 31  THR A CB  1 
ATOM   249  O OG1 . THR A 1 31 ? 8.366   -1.217  -7.501  1.00 13.20  ? 31  THR A OG1 1 
ATOM   250  C CG2 . THR A 1 31 ? 7.486   -2.730  -9.181  1.00 10.90  ? 31  THR A CG2 1 
ATOM   251  N N   . VAL A 1 32 ? 6.103   -5.248  -7.227  1.00 11.96  ? 32  VAL A N   1 
ATOM   252  C CA  . VAL A 1 32 ? 5.759   -6.621  -7.635  1.00 13.07  ? 32  VAL A CA  1 
ATOM   253  C C   . VAL A 1 32 ? 4.765   -6.593  -8.797  1.00 13.30  ? 32  VAL A C   1 
ATOM   254  O O   . VAL A 1 32 ? 3.689   -6.004  -8.701  1.00 13.76  ? 32  VAL A O   1 
ATOM   255  C CB  A VAL A 1 32 ? 5.125   -7.417  -6.470  0.50 12.40  ? 32  VAL A CB  1 
ATOM   256  C CB  B VAL A 1 32 ? 5.216   -7.455  -6.440  0.50 12.36  ? 32  VAL A CB  1 
ATOM   257  C CG1 A VAL A 1 32 ? 4.996   -8.889  -6.843  0.50 13.41  ? 32  VAL A CG1 1 
ATOM   258  C CG1 B VAL A 1 32 ? 4.014   -6.784  -5.813  0.50 12.48  ? 32  VAL A CG1 1 
ATOM   259  C CG2 A VAL A 1 32 ? 5.952   -7.265  -5.216  0.50 13.34  ? 32  VAL A CG2 1 
ATOM   260  C CG2 B VAL A 1 32 ? 4.882   -8.873  -6.886  0.50 13.42  ? 32  VAL A CG2 1 
ATOM   261  N N   . ILE A 1 33 ? 5.167   -7.207  -9.907  1.00 14.68  ? 33  ILE A N   1 
ATOM   262  C CA  . ILE A 1 33 ? 4.350   -7.266  -11.130 1.00 16.02  ? 33  ILE A CA  1 
ATOM   263  C C   . ILE A 1 33 ? 3.851   -8.692  -11.375 1.00 17.64  ? 33  ILE A C   1 
ATOM   264  O O   . ILE A 1 33 ? 4.511   -9.662  -11.005 1.00 16.45  ? 33  ILE A O   1 
ATOM   265  C CB  A ILE A 1 33 ? 5.205   -6.837  -12.359 0.50 15.77  ? 33  ILE A CB  1 
ATOM   266  C CB  B ILE A 1 33 ? 5.115   -6.750  -12.374 0.50 16.83  ? 33  ILE A CB  1 
ATOM   267  C CG1 A ILE A 1 33 ? 5.787   -5.433  -12.145 0.50 15.84  ? 33  ILE A CG1 1 
ATOM   268  C CG1 B ILE A 1 33 ? 6.289   -7.668  -12.709 0.50 17.06  ? 33  ILE A CG1 1 
ATOM   269  C CG2 A ILE A 1 33 ? 4.392   -6.908  -13.650 0.50 15.17  ? 33  ILE A CG2 1 
ATOM   270  C CG2 B ILE A 1 33 ? 5.598   -5.321  -12.135 0.50 17.75  ? 33  ILE A CG2 1 
ATOM   271  C CD1 A ILE A 1 33 ? 4.751   -4.333  -12.011 0.50 13.52  ? 33  ILE A CD1 1 
ATOM   272  C CD1 B ILE A 1 33 ? 6.928   -7.365  -14.045 0.50 14.99  ? 33  ILE A CD1 1 
ATOM   273  N N   . GLU A 1 34 ? 2.682   -8.810  -11.995 1.00 19.62  ? 34  GLU A N   1 
ATOM   274  C CA  . GLU A 1 34 ? 2.090   -10.119 -12.302 1.00 21.37  ? 34  GLU A CA  1 
ATOM   275  C C   . GLU A 1 34 ? 3.017   -10.907 -13.220 1.00 22.21  ? 34  GLU A C   1 
ATOM   276  O O   . GLU A 1 34 ? 3.794   -10.326 -13.982 1.00 21.29  ? 34  GLU A O   1 
ATOM   277  C CB  A GLU A 1 34 ? 0.730   -9.933  -12.978 0.50 23.92  ? 34  GLU A CB  1 
ATOM   278  C CB  B GLU A 1 34 ? 0.711   -9.939  -12.942 0.50 24.48  ? 34  GLU A CB  1 
ATOM   279  C CG  A GLU A 1 34 ? 0.784   -9.147  -14.290 0.50 25.87  ? 34  GLU A CG  1 
ATOM   280  C CG  B GLU A 1 34 ? -0.285  -9.217  -12.032 0.50 27.61  ? 34  GLU A CG  1 
ATOM   281  C CD  A GLU A 1 34 ? -0.583  -8.683  -14.770 0.50 28.06  ? 34  GLU A CD  1 
ATOM   282  C CD  B GLU A 1 34 ? -1.616  -8.926  -12.704 0.50 29.12  ? 34  GLU A CD  1 
ATOM   283  O OE1 A GLU A 1 34 ? -1.584  -8.880  -14.046 0.50 30.49  ? 34  GLU A OE1 1 
ATOM   284  O OE1 B GLU A 1 34 ? -1.618  -8.358  -13.817 0.50 31.84  ? 34  GLU A OE1 1 
ATOM   285  O OE2 A GLU A 1 34 ? -0.654  -8.105  -15.874 0.50 29.10  ? 34  GLU A OE2 1 
ATOM   286  O OE2 B GLU A 1 34 ? -2.664  -9.252  -12.108 0.50 31.14  ? 34  GLU A OE2 1 
ATOM   287  N N   . GLU A 1 35 ? 2.949   -12.230 -13.126 1.00 23.48  ? 35  GLU A N   1 
ATOM   288  C CA  . GLU A 1 35 ? 3.807   -13.102 -13.942 1.00 27.79  ? 35  GLU A CA  1 
ATOM   289  C C   . GLU A 1 35 ? 3.885   -12.713 -15.417 1.00 28.14  ? 35  GLU A C   1 
ATOM   290  O O   . GLU A 1 35 ? 2.870   -12.495 -16.080 1.00 29.79  ? 35  GLU A O   1 
ATOM   291  C CB  A GLU A 1 35 ? 3.394   -14.574 -13.792 0.50 27.83  ? 35  GLU A CB  1 
ATOM   292  C CB  B GLU A 1 35 ? 3.366   -14.565 -13.810 0.50 28.04  ? 35  GLU A CB  1 
ATOM   293  C CG  A GLU A 1 35 ? 1.894   -14.847 -13.871 0.50 29.04  ? 35  GLU A CG  1 
ATOM   294  C CG  B GLU A 1 35 ? 3.870   -15.282 -12.554 0.50 29.14  ? 35  GLU A CG  1 
ATOM   295  C CD  A GLU A 1 35 ? 1.192   -14.678 -12.535 0.50 29.17  ? 35  GLU A CD  1 
ATOM   296  C CD  B GLU A 1 35 ? 5.350   -15.660 -12.614 0.50 30.40  ? 35  GLU A CD  1 
ATOM   297  O OE1 A GLU A 1 35 ? 1.265   -15.609 -11.706 0.50 29.87  ? 35  GLU A OE1 1 
ATOM   298  O OE1 B GLU A 1 35 ? 5.926   -15.722 -13.725 0.50 30.34  ? 35  GLU A OE1 1 
ATOM   299  O OE2 A GLU A 1 35 ? 0.568   -13.620 -12.316 0.50 28.42  ? 35  GLU A OE2 1 
ATOM   300  O OE2 B GLU A 1 35 ? 5.937   -15.914 -11.541 0.50 30.87  ? 35  GLU A OE2 1 
ATOM   301  N N   . MET A 1 36 ? 5.115   -12.557 -15.893 1.00 29.85  ? 36  MET A N   1 
ATOM   302  C CA  . MET A 1 36 ? 5.397   -12.202 -17.291 1.00 29.95  ? 36  MET A CA  1 
ATOM   303  C C   . MET A 1 36 ? 6.857   -12.522 -17.578 1.00 31.13  ? 36  MET A C   1 
ATOM   304  O O   . MET A 1 36 ? 7.639   -12.784 -16.657 1.00 29.86  ? 36  MET A O   1 
ATOM   305  C CB  . MET A 1 36 ? 5.130   -10.714 -17.550 1.00 30.32  ? 36  MET A CB  1 
ATOM   306  C CG  . MET A 1 36 ? 6.117   -9.764  -16.893 1.00 31.45  ? 36  MET A CG  1 
ATOM   307  S SD  . MET A 1 36 ? 5.781   -8.036  -17.294 1.00 35.33  ? 36  MET A SD  1 
ATOM   308  C CE  . MET A 1 36 ? 6.662   -7.858  -18.848 1.00 32.60  ? 36  MET A CE  1 
ATOM   309  N N   . ASN A 1 37 ? 7.218   -12.515 -18.857 1.00 31.82  ? 37  ASN A N   1 
ATOM   310  C CA  . ASN A 1 37 ? 8.596   -12.805 -19.265 1.00 31.51  ? 37  ASN A CA  1 
ATOM   311  C C   . ASN A 1 37 ? 9.429   -11.535 -19.321 1.00 29.41  ? 37  ASN A C   1 
ATOM   312  O O   . ASN A 1 37 ? 9.148   -10.631 -20.100 1.00 30.99  ? 37  ASN A O   1 
ATOM   313  C CB  . ASN A 1 37 ? 8.612   -13.511 -20.619 1.00 32.55  ? 37  ASN A CB  1 
ATOM   314  N N   . LEU A 1 38 ? 10.419  -11.448 -18.442 1.00 29.91  ? 38  LEU A N   1 
ATOM   315  C CA  . LEU A 1 38 ? 11.320  -10.291 -18.409 1.00 30.50  ? 38  LEU A CA  1 
ATOM   316  C C   . LEU A 1 38 ? 12.725  -10.765 -18.752 1.00 32.47  ? 38  LEU A C   1 
ATOM   317  O O   . LEU A 1 38 ? 13.157  -11.832 -18.312 1.00 32.81  ? 38  LEU A O   1 
ATOM   318  C CB  . LEU A 1 38 ? 11.315  -9.614  -17.034 1.00 28.46  ? 38  LEU A CB  1 
ATOM   319  C CG  . LEU A 1 38 ? 10.257  -8.544  -16.759 1.00 27.75  ? 38  LEU A CG  1 
ATOM   320  C CD1 . LEU A 1 38 ? 10.509  -7.921  -15.397 1.00 25.63  ? 38  LEU A CD1 1 
ATOM   321  C CD2 . LEU A 1 38 ? 10.309  -7.474  -17.836 1.00 26.70  ? 38  LEU A CD2 1 
ATOM   322  N N   . PRO A 1 39 ? 13.446  -9.988  -19.573 1.00 33.69  ? 39  PRO A N   1 
ATOM   323  C CA  . PRO A 1 39 ? 14.811  -10.340 -19.974 1.00 35.25  ? 39  PRO A CA  1 
ATOM   324  C C   . PRO A 1 39 ? 15.791  -10.371 -18.803 1.00 34.67  ? 39  PRO A C   1 
ATOM   325  O O   . PRO A 1 39 ? 15.618  -9.666  -17.809 1.00 35.46  ? 39  PRO A O   1 
ATOM   326  C CB  . PRO A 1 39 ? 15.176  -9.220  -20.950 1.00 35.70  ? 39  PRO A CB  1 
ATOM   327  C CG  . PRO A 1 39 ? 13.850  -8.792  -21.506 1.00 36.87  ? 39  PRO A CG  1 
ATOM   328  C CD  . PRO A 1 39 ? 12.989  -8.779  -20.276 1.00 34.83  ? 39  PRO A CD  1 
ATOM   329  N N   . GLY A 1 40 ? 16.817  -11.205 -18.929 1.00 35.10  ? 40  GLY A N   1 
ATOM   330  C CA  . GLY A 1 40 ? 17.830  -11.291 -17.898 1.00 33.95  ? 40  GLY A CA  1 
ATOM   331  C C   . GLY A 1 40 ? 17.662  -12.348 -16.832 1.00 33.62  ? 40  GLY A C   1 
ATOM   332  O O   . GLY A 1 40 ? 16.611  -12.976 -16.693 1.00 34.75  ? 40  GLY A O   1 
ATOM   333  N N   . LYS A 1 41 ? 18.739  -12.537 -16.079 1.00 33.33  ? 41  LYS A N   1 
ATOM   334  C CA  . LYS A 1 41 ? 18.776  -13.505 -14.985 1.00 34.11  ? 41  LYS A CA  1 
ATOM   335  C C   . LYS A 1 41 ? 17.915  -13.001 -13.832 1.00 34.44  ? 41  LYS A C   1 
ATOM   336  O O   . LYS A 1 41 ? 17.787  -11.793 -13.616 1.00 34.48  ? 41  LYS A O   1 
ATOM   337  C CB  . LYS A 1 41 ? 20.214  -13.702 -14.517 1.00 35.36  ? 41  LYS A CB  1 
ATOM   338  N N   . TRP A 1 42 ? 17.292  -13.934 -13.126 1.00 32.78  ? 42  TRP A N   1 
ATOM   339  C CA  . TRP A 1 42 ? 16.453  -13.596 -11.974 1.00 31.26  ? 42  TRP A CA  1 
ATOM   340  C C   . TRP A 1 42 ? 16.864  -14.475 -10.801 1.00 31.51  ? 42  TRP A C   1 
ATOM   341  O O   . TRP A 1 42 ? 17.447  -15.546 -10.987 1.00 32.31  ? 42  TRP A O   1 
ATOM   342  C CB  . TRP A 1 42 ? 14.967  -13.778 -12.306 1.00 29.79  ? 42  TRP A CB  1 
ATOM   343  C CG  . TRP A 1 42 ? 14.602  -15.151 -12.780 1.00 29.44  ? 42  TRP A CG  1 
ATOM   344  C CD1 . TRP A 1 42 ? 14.546  -15.581 -14.073 1.00 30.31  ? 42  TRP A CD1 1 
ATOM   345  C CD2 . TRP A 1 42 ? 14.230  -16.273 -11.967 1.00 29.30  ? 42  TRP A CD2 1 
ATOM   346  N NE1 . TRP A 1 42 ? 14.162  -16.900 -14.118 1.00 30.65  ? 42  TRP A NE1 1 
ATOM   347  C CE2 . TRP A 1 42 ? 13.962  -17.350 -12.839 1.00 29.35  ? 42  TRP A CE2 1 
ATOM   348  C CE3 . TRP A 1 42 ? 14.099  -16.472 -10.584 1.00 29.46  ? 42  TRP A CE3 1 
ATOM   349  C CZ2 . TRP A 1 42 ? 13.569  -18.611 -12.376 1.00 29.14  ? 42  TRP A CZ2 1 
ATOM   350  C CZ3 . TRP A 1 42 ? 13.707  -17.729 -10.123 1.00 29.95  ? 42  TRP A CZ3 1 
ATOM   351  C CH2 . TRP A 1 42 ? 13.447  -18.780 -11.018 1.00 29.22  ? 42  TRP A CH2 1 
ATOM   352  N N   . LYS A 1 43 ? 16.601  -13.992 -9.591  1.00 31.18  ? 43  LYS A N   1 
ATOM   353  C CA  . LYS A 1 43 ? 16.935  -14.733 -8.368  1.00 29.56  ? 43  LYS A CA  1 
ATOM   354  C C   . LYS A 1 43 ? 15.648  -15.039 -7.615  1.00 28.21  ? 43  LYS A C   1 
ATOM   355  O O   . LYS A 1 43 ? 14.773  -14.183 -7.506  1.00 29.93  ? 43  LYS A O   1 
ATOM   356  C CB  . LYS A 1 43 ? 17.879  -13.906 -7.490  1.00 26.61  ? 43  LYS A CB  1 
ATOM   357  N N   . PRO A 1 44 ? 15.487  -16.284 -7.141  1.00 28.56  ? 44  PRO A N   1 
ATOM   358  C CA  . PRO A 1 44 ? 14.271  -16.635 -6.402  1.00 27.76  ? 44  PRO A CA  1 
ATOM   359  C C   . PRO A 1 44 ? 14.259  -15.844 -5.101  1.00 27.09  ? 44  PRO A C   1 
ATOM   360  O O   . PRO A 1 44 ? 15.298  -15.693 -4.453  1.00 28.64  ? 44  PRO A O   1 
ATOM   361  C CB  . PRO A 1 44 ? 14.457  -18.129 -6.124  1.00 27.48  ? 44  PRO A CB  1 
ATOM   362  C CG  . PRO A 1 44 ? 15.359  -18.585 -7.227  1.00 29.08  ? 44  PRO A CG  1 
ATOM   363  C CD  . PRO A 1 44 ? 16.352  -17.462 -7.312  1.00 29.36  ? 44  PRO A CD  1 
ATOM   364  N N   . LYS A 1 45 ? 13.099  -15.318 -4.734  1.00 24.30  ? 45  LYS A N   1 
ATOM   365  C CA  . LYS A 1 45 ? 12.982  -14.540 -3.495  1.00 22.57  ? 45  LYS A CA  1 
ATOM   366  C C   . LYS A 1 45 ? 11.634  -14.775 -2.832  1.00 21.83  ? 45  LYS A C   1 
ATOM   367  O O   . LYS A 1 45 ? 10.711  -15.302 -3.447  1.00 21.49  ? 45  LYS A O   1 
ATOM   368  C CB  . LYS A 1 45 ? 13.182  -13.056 -3.783  1.00 21.84  ? 45  LYS A CB  1 
ATOM   369  N N   . MET A 1 46 ? 11.548  -14.416 -1.556  1.00 24.36  ? 46  MET A N   1 
ATOM   370  C CA  . MET A 1 46 ? 10.311  -14.562 -0.776  1.00 26.67  ? 46  MET A CA  1 
ATOM   371  C C   . MET A 1 46 ? 9.953   -13.246 -0.108  1.00 26.22  ? 46  MET A C   1 
ATOM   372  O O   . MET A 1 46 ? 10.749  -12.691 0.649   1.00 27.19  ? 46  MET A O   1 
ATOM   373  C CB  A MET A 1 46 ? 10.450  -15.657 0.286   0.50 27.31  ? 46  MET A CB  1 
ATOM   374  C CB  B MET A 1 46 ? 10.492  -15.639 0.297   0.50 29.46  ? 46  MET A CB  1 
ATOM   375  C CG  A MET A 1 46 ? 10.215  -17.071 -0.225  0.50 28.58  ? 46  MET A CG  1 
ATOM   376  C CG  B MET A 1 46 ? 10.426  -17.067 -0.212  0.50 32.94  ? 46  MET A CG  1 
ATOM   377  S SD  A MET A 1 46 ? 10.220  -18.286 1.114   0.50 28.96  ? 46  MET A SD  1 
ATOM   378  S SD  B MET A 1 46 ? 8.731   -17.637 -0.395  0.50 37.43  ? 46  MET A SD  1 
ATOM   379  C CE  A MET A 1 46 ? 8.641   -17.943 1.883   0.50 28.78  ? 46  MET A CE  1 
ATOM   380  C CE  B MET A 1 46 ? 8.296   -17.898 1.327   0.50 35.42  ? 46  MET A CE  1 
ATOM   381  N N   . ILE A 1 47 ? 8.769   -12.731 -0.420  1.00 24.92  ? 47  ILE A N   1 
ATOM   382  C CA  . ILE A 1 47 ? 8.293   -11.479 0.186   1.00 25.78  ? 47  ILE A CA  1 
ATOM   383  C C   . ILE A 1 47 ? 7.018   -11.765 0.964   1.00 26.66  ? 47  ILE A C   1 
ATOM   384  O O   . ILE A 1 47 ? 6.281   -12.704 0.649   1.00 26.15  ? 47  ILE A O   1 
ATOM   385  C CB  . ILE A 1 47 ? 8.008   -10.371 -0.864  1.00 25.98  ? 47  ILE A CB  1 
ATOM   386  C CG1 . ILE A 1 47 ? 6.959   -10.843 -1.874  1.00 25.72  ? 47  ILE A CG1 1 
ATOM   387  C CG2 . ILE A 1 47 ? 9.294   -9.963  -1.563  1.00 25.30  ? 47  ILE A CG2 1 
ATOM   388  C CD1 . ILE A 1 47 ? 6.487   -9.761  -2.817  1.00 26.27  ? 47  ILE A CD1 1 
ATOM   389  N N   . GLY A 1 48 ? 6.765   -10.957 1.985   1.00 27.37  ? 48  GLY A N   1 
ATOM   390  C CA  . GLY A 1 48 ? 5.576   -11.149 2.788   1.00 29.06  ? 48  GLY A CA  1 
ATOM   391  C C   . GLY A 1 48 ? 4.737   -9.898  2.910   1.00 29.15  ? 48  GLY A C   1 
ATOM   392  O O   . GLY A 1 48 ? 5.255   -8.785  2.937   1.00 29.09  ? 48  GLY A O   1 
ATOM   393  N N   . GLY A 1 49 ? 3.427   -10.094 2.964   1.00 30.62  ? 49  GLY A N   1 
ATOM   394  C CA  . GLY A 1 49 ? 2.508   -8.982  3.105   1.00 35.18  ? 49  GLY A CA  1 
ATOM   395  C C   . GLY A 1 49 ? 1.404   -9.419  4.046   1.00 37.80  ? 49  GLY A C   1 
ATOM   396  O O   . GLY A 1 49 ? 1.653   -10.206 4.965   1.00 38.15  ? 49  GLY A O   1 
ATOM   397  N N   . ILE A 1 50 ? 0.199   -8.894  3.848   1.00 39.32  ? 50  ILE A N   1 
ATOM   398  C CA  . ILE A 1 50 ? -0.942  -9.284  4.689   1.00 40.89  ? 50  ILE A CA  1 
ATOM   399  C C   . ILE A 1 50 ? -1.621  -10.498 4.070   1.00 40.57  ? 50  ILE A C   1 
ATOM   400  O O   . ILE A 1 50 ? -2.122  -10.445 2.945   1.00 41.30  ? 50  ILE A O   1 
ATOM   401  C CB  . ILE A 1 50 ? -1.951  -8.121  4.887   1.00 41.77  ? 50  ILE A CB  1 
ATOM   402  C CG1 . ILE A 1 50 ? -1.450  -7.202  6.006   1.00 43.29  ? 50  ILE A CG1 1 
ATOM   403  C CG2 . ILE A 1 50 ? -3.346  -8.657  5.212   1.00 41.33  ? 50  ILE A CG2 1 
ATOM   404  C CD1 . ILE A 1 50 ? -2.467  -6.204  6.487   1.00 45.29  ? 50  ILE A CD1 1 
ATOM   405  N N   . GLY A 1 51 ? -1.600  -11.602 4.809   1.00 40.29  ? 51  GLY A N   1 
ATOM   406  C CA  . GLY A 1 51 ? -2.196  -12.830 4.325   1.00 39.45  ? 51  GLY A CA  1 
ATOM   407  C C   . GLY A 1 51 ? -1.159  -13.934 4.252   1.00 39.33  ? 51  GLY A C   1 
ATOM   408  O O   . GLY A 1 51 ? -1.509  -15.115 4.286   1.00 39.35  ? 51  GLY A O   1 
ATOM   409  N N   . GLY A 1 52 ? 0.111   -13.549 4.120   1.00 39.56  ? 52  GLY A N   1 
ATOM   410  C CA  . GLY A 1 52 ? 1.184   -14.529 4.057   1.00 37.34  ? 52  GLY A CA  1 
ATOM   411  C C   . GLY A 1 52 ? 2.401   -14.174 3.220   1.00 35.31  ? 52  GLY A C   1 
ATOM   412  O O   . GLY A 1 52 ? 2.583   -13.031 2.796   1.00 34.08  ? 52  GLY A O   1 
ATOM   413  N N   . PHE A 1 53 ? 3.252   -15.177 3.011   1.00 34.40  ? 53  PHE A N   1 
ATOM   414  C CA  . PHE A 1 53 ? 4.483   -15.043 2.217   1.00 32.78  ? 53  PHE A CA  1 
ATOM   415  C C   . PHE A 1 53 ? 4.291   -15.674 0.846   1.00 30.82  ? 53  PHE A C   1 
ATOM   416  O O   . PHE A 1 53 ? 3.584   -16.674 0.712   1.00 32.18  ? 53  PHE A O   1 
ATOM   417  C CB  . PHE A 1 53 ? 5.646   -15.767 2.905   1.00 33.62  ? 53  PHE A CB  1 
ATOM   418  C CG  . PHE A 1 53 ? 6.374   -14.935 3.916   1.00 36.51  ? 53  PHE A CG  1 
ATOM   419  C CD1 . PHE A 1 53 ? 5.897   -14.815 5.217   1.00 35.91  ? 53  PHE A CD1 1 
ATOM   420  C CD2 . PHE A 1 53 ? 7.549   -14.276 3.567   1.00 36.75  ? 53  PHE A CD2 1 
ATOM   421  C CE1 . PHE A 1 53 ? 6.578   -14.050 6.158   1.00 37.42  ? 53  PHE A CE1 1 
ATOM   422  C CE2 . PHE A 1 53 ? 8.239   -13.505 4.501   1.00 39.16  ? 53  PHE A CE2 1 
ATOM   423  C CZ  . PHE A 1 53 ? 7.751   -13.392 5.801   1.00 37.00  ? 53  PHE A CZ  1 
ATOM   424  N N   . ILE A 1 54 ? 4.915   -15.089 -0.171  1.00 27.55  ? 54  ILE A N   1 
ATOM   425  C CA  . ILE A 1 54 ? 4.837   -15.637 -1.532  1.00 24.28  ? 54  ILE A CA  1 
ATOM   426  C C   . ILE A 1 54 ? 6.229   -15.709 -2.146  1.00 21.29  ? 54  ILE A C   1 
ATOM   427  O O   . ILE A 1 54 ? 7.148   -15.017 -1.710  1.00 19.97  ? 54  ILE A O   1 
ATOM   428  C CB  . ILE A 1 54 ? 3.909   -14.813 -2.469  1.00 26.27  ? 54  ILE A CB  1 
ATOM   429  C CG1 . ILE A 1 54 ? 4.415   -13.377 -2.621  1.00 26.99  ? 54  ILE A CG1 1 
ATOM   430  C CG2 . ILE A 1 54 ? 2.480   -14.839 -1.954  1.00 28.27  ? 54  ILE A CG2 1 
ATOM   431  C CD1 . ILE A 1 54 ? 3.752   -12.616 -3.757  1.00 27.03  ? 54  ILE A CD1 1 
ATOM   432  N N   . LYS A 1 55 ? 6.384   -16.583 -3.133  1.00 20.85  ? 55  LYS A N   1 
ATOM   433  C CA  . LYS A 1 55 ? 7.665   -16.749 -3.829  1.00 18.78  ? 55  LYS A CA  1 
ATOM   434  C C   . LYS A 1 55 ? 7.651   -15.912 -5.101  1.00 16.64  ? 55  LYS A C   1 
ATOM   435  O O   . LYS A 1 55 ? 6.705   -15.976 -5.889  1.00 17.42  ? 55  LYS A O   1 
ATOM   436  C CB  . LYS A 1 55 ? 7.901   -18.219 -4.159  1.00 19.73  ? 55  LYS A CB  1 
ATOM   437  N N   . VAL A 1 56 ? 8.697   -15.115 -5.293  1.00 15.86  ? 56  VAL A N   1 
ATOM   438  C CA  . VAL A 1 56 ? 8.803   -14.249 -6.477  1.00 16.37  ? 56  VAL A CA  1 
ATOM   439  C C   . VAL A 1 56 ? 10.146  -14.400 -7.189  1.00 16.82  ? 56  VAL A C   1 
ATOM   440  O O   . VAL A 1 56 ? 11.095  -14.959 -6.642  1.00 17.52  ? 56  VAL A O   1 
ATOM   441  C CB  . VAL A 1 56 ? 8.601   -12.747 -6.104  1.00 15.69  ? 56  VAL A CB  1 
ATOM   442  C CG1 . VAL A 1 56 ? 7.192   -12.509 -5.579  1.00 13.91  ? 56  VAL A CG1 1 
ATOM   443  C CG2 . VAL A 1 56 ? 9.633   -12.307 -5.076  1.00 16.60  ? 56  VAL A CG2 1 
ATOM   444  N N   . ARG A 1 57 ? 10.195  -13.931 -8.431  1.00 15.75  ? 57  ARG A N   1 
ATOM   445  C CA  . ARG A 1 57 ? 11.418  -13.963 -9.246  1.00 17.87  ? 57  ARG A CA  1 
ATOM   446  C C   . ARG A 1 57 ? 11.959  -12.537 -9.233  1.00 18.00  ? 57  ARG A C   1 
ATOM   447  O O   . ARG A 1 57 ? 11.270  -11.607 -9.652  1.00 18.74  ? 57  ARG A O   1 
ATOM   448  C CB  . ARG A 1 57 ? 11.082  -14.394 -10.676 1.00 19.83  ? 57  ARG A CB  1 
ATOM   449  C CG  . ARG A 1 57 ? 10.544  -15.816 -10.765 1.00 26.13  ? 57  ARG A CG  1 
ATOM   450  C CD  . ARG A 1 57 ? 9.589   -16.011 -11.940 1.00 34.52  ? 57  ARG A CD  1 
ATOM   451  N NE  . ARG A 1 57 ? 10.245  -15.935 -13.255 1.00 38.32  ? 57  ARG A NE  1 
ATOM   452  C CZ  . ARG A 1 57 ? 10.404  -16.971 -14.076 1.00 40.82  ? 57  ARG A CZ  1 
ATOM   453  N NH1 . ARG A 1 57 ? 9.965   -18.176 -13.732 1.00 40.26  ? 57  ARG A NH1 1 
ATOM   454  N NH2 . ARG A 1 57 ? 10.986  -16.800 -15.255 1.00 42.45  ? 57  ARG A NH2 1 
ATOM   455  N N   . GLN A 1 58 ? 13.167  -12.359 -8.707  1.00 16.10  ? 58  GLN A N   1 
ATOM   456  C CA  . GLN A 1 58 ? 13.768  -11.022 -8.626  1.00 16.01  ? 58  GLN A CA  1 
ATOM   457  C C   . GLN A 1 58 ? 14.643  -10.624 -9.812  1.00 19.05  ? 58  GLN A C   1 
ATOM   458  O O   . GLN A 1 58 ? 15.648  -11.272 -10.108 1.00 18.93  ? 58  GLN A O   1 
ATOM   459  C CB  . GLN A 1 58 ? 14.567  -10.869 -7.331  1.00 15.85  ? 58  GLN A CB  1 
ATOM   460  C CG  . GLN A 1 58 ? 15.226  -9.498  -7.180  1.00 19.88  ? 58  GLN A CG  1 
ATOM   461  C CD  . GLN A 1 58 ? 16.132  -9.400  -5.969  1.00 19.69  ? 58  GLN A CD  1 
ATOM   462  O OE1 . GLN A 1 58 ? 15.865  -9.993  -4.928  1.00 23.29  ? 58  GLN A OE1 1 
ATOM   463  N NE2 . GLN A 1 58 ? 17.213  -8.643  -6.102  1.00 22.28  ? 58  GLN A NE2 1 
ATOM   464  N N   . TYR A 1 59 ? 14.253  -9.533  -10.468 1.00 18.37  ? 59  TYR A N   1 
ATOM   465  C CA  . TYR A 1 59 ? 14.991  -8.978  -11.612 1.00 19.31  ? 59  TYR A CA  1 
ATOM   466  C C   . TYR A 1 59 ? 15.587  -7.651  -11.158 1.00 20.15  ? 59  TYR A C   1 
ATOM   467  O O   . TYR A 1 59 ? 14.915  -6.856  -10.496 1.00 21.22  ? 59  TYR A O   1 
ATOM   468  C CB  . TYR A 1 59 ? 14.054  -8.729  -12.798 1.00 19.48  ? 59  TYR A CB  1 
ATOM   469  C CG  . TYR A 1 59 ? 13.542  -9.977  -13.480 1.00 21.06  ? 59  TYR A CG  1 
ATOM   470  C CD1 . TYR A 1 59 ? 12.388  -10.614 -13.036 1.00 20.59  ? 59  TYR A CD1 1 
ATOM   471  C CD2 . TYR A 1 59 ? 14.201  -10.507 -14.590 1.00 21.33  ? 59  TYR A CD2 1 
ATOM   472  C CE1 . TYR A 1 59 ? 11.900  -11.749 -13.678 1.00 23.42  ? 59  TYR A CE1 1 
ATOM   473  C CE2 . TYR A 1 59 ? 13.722  -11.638 -15.239 1.00 23.13  ? 59  TYR A CE2 1 
ATOM   474  C CZ  . TYR A 1 59 ? 12.570  -12.254 -14.779 1.00 24.24  ? 59  TYR A CZ  1 
ATOM   475  O OH  . TYR A 1 59 ? 12.077  -13.365 -15.429 1.00 24.91  ? 59  TYR A OH  1 
ATOM   476  N N   . ASP A 1 60 ? 16.848  -7.416  -11.501 1.00 21.14  ? 60  ASP A N   1 
ATOM   477  C CA  . ASP A 1 60 ? 17.536  -6.174  -11.113 1.00 22.50  ? 60  ASP A CA  1 
ATOM   478  C C   . ASP A 1 60 ? 17.712  -5.206  -12.279 1.00 21.15  ? 60  ASP A C   1 
ATOM   479  O O   . ASP A 1 60 ? 17.713  -5.614  -13.440 1.00 20.74  ? 60  ASP A O   1 
ATOM   480  C CB  . ASP A 1 60 ? 18.894  -6.495  -10.479 1.00 25.47  ? 60  ASP A CB  1 
ATOM   481  C CG  . ASP A 1 60 ? 18.761  -7.200  -9.139  1.00 29.46  ? 60  ASP A CG  1 
ATOM   482  O OD1 . ASP A 1 60 ? 18.032  -6.683  -8.263  1.00 31.40  ? 60  ASP A OD1 1 
ATOM   483  O OD2 . ASP A 1 60 ? 19.382  -8.268  -8.962  1.00 30.46  ? 60  ASP A OD2 1 
ATOM   484  N N   . GLN A 1 61 ? 17.847  -3.922  -11.952 1.00 20.94  ? 61  GLN A N   1 
ATOM   485  C CA  . GLN A 1 61 ? 18.030  -2.846  -12.946 1.00 22.73  ? 61  GLN A CA  1 
ATOM   486  C C   . GLN A 1 61 ? 17.086  -2.906  -14.142 1.00 20.78  ? 61  GLN A C   1 
ATOM   487  O O   . GLN A 1 61 ? 17.520  -2.825  -15.292 1.00 21.26  ? 61  GLN A O   1 
ATOM   488  C CB  . GLN A 1 61 ? 19.481  -2.795  -13.438 1.00 28.44  ? 61  GLN A CB  1 
ATOM   489  C CG  . GLN A 1 61 ? 20.428  -2.004  -12.556 1.00 34.09  ? 61  GLN A CG  1 
ATOM   490  C CD  . GLN A 1 61 ? 21.761  -1.753  -13.239 1.00 40.46  ? 61  GLN A CD  1 
ATOM   491  O OE1 . GLN A 1 61 ? 22.757  -2.415  -12.948 1.00 43.33  ? 61  GLN A OE1 1 
ATOM   492  N NE2 . GLN A 1 61 ? 21.782  -0.799  -14.162 1.00 41.33  ? 61  GLN A NE2 1 
ATOM   493  N N   . ILE A 1 62 ? 15.798  -3.062  -13.864 1.00 18.65  ? 62  ILE A N   1 
ATOM   494  C CA  . ILE A 1 62 ? 14.783  -3.115  -14.920 1.00 16.82  ? 62  ILE A CA  1 
ATOM   495  C C   . ILE A 1 62 ? 14.224  -1.715  -15.140 1.00 18.30  ? 62  ILE A C   1 
ATOM   496  O O   . ILE A 1 62 ? 13.784  -1.059  -14.195 1.00 17.77  ? 62  ILE A O   1 
ATOM   497  C CB  . ILE A 1 62 ? 13.611  -4.042  -14.534 1.00 17.12  ? 62  ILE A CB  1 
ATOM   498  C CG1 . ILE A 1 62 ? 14.102  -5.477  -14.349 1.00 20.92  ? 62  ILE A CG1 1 
ATOM   499  C CG2 . ILE A 1 62 ? 12.521  -3.991  -15.595 1.00 15.91  ? 62  ILE A CG2 1 
ATOM   500  C CD1 . ILE A 1 62 ? 14.649  -6.118  -15.614 1.00 26.00  ? 62  ILE A CD1 1 
ATOM   501  N N   . PRO A 1 63 ? 14.286  -1.218  -16.383 1.00 18.60  ? 63  PRO A N   1 
ATOM   502  C CA  . PRO A 1 63 ? 13.767  0.115   -16.702 1.00 19.80  ? 63  PRO A CA  1 
ATOM   503  C C   . PRO A 1 63 ? 12.240  0.081   -16.714 1.00 19.64  ? 63  PRO A C   1 
ATOM   504  O O   . PRO A 1 63 ? 11.633  -0.780  -17.355 1.00 21.46  ? 63  PRO A O   1 
ATOM   505  C CB  . PRO A 1 63 ? 14.320  0.371   -18.107 1.00 21.00  ? 63  PRO A CB  1 
ATOM   506  C CG  . PRO A 1 63 ? 15.555  -0.497  -18.162 1.00 24.33  ? 63  PRO A CG  1 
ATOM   507  C CD  . PRO A 1 63 ? 15.061  -1.758  -17.511 1.00 20.82  ? 63  PRO A CD  1 
ATOM   508  N N   . VAL A 1 64 ? 11.620  0.992   -15.974 1.00 17.96  ? 64  VAL A N   1 
ATOM   509  C CA  . VAL A 1 64 ? 10.157  1.058   -15.909 1.00 16.24  ? 64  VAL A CA  1 
ATOM   510  C C   . VAL A 1 64 ? 9.727   2.509   -16.072 1.00 17.85  ? 64  VAL A C   1 
ATOM   511  O O   . VAL A 1 64 ? 10.274  3.400   -15.426 1.00 19.21  ? 64  VAL A O   1 
ATOM   512  C CB  . VAL A 1 64 ? 9.621   0.532   -14.549 1.00 17.92  ? 64  VAL A CB  1 
ATOM   513  C CG1 . VAL A 1 64 ? 8.096   0.564   -14.526 1.00 14.54  ? 64  VAL A CG1 1 
ATOM   514  C CG2 . VAL A 1 64 ? 10.126  -0.881  -14.281 1.00 16.03  ? 64  VAL A CG2 1 
ATOM   515  N N   . GLU A 1 65 ? 8.773   2.750   -16.963 1.00 17.60  ? 65  GLU A N   1 
ATOM   516  C CA  . GLU A 1 65 ? 8.271   4.111   -17.183 1.00 17.93  ? 65  GLU A CA  1 
ATOM   517  C C   . GLU A 1 65 ? 6.914   4.247   -16.506 1.00 17.29  ? 65  GLU A C   1 
ATOM   518  O O   . GLU A 1 65 ? 5.948   3.572   -16.868 1.00 16.73  ? 65  GLU A O   1 
ATOM   519  C CB  . GLU A 1 65 ? 8.166   4.410   -18.672 1.00 21.13  ? 65  GLU A CB  1 
ATOM   520  C CG  . GLU A 1 65 ? 7.951   5.875   -18.975 1.00 27.42  ? 65  GLU A CG  1 
ATOM   521  C CD  . GLU A 1 65 ? 7.892   6.146   -20.458 1.00 32.30  ? 65  GLU A CD  1 
ATOM   522  O OE1 . GLU A 1 65 ? 8.854   5.782   -21.168 1.00 35.33  ? 65  GLU A OE1 1 
ATOM   523  O OE2 . GLU A 1 65 ? 6.877   6.715   -20.913 1.00 36.54  ? 65  GLU A OE2 1 
ATOM   524  N N   . ILE A 1 66 ? 6.864   5.103   -15.495 1.00 14.85  ? 66  ILE A N   1 
ATOM   525  C CA  . ILE A 1 66 ? 5.643   5.332   -14.714 1.00 15.72  ? 66  ILE A CA  1 
ATOM   526  C C   . ILE A 1 66 ? 5.048   6.693   -15.052 1.00 17.53  ? 66  ILE A C   1 
ATOM   527  O O   . ILE A 1 66 ? 5.608   7.732   -14.693 1.00 15.36  ? 66  ILE A O   1 
ATOM   528  C CB  . ILE A 1 66 ? 5.958   5.273   -13.200 1.00 15.20  ? 66  ILE A CB  1 
ATOM   529  C CG1 . ILE A 1 66 ? 6.621   3.931   -12.863 1.00 15.28  ? 66  ILE A CG1 1 
ATOM   530  C CG2 . ILE A 1 66 ? 4.688   5.467   -12.384 1.00 14.29  ? 66  ILE A CG2 1 
ATOM   531  C CD1 . ILE A 1 66 ? 7.467   3.956   -11.610 1.00 18.51  ? 66  ILE A CD1 1 
HETATM 532  N N   . ABA A 1 67 ? 3.915   6.676   -15.753 1.00 20.12  ? 67  ABA A N   1 
HETATM 533  C CA  . ABA A 1 67 ? 3.216   7.912   -16.160 1.00 21.11  ? 67  ABA A CA  1 
HETATM 534  C C   . ABA A 1 67 ? 4.163   8.898   -16.844 1.00 20.74  ? 67  ABA A C   1 
HETATM 535  O O   . ABA A 1 67 ? 4.149   10.091  -16.551 1.00 24.57  ? 67  ABA A O   1 
HETATM 536  C CB  . ABA A 1 67 ? 2.538   8.572   -14.955 1.00 19.97  ? 67  ABA A CB  1 
HETATM 537  C CG  . ABA A 1 67 ? 1.111   8.158   -14.768 1.00 22.31  ? 67  ABA A CG  1 
ATOM   538  N N   . GLY A 1 68 ? 5.010   8.382   -17.728 1.00 21.52  ? 68  GLY A N   1 
ATOM   539  C CA  . GLY A 1 68 ? 5.949   9.234   -18.433 1.00 23.30  ? 68  GLY A CA  1 
ATOM   540  C C   . GLY A 1 68 ? 7.256   9.473   -17.701 1.00 23.89  ? 68  GLY A C   1 
ATOM   541  O O   . GLY A 1 68 ? 8.153   10.121  -18.238 1.00 27.16  ? 68  GLY A O   1 
ATOM   542  N N   . HIS A 1 69 ? 7.373   8.962   -16.479 1.00 21.70  ? 69  HIS A N   1 
ATOM   543  C CA  . HIS A 1 69 ? 8.605   9.137   -15.696 1.00 19.59  ? 69  HIS A CA  1 
ATOM   544  C C   . HIS A 1 69 ? 9.429   7.863   -15.679 1.00 19.82  ? 69  HIS A C   1 
ATOM   545  O O   . HIS A 1 69 ? 8.910   6.781   -15.411 1.00 20.09  ? 69  HIS A O   1 
ATOM   546  C CB  . HIS A 1 69 ? 8.282   9.582   -14.275 1.00 20.52  ? 69  HIS A CB  1 
ATOM   547  C CG  . HIS A 1 69 ? 7.710   10.961  -14.198 1.00 22.86  ? 69  HIS A CG  1 
ATOM   548  N ND1 . HIS A 1 69 ? 8.427   12.037  -13.718 1.00 23.74  ? 69  HIS A ND1 1 
ATOM   549  C CD2 . HIS A 1 69 ? 6.498   11.446  -14.554 1.00 23.92  ? 69  HIS A CD2 1 
ATOM   550  C CE1 . HIS A 1 69 ? 7.681   13.123  -13.783 1.00 26.08  ? 69  HIS A CE1 1 
ATOM   551  N NE2 . HIS A 1 69 ? 6.505   12.794  -14.287 1.00 24.61  ? 69  HIS A NE2 1 
ATOM   552  N N   . LYS A 1 70 ? 10.718  8.000   -15.962 1.00 19.03  ? 70  LYS A N   1 
ATOM   553  C CA  . LYS A 1 70 ? 11.616  6.842   -16.004 1.00 21.58  ? 70  LYS A CA  1 
ATOM   554  C C   . LYS A 1 70 ? 12.265  6.495   -14.671 1.00 20.46  ? 70  LYS A C   1 
ATOM   555  O O   . LYS A 1 70 ? 12.651  7.369   -13.891 1.00 21.01  ? 70  LYS A O   1 
ATOM   556  C CB  . LYS A 1 70 ? 12.680  7.028   -17.100 1.00 23.20  ? 70  LYS A CB  1 
ATOM   557  C CG  . LYS A 1 70 ? 13.677  5.864   -17.272 1.00 31.18  ? 70  LYS A CG  1 
ATOM   558  C CD  . LYS A 1 70 ? 13.007  4.486   -17.417 1.00 32.63  ? 70  LYS A CD  1 
ATOM   559  C CE  . LYS A 1 70 ? 12.092  4.386   -18.633 1.00 37.23  ? 70  LYS A CE  1 
ATOM   560  N NZ  . LYS A 1 70 ? 12.837  4.388   -19.919 1.00 41.29  ? 70  LYS A NZ  1 
ATOM   561  N N   . ALA A 1 71 ? 12.336  5.195   -14.417 1.00 17.50  ? 71  ALA A N   1 
ATOM   562  C CA  . ALA A 1 71 ? 12.950  4.635   -13.212 1.00 14.99  ? 71  ALA A CA  1 
ATOM   563  C C   . ALA A 1 71 ? 13.642  3.355   -13.655 1.00 14.70  ? 71  ALA A C   1 
ATOM   564  O O   . ALA A 1 71 ? 13.236  2.724   -14.633 1.00 14.49  ? 71  ALA A O   1 
ATOM   565  C CB  . ALA A 1 71 ? 11.887  4.323   -12.161 1.00 15.63  ? 71  ALA A CB  1 
ATOM   566  N N   . ILE A 1 72 ? 14.737  3.021   -12.987 1.00 13.60  ? 72  ILE A N   1 
ATOM   567  C CA  . ILE A 1 72 ? 15.486  1.796   -13.296 1.00 14.20  ? 72  ILE A CA  1 
ATOM   568  C C   . ILE A 1 72 ? 15.786  1.160   -11.947 1.00 13.28  ? 72  ILE A C   1 
ATOM   569  O O   . ILE A 1 72 ? 16.562  1.698   -11.157 1.00 13.26  ? 72  ILE A O   1 
ATOM   570  C CB  . ILE A 1 72 ? 16.819  2.088   -14.036 1.00 14.38  ? 72  ILE A CB  1 
ATOM   571  C CG1 . ILE A 1 72 ? 16.566  2.908   -15.304 1.00 14.27  ? 72  ILE A CG1 1 
ATOM   572  C CG2 . ILE A 1 72 ? 17.507  0.776   -14.396 1.00 14.60  ? 72  ILE A CG2 1 
ATOM   573  C CD1 . ILE A 1 72 ? 17.829  3.333   -16.024 1.00 15.14  ? 72  ILE A CD1 1 
ATOM   574  N N   . GLY A 1 73 ? 15.126  0.046   -11.661 1.00 13.45  ? 73  GLY A N   1 
ATOM   575  C CA  . GLY A 1 73 ? 15.348  -0.602  -10.386 1.00 13.22  ? 73  GLY A CA  1 
ATOM   576  C C   . GLY A 1 73 ? 14.894  -2.039  -10.335 1.00 12.81  ? 73  GLY A C   1 
ATOM   577  O O   . GLY A 1 73 ? 14.579  -2.647  -11.357 1.00 13.22  ? 73  GLY A O   1 
ATOM   578  N N   . THR A 1 74 ? 14.839  -2.568  -9.120  1.00 12.42  ? 74  THR A N   1 
ATOM   579  C CA  . THR A 1 74 ? 14.437  -3.955  -8.900  1.00 12.93  ? 74  THR A CA  1 
ATOM   580  C C   . THR A 1 74 ? 12.944  -4.176  -9.075  1.00 14.09  ? 74  THR A C   1 
ATOM   581  O O   . THR A 1 74 ? 12.126  -3.429  -8.539  1.00 16.22  ? 74  THR A O   1 
ATOM   582  C CB  . THR A 1 74 ? 14.846  -4.421  -7.503  1.00 12.29  ? 74  THR A CB  1 
ATOM   583  O OG1 . THR A 1 74 ? 16.269  -4.334  -7.377  1.00 15.91  ? 74  THR A OG1 1 
ATOM   584  C CG2 . THR A 1 74 ? 14.409  -5.863  -7.266  1.00 15.28  ? 74  THR A CG2 1 
ATOM   585  N N   . VAL A 1 75 ? 12.603  -5.205  -9.842  1.00 13.29  ? 75  VAL A N   1 
ATOM   586  C CA  . VAL A 1 75 ? 11.206  -5.572  -10.084 1.00 12.76  ? 75  VAL A CA  1 
ATOM   587  C C   . VAL A 1 75 ? 11.033  -7.054  -9.754  1.00 14.56  ? 75  VAL A C   1 
ATOM   588  O O   . VAL A 1 75 ? 11.795  -7.903  -10.223 1.00 14.85  ? 75  VAL A O   1 
ATOM   589  C CB  . VAL A 1 75 ? 10.795  -5.309  -11.554 1.00 13.41  ? 75  VAL A CB  1 
ATOM   590  C CG1 . VAL A 1 75 ? 9.414   -5.865  -11.823 1.00 15.36  ? 75  VAL A CG1 1 
ATOM   591  C CG2 . VAL A 1 75 ? 10.811  -3.819  -11.844 1.00 11.63  ? 75  VAL A CG2 1 
ATOM   592  N N   . LEU A 1 76 ? 10.061  -7.347  -8.895  1.00 14.11  ? 76  LEU A N   1 
ATOM   593  C CA  . LEU A 1 76 ? 9.759   -8.729  -8.497  1.00 12.46  ? 76  LEU A CA  1 
ATOM   594  C C   . LEU A 1 76 ? 8.589   -9.211  -9.344  1.00 13.87  ? 76  LEU A C   1 
ATOM   595  O O   . LEU A 1 76 ? 7.642   -8.461  -9.585  1.00 14.53  ? 76  LEU A O   1 
ATOM   596  C CB  . LEU A 1 76 ? 9.370   -8.776  -7.017  1.00 11.37  ? 76  LEU A CB  1 
ATOM   597  C CG  . LEU A 1 76 ? 10.309  -8.085  -6.027  1.00 13.40  ? 76  LEU A CG  1 
ATOM   598  C CD1 . LEU A 1 76 ? 9.729   -8.172  -4.633  1.00 12.66  ? 76  LEU A CD1 1 
ATOM   599  C CD2 . LEU A 1 76 ? 11.690  -8.713  -6.064  1.00 17.11  ? 76  LEU A CD2 1 
ATOM   600  N N   . VAL A 1 77 ? 8.673   -10.442 -9.833  1.00 14.28  ? 77  VAL A N   1 
ATOM   601  C CA  . VAL A 1 77 ? 7.597   -11.021 -10.657 1.00 15.49  ? 77  VAL A CA  1 
ATOM   602  C C   . VAL A 1 77 ? 7.030   -12.242 -9.942  1.00 16.48  ? 77  VAL A C   1 
ATOM   603  O O   . VAL A 1 77 ? 7.770   -13.155 -9.580  1.00 17.37  ? 77  VAL A O   1 
ATOM   604  C CB  . VAL A 1 77 ? 8.110   -11.455 -12.049 1.00 14.88  ? 77  VAL A CB  1 
ATOM   605  C CG1 . VAL A 1 77 ? 6.976   -12.055 -12.859 1.00 12.06  ? 77  VAL A CG1 1 
ATOM   606  C CG2 . VAL A 1 77 ? 8.714   -10.272 -12.785 1.00 13.97  ? 77  VAL A CG2 1 
ATOM   607  N N   . GLY A 1 78 ? 5.716   -12.257 -9.744  1.00 15.99  ? 78  GLY A N   1 
ATOM   608  C CA  . GLY A 1 78 ? 5.098   -13.376 -9.060  1.00 18.49  ? 78  GLY A CA  1 
ATOM   609  C C   . GLY A 1 78 ? 3.585   -13.331 -9.068  1.00 20.58  ? 78  GLY A C   1 
ATOM   610  O O   . GLY A 1 78 ? 2.997   -12.452 -9.696  1.00 21.16  ? 78  GLY A O   1 
ATOM   611  N N   . PRO A 1 79 ? 2.925   -14.271 -8.371  1.00 22.28  ? 79  PRO A N   1 
ATOM   612  C CA  . PRO A 1 79 ? 1.465   -14.382 -8.270  1.00 24.37  ? 79  PRO A CA  1 
ATOM   613  C C   . PRO A 1 79 ? 0.811   -13.289 -7.417  1.00 25.13  ? 79  PRO A C   1 
ATOM   614  O O   . PRO A 1 79 ? 0.306   -13.552 -6.324  1.00 27.97  ? 79  PRO A O   1 
ATOM   615  C CB  . PRO A 1 79 ? 1.280   -15.770 -7.657  1.00 23.12  ? 79  PRO A CB  1 
ATOM   616  C CG  . PRO A 1 79 ? 2.465   -15.885 -6.754  1.00 22.13  ? 79  PRO A CG  1 
ATOM   617  C CD  . PRO A 1 79 ? 3.582   -15.362 -7.628  1.00 22.85  ? 79  PRO A CD  1 
ATOM   618  N N   . THR A 1 80 ? 0.817   -12.065 -7.934  1.00 25.91  ? 80  THR A N   1 
ATOM   619  C CA  . THR A 1 80 ? 0.225   -10.922 -7.225  1.00 24.18  ? 80  THR A CA  1 
ATOM   620  C C   . THR A 1 80 ? -1.153  -10.589 -7.789  1.00 23.11  ? 80  THR A C   1 
ATOM   621  O O   . THR A 1 80 ? -1.379  -10.684 -8.996  1.00 24.19  ? 80  THR A O   1 
ATOM   622  C CB  . THR A 1 80 ? 1.145   -9.672  -7.306  1.00 23.84  ? 80  THR A CB  1 
ATOM   623  O OG1 . THR A 1 80 ? 0.559   -8.595  -6.567  1.00 23.83  ? 80  THR A OG1 1 
ATOM   624  C CG2 . THR A 1 80 ? 1.358   -9.236  -8.753  1.00 21.45  ? 80  THR A CG2 1 
ATOM   625  N N   . PRO A 1 81 ? -2.100  -10.206 -6.917  1.00 22.92  ? 81  PRO A N   1 
ATOM   626  C CA  . PRO A 1 81 ? -3.462  -9.859  -7.339  1.00 21.90  ? 81  PRO A CA  1 
ATOM   627  C C   . PRO A 1 81 ? -3.468  -8.690  -8.317  1.00 22.61  ? 81  PRO A C   1 
ATOM   628  O O   . PRO A 1 81 ? -4.284  -8.646  -9.237  1.00 23.35  ? 81  PRO A O   1 
ATOM   629  C CB  . PRO A 1 81 ? -4.135  -9.462  -6.026  1.00 21.43  ? 81  PRO A CB  1 
ATOM   630  C CG  . PRO A 1 81 ? -3.394  -10.263 -5.004  1.00 24.15  ? 81  PRO A CG  1 
ATOM   631  C CD  . PRO A 1 81 ? -1.969  -10.128 -5.451  1.00 21.77  ? 81  PRO A CD  1 
ATOM   632  N N   . VAL A 1 82 ? -2.533  -7.760  -8.121  1.00 20.96  ? 82  VAL A N   1 
ATOM   633  C CA  . VAL A 1 82 ? -2.425  -6.565  -8.975  1.00 19.72  ? 82  VAL A CA  1 
ATOM   634  C C   . VAL A 1 82 ? -0.977  -6.074  -9.065  1.00 16.70  ? 82  VAL A C   1 
ATOM   635  O O   . VAL A 1 82 ? -0.179  -6.299  -8.155  1.00 15.71  ? 82  VAL A O   1 
ATOM   636  C CB  . VAL A 1 82 ? -3.331  -5.421  -8.426  1.00 22.11  ? 82  VAL A CB  1 
ATOM   637  C CG1 . VAL A 1 82 ? -2.825  -4.944  -7.067  1.00 23.48  ? 82  VAL A CG1 1 
ATOM   638  C CG2 . VAL A 1 82 ? -3.411  -4.263  -9.415  1.00 25.01  ? 82  VAL A CG2 1 
ATOM   639  N N   . ASN A 1 83 ? -0.638  -5.431  -10.180 1.00 13.16  ? 83  ASN A N   1 
ATOM   640  C CA  . ASN A 1 83 ? 0.713   -4.883  -10.381 1.00 12.42  ? 83  ASN A CA  1 
ATOM   641  C C   . ASN A 1 83 ? 0.908   -3.770  -9.364  1.00 11.37  ? 83  ASN A C   1 
ATOM   642  O O   . ASN A 1 83 ? 0.078   -2.870  -9.249  1.00 11.29  ? 83  ASN A O   1 
ATOM   643  C CB  . ASN A 1 83 ? 0.871   -4.344  -11.804 1.00 12.68  ? 83  ASN A CB  1 
ATOM   644  C CG  . ASN A 1 83 ? 0.763   -5.435  -12.851 1.00 14.11  ? 83  ASN A CG  1 
ATOM   645  O OD1 . ASN A 1 83 ? 1.316   -6.521  -12.684 1.00 13.87  ? 83  ASN A OD1 1 
ATOM   646  N ND2 . ASN A 1 83 ? 0.045   -5.156  -13.932 1.00 13.37  ? 83  ASN A ND2 1 
ATOM   647  N N   . ILE A 1 84 ? 2.008   -3.843  -8.624  1.00 10.51  ? 84  ILE A N   1 
ATOM   648  C CA  . ILE A 1 84 ? 2.299   -2.862  -7.572  1.00 9.78   ? 84  ILE A CA  1 
ATOM   649  C C   . ILE A 1 84 ? 3.616   -2.126  -7.757  1.00 10.14  ? 84  ILE A C   1 
ATOM   650  O O   . ILE A 1 84 ? 4.648   -2.735  -8.028  1.00 9.83   ? 84  ILE A O   1 
ATOM   651  C CB  . ILE A 1 84 ? 2.304   -3.560  -6.189  1.00 11.55  ? 84  ILE A CB  1 
ATOM   652  C CG1 . ILE A 1 84 ? 0.896   -4.045  -5.845  1.00 12.80  ? 84  ILE A CG1 1 
ATOM   653  C CG2 . ILE A 1 84 ? 2.843   -2.635  -5.104  1.00 11.83  ? 84  ILE A CG2 1 
ATOM   654  C CD1 . ILE A 1 84 ? 0.857   -4.992  -4.677  1.00 18.18  ? 84  ILE A CD1 1 
ATOM   655  N N   . ILE A 1 85 ? 3.554   -0.800  -7.656  1.00 9.88   ? 85  ILE A N   1 
ATOM   656  C CA  . ILE A 1 85 ? 4.742   0.058   -7.751  1.00 8.09   ? 85  ILE A CA  1 
ATOM   657  C C   . ILE A 1 85 ? 5.020   0.444   -6.298  1.00 9.82   ? 85  ILE A C   1 
ATOM   658  O O   . ILE A 1 85 ? 4.210   1.127   -5.662  1.00 10.47  ? 85  ILE A O   1 
ATOM   659  C CB  . ILE A 1 85 ? 4.475   1.331   -8.589  1.00 9.17   ? 85  ILE A CB  1 
ATOM   660  C CG1 . ILE A 1 85 ? 4.076   0.957   -10.023 1.00 9.24   ? 85  ILE A CG1 1 
ATOM   661  C CG2 . ILE A 1 85 ? 5.707   2.231   -8.591  1.00 8.27   ? 85  ILE A CG2 1 
ATOM   662  C CD1 . ILE A 1 85 ? 5.117   0.132   -10.777 1.00 6.85   ? 85  ILE A CD1 1 
ATOM   663  N N   . GLY A 1 86 ? 6.134   -0.052  -5.762  1.00 7.94   ? 86  GLY A N   1 
ATOM   664  C CA  . GLY A 1 86 ? 6.491   0.223   -4.383  1.00 8.13   ? 86  GLY A CA  1 
ATOM   665  C C   . GLY A 1 86 ? 7.415   1.405   -4.196  1.00 8.06   ? 86  GLY A C   1 
ATOM   666  O O   . GLY A 1 86 ? 7.768   2.080   -5.160  1.00 8.09   ? 86  GLY A O   1 
ATOM   667  N N   . ARG A 1 87 ? 7.828   1.634   -2.951  1.00 8.88   ? 87  ARG A N   1 
ATOM   668  C CA  . ARG A 1 87 ? 8.717   2.757   -2.610  1.00 9.24   ? 87  ARG A CA  1 
ATOM   669  C C   . ARG A 1 87 ? 10.066  2.758   -3.325  1.00 8.93   ? 87  ARG A C   1 
ATOM   670  O O   . ARG A 1 87 ? 10.641  3.820   -3.543  1.00 9.33   ? 87  ARG A O   1 
ATOM   671  C CB  . ARG A 1 87 ? 8.931   2.841   -1.097  1.00 9.09   ? 87  ARG A CB  1 
ATOM   672  C CG  . ARG A 1 87 ? 7.669   3.161   -0.310  1.00 9.81   ? 87  ARG A CG  1 
ATOM   673  C CD  . ARG A 1 87 ? 7.963   3.369   1.169   1.00 11.64  ? 87  ARG A CD  1 
ATOM   674  N NE  . ARG A 1 87 ? 8.553   2.174   1.797   1.00 14.54  ? 87  ARG A NE  1 
ATOM   675  C CZ  . ARG A 1 87 ? 9.843   2.040   2.096   1.00 16.81  ? 87  ARG A CZ  1 
ATOM   676  N NH1 . ARG A 1 87 ? 10.701  3.019   1.832   1.00 16.07  ? 87  ARG A NH1 1 
ATOM   677  N NH2 . ARG A 1 87 ? 10.280  0.919   2.651   1.00 13.80  ? 87  ARG A NH2 1 
ATOM   678  N N   . ASN A 1 88 ? 10.569  1.585   -3.701  1.00 9.93   ? 88  ASN A N   1 
ATOM   679  C CA  . ASN A 1 88 ? 11.866  1.525   -4.397  1.00 10.38  ? 88  ASN A CA  1 
ATOM   680  C C   . ASN A 1 88 ? 11.839  2.312   -5.712  1.00 10.72  ? 88  ASN A C   1 
ATOM   681  O O   . ASN A 1 88 ? 12.835  2.932   -6.083  1.00 12.33  ? 88  ASN A O   1 
ATOM   682  C CB  . ASN A 1 88 ? 12.309  0.071   -4.633  1.00 9.33   ? 88  ASN A CB  1 
ATOM   683  C CG  . ASN A 1 88 ? 11.459  -0.646  -5.660  1.00 5.27   ? 88  ASN A CG  1 
ATOM   684  O OD1 . ASN A 1 88 ? 10.245  -0.726  -5.527  1.00 9.79   ? 88  ASN A OD1 1 
ATOM   685  N ND2 . ASN A 1 88 ? 12.103  -1.180  -6.688  1.00 7.17   ? 88  ASN A ND2 1 
ATOM   686  N N   . LEU A 1 89 ? 10.698  2.301   -6.400  1.00 10.26  ? 89  LEU A N   1 
ATOM   687  C CA  . LEU A 1 89 ? 10.553  3.037   -7.672  1.00 10.22  ? 89  LEU A CA  1 
ATOM   688  C C   . LEU A 1 89 ? 9.867   4.383   -7.484  1.00 10.45  ? 89  LEU A C   1 
ATOM   689  O O   . LEU A 1 89 ? 10.090  5.313   -8.260  1.00 11.66  ? 89  LEU A O   1 
ATOM   690  C CB  . LEU A 1 89 ? 9.791   2.211   -8.709  1.00 10.41  ? 89  LEU A CB  1 
ATOM   691  C CG  . LEU A 1 89 ? 10.498  0.961   -9.237  1.00 13.44  ? 89  LEU A CG  1 
ATOM   692  C CD1 . LEU A 1 89 ? 9.641   0.314   -10.315 1.00 12.96  ? 89  LEU A CD1 1 
ATOM   693  C CD2 . LEU A 1 89 ? 11.875  1.323   -9.793  1.00 15.37  ? 89  LEU A CD2 1 
ATOM   694  N N   . LEU A 1 90 ? 9.020   4.480   -6.464  1.00 8.36   ? 90  LEU A N   1 
ATOM   695  C CA  . LEU A 1 90 ? 8.316   5.736   -6.177  1.00 9.47   ? 90  LEU A CA  1 
ATOM   696  C C   . LEU A 1 90 ? 9.305   6.841   -5.813  1.00 9.73   ? 90  LEU A C   1 
ATOM   697  O O   . LEU A 1 90 ? 9.143   7.990   -6.228  1.00 9.15   ? 90  LEU A O   1 
ATOM   698  C CB  . LEU A 1 90 ? 7.292   5.532   -5.060  1.00 9.75   ? 90  LEU A CB  1 
ATOM   699  C CG  . LEU A 1 90 ? 6.076   4.678   -5.427  1.00 8.59   ? 90  LEU A CG  1 
ATOM   700  C CD1 . LEU A 1 90 ? 5.191   4.475   -4.216  1.00 10.91  ? 90  LEU A CD1 1 
ATOM   701  C CD2 . LEU A 1 90 ? 5.296   5.341   -6.545  1.00 9.99   ? 90  LEU A CD2 1 
ATOM   702  N N   . THR A 1 91 ? 10.352  6.485   -5.073  1.00 10.01  ? 91  THR A N   1 
ATOM   703  C CA  . THR A 1 91 ? 11.375  7.469   -4.683  1.00 10.48  ? 91  THR A CA  1 
ATOM   704  C C   . THR A 1 91 ? 12.152  7.942   -5.899  1.00 10.16  ? 91  THR A C   1 
ATOM   705  O O   . THR A 1 91 ? 12.581  9.088   -5.950  1.00 12.49  ? 91  THR A O   1 
ATOM   706  C CB  . THR A 1 91 ? 12.382  6.902   -3.657  1.00 11.43  ? 91  THR A CB  1 
ATOM   707  O OG1 . THR A 1 91 ? 13.003  5.728   -4.191  1.00 13.21  ? 91  THR A OG1 1 
ATOM   708  C CG2 . THR A 1 91 ? 11.687  6.560   -2.354  1.00 11.42  ? 91  THR A CG2 1 
ATOM   709  N N   . GLN A 1 92 ? 12.321  7.064   -6.882  1.00 11.52  ? 92  GLN A N   1 
ATOM   710  C CA  . GLN A 1 92 ? 13.061  7.421   -8.104  1.00 12.82  ? 92  GLN A CA  1 
ATOM   711  C C   . GLN A 1 92 ? 12.381  8.507   -8.921  1.00 14.02  ? 92  GLN A C   1 
ATOM   712  O O   . GLN A 1 92 ? 13.054  9.358   -9.498  1.00 17.07  ? 92  GLN A O   1 
ATOM   713  C CB  . GLN A 1 92 ? 13.304  6.197   -8.982  1.00 13.34  ? 92  GLN A CB  1 
ATOM   714  C CG  . GLN A 1 92 ? 14.232  5.179   -8.365  1.00 13.15  ? 92  GLN A CG  1 
ATOM   715  C CD  . GLN A 1 92 ? 14.911  4.319   -9.402  1.00 14.61  ? 92  GLN A CD  1 
ATOM   716  O OE1 . GLN A 1 92 ? 14.956  4.669   -10.582 1.00 17.38  ? 92  GLN A OE1 1 
ATOM   717  N NE2 . GLN A 1 92 ? 15.461  3.192   -8.968  1.00 14.57  ? 92  GLN A NE2 1 
ATOM   718  N N   . ILE A 1 93 ? 11.051  8.475   -8.977  1.00 13.76  ? 93  ILE A N   1 
ATOM   719  C CA  . ILE A 1 93 ? 10.297  9.484   -9.738  1.00 13.25  ? 93  ILE A CA  1 
ATOM   720  C C   . ILE A 1 93 ? 9.900   10.673  -8.864  1.00 13.56  ? 93  ILE A C   1 
ATOM   721  O O   . ILE A 1 93 ? 9.107   11.519  -9.275  1.00 17.11  ? 93  ILE A O   1 
ATOM   722  C CB  . ILE A 1 93 ? 9.044   8.887   -10.405 1.00 12.73  ? 93  ILE A CB  1 
ATOM   723  C CG1 . ILE A 1 93 ? 8.062   8.371   -9.347  1.00 13.65  ? 93  ILE A CG1 1 
ATOM   724  C CG2 . ILE A 1 93 ? 9.448   7.790   -11.379 1.00 12.95  ? 93  ILE A CG2 1 
ATOM   725  C CD1 . ILE A 1 93 ? 6.731   7.914   -9.917  1.00 12.56  ? 93  ILE A CD1 1 
ATOM   726  N N   . GLY A 1 94 ? 10.441  10.710  -7.650  1.00 13.17  ? 94  GLY A N   1 
ATOM   727  C CA  . GLY A 1 94 ? 10.172  11.799  -6.731  1.00 14.40  ? 94  GLY A CA  1 
ATOM   728  C C   . GLY A 1 94 ? 8.752   11.912  -6.222  1.00 15.50  ? 94  GLY A C   1 
ATOM   729  O O   . GLY A 1 94 ? 8.253   13.020  -6.035  1.00 17.69  ? 94  GLY A O   1 
HETATM 730  N N   . ABA A 1 95 ? 8.099   10.776  -5.992  1.00 12.94  ? 95  ABA A N   1 
HETATM 731  C CA  . ABA A 1 95 ? 6.720   10.780  -5.489  1.00 12.94  ? 95  ABA A CA  1 
HETATM 732  C C   . ABA A 1 95 ? 6.688   11.025  -3.987  1.00 13.71  ? 95  ABA A C   1 
HETATM 733  O O   . ABA A 1 95 ? 7.506   10.485  -3.241  1.00 15.97  ? 95  ABA A O   1 
HETATM 734  C CB  . ABA A 1 95 ? 6.010   9.470   -5.833  1.00 14.44  ? 95  ABA A CB  1 
HETATM 735  C CG  . ABA A 1 95 ? 4.522   9.471   -5.516  1.00 14.79  ? 95  ABA A CG  1 
ATOM   736  N N   . THR A 1 96 ? 5.748   11.854  -3.549  1.00 13.07  ? 96  THR A N   1 
ATOM   737  C CA  . THR A 1 96 ? 5.603   12.168  -2.121  1.00 12.66  ? 96  THR A CA  1 
ATOM   738  C C   . THR A 1 96 ? 4.134   12.133  -1.717  1.00 13.88  ? 96  THR A C   1 
ATOM   739  O O   . THR A 1 96 ? 3.245   12.198  -2.566  1.00 14.59  ? 96  THR A O   1 
ATOM   740  C CB  . THR A 1 96 ? 6.152   13.583  -1.784  1.00 14.10  ? 96  THR A CB  1 
ATOM   741  O OG1 . THR A 1 96 ? 5.452   14.568  -2.557  1.00 13.99  ? 96  THR A OG1 1 
ATOM   742  C CG2 . THR A 1 96 ? 7.645   13.679  -2.073  1.00 13.17  ? 96  THR A CG2 1 
ATOM   743  N N   . LEU A 1 97 ? 3.894   11.984  -0.418  1.00 13.97  ? 97  LEU A N   1 
ATOM   744  C CA  . LEU A 1 97 ? 2.532   11.986  0.133   1.00 15.85  ? 97  LEU A CA  1 
ATOM   745  C C   . LEU A 1 97 ? 2.323   13.390  0.673   1.00 16.13  ? 97  LEU A C   1 
ATOM   746  O O   . LEU A 1 97 ? 3.180   13.917  1.384   1.00 16.19  ? 97  LEU A O   1 
ATOM   747  C CB  . LEU A 1 97 ? 2.389   10.967  1.269   1.00 16.72  ? 97  LEU A CB  1 
ATOM   748  C CG  . LEU A 1 97 ? 1.947   9.543   0.914   1.00 18.07  ? 97  LEU A CG  1 
ATOM   749  C CD1 . LEU A 1 97 ? 2.047   8.654   2.143   1.00 19.03  ? 97  LEU A CD1 1 
ATOM   750  C CD2 . LEU A 1 97 ? 0.519   9.551   0.384   1.00 16.98  ? 97  LEU A CD2 1 
ATOM   751  N N   . ASN A 1 98 ? 1.199   14.001  0.319   1.00 17.04  ? 98  ASN A N   1 
ATOM   752  C CA  . ASN A 1 98 ? 0.898   15.369  0.764   1.00 20.36  ? 98  ASN A CA  1 
ATOM   753  C C   . ASN A 1 98 ? -0.507  15.507  1.342   1.00 20.78  ? 98  ASN A C   1 
ATOM   754  O O   . ASN A 1 98 ? -1.451  14.895  0.849   1.00 22.20  ? 98  ASN A O   1 
ATOM   755  C CB  . ASN A 1 98 ? 1.050   16.346  -0.410  1.00 20.25  ? 98  ASN A CB  1 
ATOM   756  C CG  . ASN A 1 98 ? 2.470   16.404  -0.951  1.00 20.97  ? 98  ASN A CG  1 
ATOM   757  O OD1 . ASN A 1 98 ? 3.233   17.306  -0.617  1.00 24.56  ? 98  ASN A OD1 1 
ATOM   758  N ND2 . ASN A 1 98 ? 2.821   15.449  -1.803  1.00 20.40  ? 98  ASN A ND2 1 
ATOM   759  N N   . PHE A 1 99 ? -0.626  16.298  2.404   1.00 22.62  ? 99  PHE A N   1 
ATOM   760  C CA  . PHE A 1 99 ? -1.925  16.572  3.050   1.00 25.72  ? 99  PHE A CA  1 
ATOM   761  C C   . PHE A 1 99 ? -1.841  17.773  3.998   1.00 26.64  ? 99  PHE A C   1 
ATOM   762  O O   . PHE A 1 99 ? -2.849  18.090  4.664   1.00 28.59  ? 99  PHE A O   1 
ATOM   763  C CB  . PHE A 1 99 ? -2.493  15.326  3.762   1.00 24.91  ? 99  PHE A CB  1 
ATOM   764  C CG  . PHE A 1 99 ? -1.642  14.808  4.889   1.00 26.69  ? 99  PHE A CG  1 
ATOM   765  C CD1 . PHE A 1 99 ? -0.561  13.972  4.637   1.00 25.21  ? 99  PHE A CD1 1 
ATOM   766  C CD2 . PHE A 1 99 ? -1.946  15.129  6.210   1.00 26.51  ? 99  PHE A CD2 1 
ATOM   767  C CE1 . PHE A 1 99 ? 0.205   13.463  5.681   1.00 27.29  ? 99  PHE A CE1 1 
ATOM   768  C CE2 . PHE A 1 99 ? -1.186  14.624  7.261   1.00 27.77  ? 99  PHE A CE2 1 
ATOM   769  C CZ  . PHE A 1 99 ? -0.109  13.789  6.996   1.00 27.98  ? 99  PHE A CZ  1 
ATOM   770  O OXT . PHE A 1 99 ? -0.768  18.411  4.034   1.00 27.23  ? 99  PHE A OXT 1 
ATOM   771  N N   . PRO B 1 1  ? 1.526   18.069  5.749   1.00 26.28  ? 1   PRO B N   1 
ATOM   772  C CA  . PRO B 1 1  ? 2.998   18.081  5.502   1.00 25.33  ? 1   PRO B CA  1 
ATOM   773  C C   . PRO B 1 1  ? 3.314   17.287  4.240   1.00 25.23  ? 1   PRO B C   1 
ATOM   774  O O   . PRO B 1 1  ? 2.401   16.792  3.566   1.00 23.77  ? 1   PRO B O   1 
ATOM   775  C CB  . PRO B 1 1  ? 3.691   17.477  6.725   1.00 25.32  ? 1   PRO B CB  1 
ATOM   776  C CG  . PRO B 1 1  ? 2.599   16.581  7.284   1.00 25.19  ? 1   PRO B CG  1 
ATOM   777  C CD  . PRO B 1 1  ? 1.276   17.273  7.012   1.00 25.88  ? 1   PRO B CD  1 
ATOM   778  N N   . GLN B 1 2  ? 4.596   17.223  3.882   1.00 25.39  ? 2   GLN B N   1 
ATOM   779  C CA  . GLN B 1 2  ? 5.042   16.463  2.708   1.00 26.40  ? 2   GLN B CA  1 
ATOM   780  C C   . GLN B 1 2  ? 5.908   15.312  3.191   1.00 26.90  ? 2   GLN B C   1 
ATOM   781  O O   . GLN B 1 2  ? 6.964   15.527  3.792   1.00 27.04  ? 2   GLN B O   1 
ATOM   782  C CB  . GLN B 1 2  ? 5.838   17.329  1.739   1.00 26.82  ? 2   GLN B CB  1 
ATOM   783  C CG  . GLN B 1 2  ? 6.349   16.542  0.539   1.00 31.35  ? 2   GLN B CG  1 
ATOM   784  C CD  . GLN B 1 2  ? 6.960   17.417  -0.530  1.00 34.30  ? 2   GLN B CD  1 
ATOM   785  O OE1 . GLN B 1 2  ? 8.175   17.419  -0.720  1.00 38.71  ? 2   GLN B OE1 1 
ATOM   786  N NE2 . GLN B 1 2  ? 6.120   18.161  -1.241  1.00 36.55  ? 2   GLN B NE2 1 
ATOM   787  N N   . ILE B 1 3  ? 5.457   14.091  2.922   1.00 25.49  ? 3   ILE B N   1 
ATOM   788  C CA  . ILE B 1 3  ? 6.181   12.884  3.343   1.00 23.75  ? 3   ILE B CA  1 
ATOM   789  C C   . ILE B 1 3  ? 6.916   12.200  2.189   1.00 22.26  ? 3   ILE B C   1 
ATOM   790  O O   . ILE B 1 3  ? 6.311   11.844  1.177   1.00 20.61  ? 3   ILE B O   1 
ATOM   791  C CB  . ILE B 1 3  ? 5.214   11.879  4.019   1.00 23.35  ? 3   ILE B CB  1 
ATOM   792  C CG1 . ILE B 1 3  ? 4.557   12.532  5.237   1.00 21.49  ? 3   ILE B CG1 1 
ATOM   793  C CG2 . ILE B 1 3  ? 5.949   10.607  4.416   1.00 23.02  ? 3   ILE B CG2 1 
ATOM   794  C CD1 . ILE B 1 3  ? 3.722   11.591  6.070   1.00 26.25  ? 3   ILE B CD1 1 
ATOM   795  N N   . THR B 1 4  ? 8.233   12.064  2.333   1.00 20.39  ? 4   THR B N   1 
ATOM   796  C CA  . THR B 1 4  ? 9.060   11.401  1.314   1.00 19.00  ? 4   THR B CA  1 
ATOM   797  C C   . THR B 1 4  ? 8.937   9.897   1.530   1.00 17.31  ? 4   THR B C   1 
ATOM   798  O O   . THR B 1 4  ? 8.525   9.457   2.602   1.00 18.66  ? 4   THR B O   1 
ATOM   799  C CB  . THR B 1 4  ? 10.539  11.844  1.393   1.00 21.76  ? 4   THR B CB  1 
ATOM   800  O OG1 . THR B 1 4  ? 11.086  11.507  2.675   1.00 23.65  ? 4   THR B OG1 1 
ATOM   801  C CG2 . THR B 1 4  ? 10.647  13.347  1.182   1.00 22.26  ? 4   THR B CG2 1 
ATOM   802  N N   . LEU B 1 5  ? 9.304   9.108   0.530   1.00 15.60  ? 5   LEU B N   1 
ATOM   803  C CA  . LEU B 1 5  ? 9.160   7.648   0.642   1.00 16.88  ? 5   LEU B CA  1 
ATOM   804  C C   . LEU B 1 5  ? 10.435  6.824   0.790   1.00 17.19  ? 5   LEU B C   1 
ATOM   805  O O   . LEU B 1 5  ? 10.439  5.632   0.482   1.00 17.72  ? 5   LEU B O   1 
ATOM   806  C CB  . LEU B 1 5  ? 8.317   7.132   -0.527  1.00 14.91  ? 5   LEU B CB  1 
ATOM   807  C CG  . LEU B 1 5  ? 6.926   7.769   -0.596  1.00 14.43  ? 5   LEU B CG  1 
ATOM   808  C CD1 . LEU B 1 5  ? 6.233   7.405   -1.893  1.00 16.41  ? 5   LEU B CD1 1 
ATOM   809  C CD2 . LEU B 1 5  ? 6.096   7.340   0.611   1.00 13.82  ? 5   LEU B CD2 1 
ATOM   810  N N   . TRP B 1 6  ? 11.509  7.447   1.273   1.00 18.79  ? 6   TRP B N   1 
ATOM   811  C CA  . TRP B 1 6  ? 12.786  6.733   1.477   1.00 19.09  ? 6   TRP B CA  1 
ATOM   812  C C   . TRP B 1 6  ? 12.568  5.617   2.496   1.00 19.81  ? 6   TRP B C   1 
ATOM   813  O O   . TRP B 1 6  ? 13.092  4.510   2.362   1.00 20.54  ? 6   TRP B O   1 
ATOM   814  C CB  . TRP B 1 6  ? 13.860  7.689   1.991   1.00 20.39  ? 6   TRP B CB  1 
ATOM   815  C CG  . TRP B 1 6  ? 14.252  8.740   1.010   1.00 21.69  ? 6   TRP B CG  1 
ATOM   816  C CD1 . TRP B 1 6  ? 13.962  10.072  1.077   1.00 22.85  ? 6   TRP B CD1 1 
ATOM   817  C CD2 . TRP B 1 6  ? 15.031  8.558   -0.178  1.00 23.64  ? 6   TRP B CD2 1 
ATOM   818  N NE1 . TRP B 1 6  ? 14.515  10.731  0.005   1.00 24.48  ? 6   TRP B NE1 1 
ATOM   819  C CE2 . TRP B 1 6  ? 15.177  9.825   -0.780  1.00 24.54  ? 6   TRP B CE2 1 
ATOM   820  C CE3 . TRP B 1 6  ? 15.624  7.442   -0.789  1.00 26.18  ? 6   TRP B CE3 1 
ATOM   821  C CZ2 . TRP B 1 6  ? 15.895  10.015  -1.969  1.00 26.07  ? 6   TRP B CZ2 1 
ATOM   822  C CZ3 . TRP B 1 6  ? 16.340  7.631   -1.974  1.00 26.82  ? 6   TRP B CZ3 1 
ATOM   823  C CH2 . TRP B 1 6  ? 16.468  8.909   -2.548  1.00 26.25  ? 6   TRP B CH2 1 
ATOM   824  N N   . LYS B 1 7  ? 11.782  5.930   3.517   1.00 19.13  ? 7   LYS B N   1 
ATOM   825  C CA  . LYS B 1 7  ? 11.446  4.969   4.574   1.00 19.91  ? 7   LYS B CA  1 
ATOM   826  C C   . LYS B 1 7  ? 9.931   4.822   4.611   1.00 18.19  ? 7   LYS B C   1 
ATOM   827  O O   . LYS B 1 7  ? 9.214   5.588   3.966   1.00 15.72  ? 7   LYS B O   1 
ATOM   828  C CB  . LYS B 1 7  ? 11.979  5.443   5.934   1.00 23.57  ? 7   LYS B CB  1 
ATOM   829  C CG  . LYS B 1 7  ? 12.436  6.898   5.982   1.00 30.97  ? 7   LYS B CG  1 
ATOM   830  C CD  . LYS B 1 7  ? 11.278  7.867   5.803   1.00 37.76  ? 7   LYS B CD  1 
ATOM   831  C CE  . LYS B 1 7  ? 11.586  8.905   4.730   1.00 39.57  ? 7   LYS B CE  1 
ATOM   832  N NZ  . LYS B 1 7  ? 10.534  9.950   4.659   1.00 45.38  ? 7   LYS B NZ  1 
ATOM   833  N N   . ARG B 1 8  ? 9.449   3.817   5.333   1.00 16.88  ? 8   ARG B N   1 
ATOM   834  C CA  . ARG B 1 8  ? 8.002   3.580   5.449   1.00 15.94  ? 8   ARG B CA  1 
ATOM   835  C C   . ARG B 1 8  ? 7.308   4.811   6.026   1.00 15.43  ? 8   ARG B C   1 
ATOM   836  O O   . ARG B 1 8  ? 7.768   5.382   7.016   1.00 16.68  ? 8   ARG B O   1 
ATOM   837  C CB  . ARG B 1 8  ? 7.738   2.372   6.343   1.00 14.22  ? 8   ARG B CB  1 
ATOM   838  C CG  . ARG B 1 8  ? 8.225   1.067   5.779   1.00 17.16  ? 8   ARG B CG  1 
ATOM   839  C CD  . ARG B 1 8  ? 7.926   -0.071  6.732   1.00 20.15  ? 8   ARG B CD  1 
ATOM   840  N NE  . ARG B 1 8  ? 8.276   -1.369  6.143   1.00 26.89  ? 8   ARG B NE  1 
ATOM   841  C CZ  . ARG B 1 8  ? 7.940   -2.546  6.664   1.00 30.67  ? 8   ARG B CZ  1 
ATOM   842  N NH1 . ARG B 1 8  ? 7.242   -2.608  7.791   1.00 33.48  ? 8   ARG B NH1 1 
ATOM   843  N NH2 . ARG B 1 8  ? 8.290   -3.667  6.045   1.00 30.47  ? 8   ARG B NH2 1 
ATOM   844  N N   . PRO B 1 9  ? 6.212   5.258   5.388   1.00 14.82  ? 9   PRO B N   1 
ATOM   845  C CA  . PRO B 1 9  ? 5.472   6.432   5.861   1.00 14.56  ? 9   PRO B CA  1 
ATOM   846  C C   . PRO B 1 9  ? 4.642   6.167   7.119   1.00 17.16  ? 9   PRO B C   1 
ATOM   847  O O   . PRO B 1 9  ? 3.419   6.019   7.054   1.00 15.70  ? 9   PRO B O   1 
ATOM   848  C CB  . PRO B 1 9  ? 4.607   6.795   4.651   1.00 14.09  ? 9   PRO B CB  1 
ATOM   849  C CG  . PRO B 1 9  ? 4.330   5.469   4.033   1.00 13.88  ? 9   PRO B CG  1 
ATOM   850  C CD  . PRO B 1 9  ? 5.668   4.773   4.105   1.00 13.52  ? 9   PRO B CD  1 
ATOM   851  N N   . LEU B 1 10 ? 5.328   6.104   8.259   1.00 17.54  ? 10  LEU B N   1 
ATOM   852  C CA  . LEU B 1 10 ? 4.691   5.870   9.567   1.00 20.15  ? 10  LEU B CA  1 
ATOM   853  C C   . LEU B 1 10 ? 4.347   7.189   10.255  1.00 21.69  ? 10  LEU B C   1 
ATOM   854  O O   . LEU B 1 10 ? 5.171   8.102   10.308  1.00 22.98  ? 10  LEU B O   1 
ATOM   855  C CB  . LEU B 1 10 ? 5.621   5.069   10.487  1.00 22.36  ? 10  LEU B CB  1 
ATOM   856  C CG  . LEU B 1 10 ? 5.669   3.537   10.453  1.00 25.09  ? 10  LEU B CG  1 
ATOM   857  C CD1 . LEU B 1 10 ? 4.340   2.946   10.887  1.00 26.48  ? 10  LEU B CD1 1 
ATOM   858  C CD2 . LEU B 1 10 ? 6.033   3.053   9.079   1.00 28.02  ? 10  LEU B CD2 1 
ATOM   859  N N   . VAL B 1 11 ? 3.130   7.284   10.779  1.00 20.56  ? 11  VAL B N   1 
ATOM   860  C CA  . VAL B 1 11 ? 2.684   8.493   11.490  1.00 20.46  ? 11  VAL B CA  1 
ATOM   861  C C   . VAL B 1 11 ? 1.955   8.094   12.765  1.00 20.73  ? 11  VAL B C   1 
ATOM   862  O O   . VAL B 1 11 ? 1.589   6.932   12.945  1.00 21.15  ? 11  VAL B O   1 
ATOM   863  C CB  . VAL B 1 11 ? 1.734   9.375   10.628  1.00 20.13  ? 11  VAL B CB  1 
ATOM   864  C CG1 . VAL B 1 11 ? 2.455   9.883   9.391   1.00 20.00  ? 11  VAL B CG1 1 
ATOM   865  C CG2 . VAL B 1 11 ? 0.478   8.603   10.250  1.00 17.71  ? 11  VAL B CG2 1 
ATOM   866  N N   . THR B 1 12 ? 1.778   9.055   13.665  1.00 21.23  ? 12  THR B N   1 
ATOM   867  C CA  . THR B 1 12 ? 1.071   8.795   14.923  1.00 20.40  ? 12  THR B CA  1 
ATOM   868  C C   . THR B 1 12 ? -0.419  9.040   14.718  1.00 19.81  ? 12  THR B C   1 
ATOM   869  O O   . THR B 1 12 ? -0.821  10.033  14.105  1.00 18.67  ? 12  THR B O   1 
ATOM   870  C CB  . THR B 1 12 ? 1.574   9.706   16.066  1.00 21.83  ? 12  THR B CB  1 
ATOM   871  O OG1 . THR B 1 12 ? 2.996   9.584   16.184  1.00 24.60  ? 12  THR B OG1 1 
ATOM   872  C CG2 . THR B 1 12 ? 0.937   9.299   17.390  1.00 22.05  ? 12  THR B CG2 1 
ATOM   873  N N   . ILE B 1 13 ? -1.228  8.100   15.186  1.00 19.74  ? 13  ILE B N   1 
ATOM   874  C CA  . ILE B 1 13 ? -2.686  8.217   15.082  1.00 21.66  ? 13  ILE B CA  1 
ATOM   875  C C   . ILE B 1 13 ? -3.292  8.036   16.466  1.00 23.02  ? 13  ILE B C   1 
ATOM   876  O O   . ILE B 1 13 ? -2.640  7.521   17.373  1.00 25.17  ? 13  ILE B O   1 
ATOM   877  C CB  . ILE B 1 13 ? -3.295  7.147   14.146  1.00 20.01  ? 13  ILE B CB  1 
ATOM   878  C CG1 . ILE B 1 13 ? -2.987  5.740   14.671  1.00 19.91  ? 13  ILE B CG1 1 
ATOM   879  C CG2 . ILE B 1 13 ? -2.780  7.338   12.724  1.00 21.79  ? 13  ILE B CG2 1 
ATOM   880  C CD1 . ILE B 1 13 ? -3.814  4.651   14.028  1.00 17.78  ? 13  ILE B CD1 1 
ATOM   881  N N   . ARG B 1 14 ? -4.532  8.477   16.624  1.00 24.48  ? 14  ARG B N   1 
ATOM   882  C CA  . ARG B 1 14 ? -5.244  8.339   17.899  1.00 25.89  ? 14  ARG B CA  1 
ATOM   883  C C   . ARG B 1 14 ? -6.537  7.591   17.618  1.00 26.90  ? 14  ARG B C   1 
ATOM   884  O O   . ARG B 1 14 ? -7.377  8.050   16.841  1.00 27.76  ? 14  ARG B O   1 
ATOM   885  C CB  . ARG B 1 14 ? -5.532  9.707   18.506  1.00 27.41  ? 14  ARG B CB  1 
ATOM   886  N N   . ILE B 1 15 ? -6.664  6.413   18.216  1.00 27.97  ? 15  ILE B N   1 
ATOM   887  C CA  . ILE B 1 15 ? -7.852  5.572   18.037  1.00 27.60  ? 15  ILE B CA  1 
ATOM   888  C C   . ILE B 1 15 ? -8.241  4.943   19.370  1.00 30.09  ? 15  ILE B C   1 
ATOM   889  O O   . ILE B 1 15 ? -7.425  4.288   20.021  1.00 30.76  ? 15  ILE B O   1 
ATOM   890  C CB  . ILE B 1 15 ? -7.603  4.474   16.968  1.00 26.29  ? 15  ILE B CB  1 
ATOM   891  C CG1 . ILE B 1 15 ? -8.853  3.610   16.796  1.00 27.26  ? 15  ILE B CG1 1 
ATOM   892  C CG2 . ILE B 1 15 ? -6.388  3.626   17.332  1.00 24.77  ? 15  ILE B CG2 1 
ATOM   893  C CD1 . ILE B 1 15 ? -8.760  2.625   15.654  1.00 27.78  ? 15  ILE B CD1 1 
ATOM   894  N N   . GLY B 1 16 ? -9.480  5.191   19.789  1.00 32.23  ? 16  GLY B N   1 
ATOM   895  C CA  . GLY B 1 16 ? -9.975  4.655   21.048  1.00 34.59  ? 16  GLY B CA  1 
ATOM   896  C C   . GLY B 1 16 ? -9.206  5.134   22.268  1.00 35.06  ? 16  GLY B C   1 
ATOM   897  O O   . GLY B 1 16 ? -8.983  4.366   23.207  1.00 36.38  ? 16  GLY B O   1 
ATOM   898  N N   . GLY B 1 17 ? -8.781  6.396   22.244  1.00 35.44  ? 17  GLY B N   1 
ATOM   899  C CA  . GLY B 1 17 ? -8.038  6.967   23.357  1.00 36.46  ? 17  GLY B CA  1 
ATOM   900  C C   . GLY B 1 17 ? -6.582  6.546   23.451  1.00 38.18  ? 17  GLY B C   1 
ATOM   901  O O   . GLY B 1 17 ? -5.911  6.834   24.448  1.00 38.29  ? 17  GLY B O   1 
ATOM   902  N N   . GLN B 1 18 ? -6.087  5.865   22.420  1.00 38.81  ? 18  GLN B N   1 
ATOM   903  C CA  . GLN B 1 18 ? -4.689  5.403   22.398  1.00 38.60  ? 18  GLN B CA  1 
ATOM   904  C C   . GLN B 1 18 ? -3.930  5.937   21.194  1.00 37.76  ? 18  GLN B C   1 
ATOM   905  O O   . GLN B 1 18 ? -4.470  6.018   20.090  1.00 39.01  ? 18  GLN B O   1 
ATOM   906  C CB  . GLN B 1 18 ? -4.622  3.874   22.390  1.00 40.00  ? 18  GLN B CB  1 
ATOM   907  C CG  . GLN B 1 18 ? -5.265  3.207   23.591  1.00 43.05  ? 18  GLN B CG  1 
ATOM   908  C CD  . GLN B 1 18 ? -4.904  1.742   23.705  1.00 45.32  ? 18  GLN B CD  1 
ATOM   909  O OE1 . GLN B 1 18 ? -4.941  1.001   22.723  1.00 47.97  ? 18  GLN B OE1 1 
ATOM   910  N NE2 . GLN B 1 18 ? -4.540  1.315   24.911  1.00 46.31  ? 18  GLN B NE2 1 
ATOM   911  N N   . LEU B 1 19 ? -2.676  6.311   21.419  1.00 35.25  ? 19  LEU B N   1 
ATOM   912  C CA  . LEU B 1 19 ? -1.820  6.822   20.346  1.00 33.75  ? 19  LEU B CA  1 
ATOM   913  C C   . LEU B 1 19 ? -1.042  5.648   19.760  1.00 33.19  ? 19  LEU B C   1 
ATOM   914  O O   . LEU B 1 19 ? -0.363  4.920   20.488  1.00 33.41  ? 19  LEU B O   1 
ATOM   915  C CB  . LEU B 1 19 ? -0.854  7.881   20.882  1.00 34.99  ? 19  LEU B CB  1 
ATOM   916  C CG  . LEU B 1 19 ? -1.471  9.101   21.574  1.00 35.14  ? 19  LEU B CG  1 
ATOM   917  C CD1 . LEU B 1 19 ? -0.367  10.075  21.942  1.00 36.19  ? 19  LEU B CD1 1 
ATOM   918  C CD2 . LEU B 1 19 ? -2.492  9.774   20.668  1.00 35.65  ? 19  LEU B CD2 1 
ATOM   919  N N   . LYS B 1 20 ? -1.170  5.453   18.451  1.00 30.91  ? 20  LYS B N   1 
ATOM   920  C CA  . LYS B 1 20 ? -0.480  4.355   17.754  1.00 28.93  ? 20  LYS B CA  1 
ATOM   921  C C   . LYS B 1 20 ? 0.335   4.835   16.560  1.00 26.12  ? 20  LYS B C   1 
ATOM   922  O O   . LYS B 1 20 ? 0.191   5.969   16.109  1.00 26.01  ? 20  LYS B O   1 
ATOM   923  C CB  . LYS B 1 20 ? -1.492  3.305   17.283  1.00 30.52  ? 20  LYS B CB  1 
ATOM   924  C CG  . LYS B 1 20 ? -1.928  2.325   18.357  1.00 35.35  ? 20  LYS B CG  1 
ATOM   925  C CD  . LYS B 1 20 ? -2.982  1.355   17.839  1.00 37.38  ? 20  LYS B CD  1 
ATOM   926  C CE  . LYS B 1 20 ? -3.216  0.212   18.823  1.00 39.31  ? 20  LYS B CE  1 
ATOM   927  N NZ  . LYS B 1 20 ? -3.536  0.695   20.196  1.00 39.93  ? 20  LYS B NZ  1 
ATOM   928  N N   . GLU B 1 21 ? 1.205   3.959   16.070  1.00 23.75  ? 21  GLU B N   1 
ATOM   929  C CA  . GLU B 1 21 ? 2.046   4.259   14.905  1.00 22.61  ? 21  GLU B CA  1 
ATOM   930  C C   . GLU B 1 21 ? 1.427   3.503   13.735  1.00 21.57  ? 21  GLU B C   1 
ATOM   931  O O   . GLU B 1 21 ? 1.299   2.281   13.785  1.00 22.27  ? 21  GLU B O   1 
ATOM   932  C CB  . GLU B 1 21 ? 3.474   3.769   15.148  0.50 22.83  ? 21  GLU B CB  1 
ATOM   933  C CG  . GLU B 1 21 ? 4.515   4.370   14.217  0.50 24.89  ? 21  GLU B CG  1 
ATOM   934  C CD  . GLU B 1 21 ? 4.757   5.850   14.469  0.50 27.95  ? 21  GLU B CD  1 
ATOM   935  O OE1 . GLU B 1 21 ? 4.729   6.275   15.644  0.50 28.79  ? 21  GLU B OE1 1 
ATOM   936  O OE2 . GLU B 1 21 ? 4.986   6.591   13.489  0.50 28.91  ? 21  GLU B OE2 1 
ATOM   937  N N   . ALA B 1 22 ? 1.014   4.226   12.700  1.00 19.85  ? 22  ALA B N   1 
ATOM   938  C CA  . ALA B 1 22 ? 0.393   3.587   11.530  1.00 17.66  ? 22  ALA B CA  1 
ATOM   939  C C   . ALA B 1 22 ? 1.046   3.982   10.212  1.00 16.05  ? 22  ALA B C   1 
ATOM   940  O O   . ALA B 1 22 ? 1.610   5.066   10.077  1.00 16.12  ? 22  ALA B O   1 
ATOM   941  C CB  . ALA B 1 22 ? -1.099  3.881   11.493  1.00 16.70  ? 22  ALA B CB  1 
ATOM   942  N N   . LEU B 1 23 ? 0.953   3.077   9.247   1.00 15.51  ? 23  LEU B N   1 
ATOM   943  C CA  . LEU B 1 23 ? 1.529   3.258   7.910   1.00 13.51  ? 23  LEU B CA  1 
ATOM   944  C C   . LEU B 1 23 ? 0.507   3.867   6.947   1.00 14.49  ? 23  LEU B C   1 
ATOM   945  O O   . LEU B 1 23 ? -0.604  3.350   6.808   1.00 13.28  ? 23  LEU B O   1 
ATOM   946  C CB  . LEU B 1 23 ? 1.972   1.889   7.386   1.00 15.27  ? 23  LEU B CB  1 
ATOM   947  C CG  . LEU B 1 23 ? 2.688   1.753   6.047   1.00 16.20  ? 23  LEU B CG  1 
ATOM   948  C CD1 . LEU B 1 23 ? 4.077   2.330   6.153   1.00 16.80  ? 23  LEU B CD1 1 
ATOM   949  C CD2 . LEU B 1 23 ? 2.764   0.285   5.676   1.00 18.00  ? 23  LEU B CD2 1 
ATOM   950  N N   . LEU B 1 24 ? 0.866   4.986   6.316   1.00 13.84  ? 24  LEU B N   1 
ATOM   951  C CA  . LEU B 1 24 ? -0.022  5.639   5.337   1.00 13.09  ? 24  LEU B CA  1 
ATOM   952  C C   . LEU B 1 24 ? 0.071   4.775   4.085   1.00 12.42  ? 24  LEU B C   1 
ATOM   953  O O   . LEU B 1 24 ? 1.095   4.759   3.408   1.00 12.77  ? 24  LEU B O   1 
ATOM   954  C CB  . LEU B 1 24 ? 0.438   7.069   5.056   1.00 13.30  ? 24  LEU B CB  1 
ATOM   955  C CG  . LEU B 1 24 ? 0.425   7.998   6.273   1.00 14.61  ? 24  LEU B CG  1 
ATOM   956  C CD1 . LEU B 1 24 ? 0.791   9.405   5.846   1.00 17.11  ? 24  LEU B CD1 1 
ATOM   957  C CD2 . LEU B 1 24 ? -0.948  7.991   6.926   1.00 17.29  ? 24  LEU B CD2 1 
ATOM   958  N N   . ASP B 1 25 ? -1.011  4.066   3.786   1.00 9.85   ? 25  ASP B N   1 
ATOM   959  C CA  . ASP B 1 25 ? -1.030  3.125   2.661   1.00 10.98  ? 25  ASP B CA  1 
ATOM   960  C C   . ASP B 1 25 ? -2.018  3.454   1.542   1.00 11.82  ? 25  ASP B C   1 
ATOM   961  O O   . ASP B 1 25 ? -3.215  3.192   1.661   1.00 13.58  ? 25  ASP B O   1 
ATOM   962  C CB  . ASP B 1 25 ? -1.336  1.738   3.231   1.00 11.45  ? 25  ASP B CB  1 
ATOM   963  C CG  . ASP B 1 25 ? -0.930  0.605   2.310   1.00 12.72  ? 25  ASP B CG  1 
ATOM   964  O OD1 . ASP B 1 25 ? -0.771  0.814   1.089   1.00 14.25  ? 25  ASP B OD1 1 
ATOM   965  O OD2 . ASP B 1 25 ? -0.775  -0.516  2.832   1.00 15.44  ? 25  ASP B OD2 1 
ATOM   966  N N   . THR B 1 26 ? -1.497  3.959   0.426   1.00 12.55  ? 26  THR B N   1 
ATOM   967  C CA  . THR B 1 26 ? -2.339  4.302   -0.733  1.00 11.23  ? 26  THR B CA  1 
ATOM   968  C C   . THR B 1 26 ? -2.812  3.059   -1.487  1.00 11.66  ? 26  THR B C   1 
ATOM   969  O O   . THR B 1 26 ? -3.722  3.139   -2.311  1.00 13.02  ? 26  THR B O   1 
ATOM   970  C CB  . THR B 1 26 ? -1.604  5.232   -1.715  1.00 9.58   ? 26  THR B CB  1 
ATOM   971  O OG1 . THR B 1 26 ? -0.391  4.615   -2.155  1.00 10.97  ? 26  THR B OG1 1 
ATOM   972  C CG2 . THR B 1 26 ? -1.286  6.559   -1.052  1.00 10.32  ? 26  THR B CG2 1 
ATOM   973  N N   . GLY B 1 27 ? -2.191  1.917   -1.198  1.00 12.10  ? 27  GLY B N   1 
ATOM   974  C CA  . GLY B 1 27 ? -2.561  0.668   -1.848  1.00 9.94   ? 27  GLY B CA  1 
ATOM   975  C C   . GLY B 1 27 ? -3.619  -0.119  -1.092  1.00 11.54  ? 27  GLY B C   1 
ATOM   976  O O   . GLY B 1 27 ? -4.071  -1.167  -1.554  1.00 11.22  ? 27  GLY B O   1 
ATOM   977  N N   . ALA B 1 28 ? -4.011  0.383   0.075   1.00 10.95  ? 28  ALA B N   1 
ATOM   978  C CA  . ALA B 1 28 ? -5.028  -0.274  0.908   1.00 11.59  ? 28  ALA B CA  1 
ATOM   979  C C   . ALA B 1 28 ? -6.379  0.404   0.744   1.00 13.09  ? 28  ALA B C   1 
ATOM   980  O O   . ALA B 1 28 ? -6.502  1.610   0.957   1.00 13.07  ? 28  ALA B O   1 
ATOM   981  C CB  . ALA B 1 28 ? -4.613  -0.237  2.367   1.00 9.05   ? 28  ALA B CB  1 
ATOM   982  N N   . ASP B 1 29 ? -7.389  -0.368  0.363   1.00 12.80  ? 29  ASP B N   1 
ATOM   983  C CA  . ASP B 1 29 ? -8.741  0.185   0.201   1.00 15.41  ? 29  ASP B CA  1 
ATOM   984  C C   . ASP B 1 29 ? -9.304  0.570   1.557   1.00 15.47  ? 29  ASP B C   1 
ATOM   985  O O   . ASP B 1 29 ? -9.958  1.604   1.694   1.00 15.78  ? 29  ASP B O   1 
ATOM   986  C CB  . ASP B 1 29 ? -9.683  -0.845  -0.423  1.00 19.37  ? 29  ASP B CB  1 
ATOM   987  C CG  . ASP B 1 29 ? -9.428  -1.072  -1.895  1.00 21.11  ? 29  ASP B CG  1 
ATOM   988  O OD1 . ASP B 1 29 ? -8.669  -0.300  -2.521  1.00 22.16  ? 29  ASP B OD1 1 
ATOM   989  O OD2 . ASP B 1 29 ? -10.015 -2.030  -2.431  1.00 26.61  ? 29  ASP B OD2 1 
ATOM   990  N N   . ASP B 1 30 ? -9.039  -0.276  2.553   1.00 13.62  ? 30  ASP B N   1 
ATOM   991  C CA  . ASP B 1 30 ? -9.538  -0.070  3.922   1.00 13.84  ? 30  ASP B CA  1 
ATOM   992  C C   . ASP B 1 30 ? -8.422  0.183   4.927   1.00 13.59  ? 30  ASP B C   1 
ATOM   993  O O   . ASP B 1 30 ? -7.238  0.083   4.606   1.00 13.96  ? 30  ASP B O   1 
ATOM   994  C CB  . ASP B 1 30 ? -10.329 -1.298  4.387   1.00 19.07  ? 30  ASP B CB  1 
ATOM   995  C CG  . ASP B 1 30 ? -11.234 -1.862  3.307   1.00 23.54  ? 30  ASP B CG  1 
ATOM   996  O OD1 . ASP B 1 30 ? -12.263 -1.230  2.995   1.00 26.67  ? 30  ASP B OD1 1 
ATOM   997  O OD2 . ASP B 1 30 ? -10.908 -2.941  2.768   1.00 26.75  ? 30  ASP B OD2 1 
ATOM   998  N N   . THR B 1 31 ? -8.829  0.481   6.156   1.00 12.91  ? 31  THR B N   1 
ATOM   999  C CA  . THR B 1 31 ? -7.912  0.743   7.274   1.00 13.15  ? 31  THR B CA  1 
ATOM   1000 C C   . THR B 1 31 ? -7.895  -0.492  8.177   1.00 14.46  ? 31  THR B C   1 
ATOM   1001 O O   . THR B 1 31 ? -8.950  -0.957  8.616   1.00 15.99  ? 31  THR B O   1 
ATOM   1002 C CB  . THR B 1 31 ? -8.388  1.972   8.081   1.00 12.66  ? 31  THR B CB  1 
ATOM   1003 O OG1 . THR B 1 31 ? -8.218  3.155   7.290   1.00 13.46  ? 31  THR B OG1 1 
ATOM   1004 C CG2 . THR B 1 31 ? -7.614  2.109   9.384   1.00 10.92  ? 31  THR B CG2 1 
ATOM   1005 N N   . VAL B 1 32 ? -6.706  -1.037  8.430   1.00 14.70  ? 32  VAL B N   1 
ATOM   1006 C CA  . VAL B 1 32 ? -6.576  -2.233  9.286   1.00 15.51  ? 32  VAL B CA  1 
ATOM   1007 C C   . VAL B 1 32 ? -5.692  -1.949  10.493  1.00 15.35  ? 32  VAL B C   1 
ATOM   1008 O O   . VAL B 1 32 ? -4.500  -1.671  10.363  1.00 14.57  ? 32  VAL B O   1 
ATOM   1009 C CB  A VAL B 1 32 ? -5.992  -3.431  8.508   0.50 15.89  ? 32  VAL B CB  1 
ATOM   1010 C CB  B VAL B 1 32 ? -5.990  -3.432  8.509   0.50 15.87  ? 32  VAL B CB  1 
ATOM   1011 C CG1 A VAL B 1 32 ? -6.015  -4.686  9.379   0.50 16.59  ? 32  VAL B CG1 1 
ATOM   1012 C CG1 B VAL B 1 32 ? -6.025  -4.685  9.379   0.50 16.57  ? 32  VAL B CG1 1 
ATOM   1013 C CG2 A VAL B 1 32 ? -6.776  -3.657  7.226   0.50 19.15  ? 32  VAL B CG2 1 
ATOM   1014 C CG2 B VAL B 1 32 ? -6.759  -3.647  7.216   0.50 19.11  ? 32  VAL B CG2 1 
ATOM   1015 N N   . ILE B 1 33 ? -6.283  -2.068  11.673  1.00 17.05  ? 33  ILE B N   1 
ATOM   1016 C CA  . ILE B 1 33 ? -5.583  -1.807  12.935  1.00 18.19  ? 33  ILE B CA  1 
ATOM   1017 C C   . ILE B 1 33 ? -5.281  -3.098  13.680  1.00 19.82  ? 33  ILE B C   1 
ATOM   1018 O O   . ILE B 1 33 ? -6.054  -4.058  13.621  1.00 19.35  ? 33  ILE B O   1 
ATOM   1019 C CB  . ILE B 1 33 ? -6.428  -0.867  13.832  1.00 17.04  ? 33  ILE B CB  1 
ATOM   1020 C CG1 . ILE B 1 33 ? -6.689  0.454   13.101  1.00 18.23  ? 33  ILE B CG1 1 
ATOM   1021 C CG2 . ILE B 1 33 ? -5.741  -0.611  15.161  1.00 17.50  ? 33  ILE B CG2 1 
ATOM   1022 C CD1 . ILE B 1 33 ? -5.440  1.164   12.620  1.00 18.92  ? 33  ILE B CD1 1 
ATOM   1023 N N   . GLU B 1 34 ? -4.136  -3.122  14.356  1.00 21.54  ? 34  GLU B N   1 
ATOM   1024 C CA  . GLU B 1 34 ? -3.713  -4.288  15.142  1.00 24.56  ? 34  GLU B CA  1 
ATOM   1025 C C   . GLU B 1 34 ? -4.753  -4.575  16.220  1.00 26.00  ? 34  GLU B C   1 
ATOM   1026 O O   . GLU B 1 34 ? -5.457  -3.671  16.677  1.00 24.17  ? 34  GLU B O   1 
ATOM   1027 C CB  . GLU B 1 34 ? -2.334  -4.041  15.767  0.50 24.24  ? 34  GLU B CB  1 
ATOM   1028 C CG  . GLU B 1 34 ? -2.246  -2.795  16.645  0.50 26.09  ? 34  GLU B CG  1 
ATOM   1029 C CD  . GLU B 1 34 ? -0.813  -2.368  16.934  0.50 27.74  ? 34  GLU B CD  1 
ATOM   1030 O OE1 . GLU B 1 34 ? 0.083   -2.639  16.101  0.50 29.51  ? 34  GLU B OE1 1 
ATOM   1031 O OE2 . GLU B 1 34 ? -0.585  -1.740  17.990  0.50 28.03  ? 34  GLU B OE2 1 
ATOM   1032 N N   . GLU B 1 35 ? -4.850  -5.842  16.600  1.00 29.62  ? 35  GLU B N   1 
ATOM   1033 C CA  . GLU B 1 35 ? -5.815  -6.305  17.611  1.00 33.11  ? 35  GLU B CA  1 
ATOM   1034 C C   . GLU B 1 35 ? -5.943  -5.439  18.868  1.00 34.59  ? 35  GLU B C   1 
ATOM   1035 O O   . GLU B 1 35 ? -5.001  -5.316  19.656  1.00 34.42  ? 35  GLU B O   1 
ATOM   1036 C CB  . GLU B 1 35 ? -5.497  -7.752  18.003  1.00 33.71  ? 35  GLU B CB  1 
ATOM   1037 C CG  . GLU B 1 35 ? -6.480  -8.363  18.982  1.00 34.64  ? 35  GLU B CG  1 
ATOM   1038 C CD  . GLU B 1 35 ? -7.916  -8.221  18.523  1.00 36.49  ? 35  GLU B CD  1 
ATOM   1039 O OE1 . GLU B 1 35 ? -8.215  -8.591  17.368  1.00 37.97  ? 35  GLU B OE1 1 
ATOM   1040 O OE2 . GLU B 1 35 ? -8.742  -7.725  19.317  1.00 38.09  ? 35  GLU B OE2 1 
ATOM   1041 N N   . MET B 1 36 ? -7.114  -4.825  19.032  1.00 35.22  ? 36  MET B N   1 
ATOM   1042 C CA  . MET B 1 36 ? -7.401  -3.991  20.208  1.00 35.87  ? 36  MET B CA  1 
ATOM   1043 C C   . MET B 1 36 ? -8.882  -4.096  20.566  1.00 36.36  ? 36  MET B C   1 
ATOM   1044 O O   . MET B 1 36 ? -9.733  -4.275  19.690  1.00 35.05  ? 36  MET B O   1 
ATOM   1045 C CB  A MET B 1 36 ? -7.001  -2.531  19.958  0.50 36.80  ? 36  MET B CB  1 
ATOM   1046 C CB  B MET B 1 36 ? -6.994  -2.530  19.972  0.50 36.47  ? 36  MET B CB  1 
ATOM   1047 C CG  A MET B 1 36 ? -7.861  -1.783  18.955  0.50 36.88  ? 36  MET B CG  1 
ATOM   1048 C CG  B MET B 1 36 ? -7.812  -1.779  18.936  0.50 36.09  ? 36  MET B CG  1 
ATOM   1049 S SD  A MET B 1 36 ? -7.252  -0.108  18.667  0.50 39.19  ? 36  MET B SD  1 
ATOM   1050 S SD  B MET B 1 36 ? -7.225  -0.081  18.743  0.50 37.94  ? 36  MET B SD  1 
ATOM   1051 C CE  A MET B 1 36 ? -7.117  0.511   20.342  0.50 37.97  ? 36  MET B CE  1 
ATOM   1052 C CE  B MET B 1 36 ? -7.891  0.694   20.215  0.50 36.13  ? 36  MET B CE  1 
ATOM   1053 N N   . ASN B 1 37 ? -9.171  -4.021  21.863  1.00 37.84  ? 37  ASN B N   1 
ATOM   1054 C CA  . ASN B 1 37 ? -10.546 -4.140  22.374  1.00 39.18  ? 37  ASN B CA  1 
ATOM   1055 C C   . ASN B 1 37 ? -11.414 -2.904  22.180  1.00 39.83  ? 37  ASN B C   1 
ATOM   1056 O O   . ASN B 1 37 ? -11.591 -2.098  23.097  1.00 40.81  ? 37  ASN B O   1 
ATOM   1057 C CB  . ASN B 1 37 ? -10.526 -4.552  23.841  1.00 39.38  ? 37  ASN B CB  1 
ATOM   1058 N N   . LEU B 1 38 ? -11.957 -2.766  20.975  1.00 40.22  ? 38  LEU B N   1 
ATOM   1059 C CA  . LEU B 1 38 ? -12.838 -1.644  20.642  1.00 39.54  ? 38  LEU B CA  1 
ATOM   1060 C C   . LEU B 1 38 ? -14.264 -2.004  21.034  1.00 40.19  ? 38  LEU B C   1 
ATOM   1061 O O   . LEU B 1 38 ? -14.723 -3.119  20.779  1.00 40.36  ? 38  LEU B O   1 
ATOM   1062 C CB  . LEU B 1 38 ? -12.784 -1.343  19.142  1.00 39.31  ? 38  LEU B CB  1 
ATOM   1063 C CG  . LEU B 1 38 ? -11.532 -0.654  18.599  1.00 40.47  ? 38  LEU B CG  1 
ATOM   1064 C CD1 . LEU B 1 38 ? -11.623 -0.516  17.083  1.00 39.36  ? 38  LEU B CD1 1 
ATOM   1065 C CD2 . LEU B 1 38 ? -11.379 0.712   19.250  1.00 40.51  ? 38  LEU B CD2 1 
ATOM   1066 N N   . PRO B 1 39 ? -14.963 -1.085  21.716  1.00 40.63  ? 39  PRO B N   1 
ATOM   1067 C CA  . PRO B 1 39 ? -16.344 -1.344  22.131  1.00 40.43  ? 39  PRO B CA  1 
ATOM   1068 C C   . PRO B 1 39 ? -17.317 -1.156  20.975  1.00 39.75  ? 39  PRO B C   1 
ATOM   1069 O O   . PRO B 1 39 ? -17.044 -0.408  20.034  1.00 39.69  ? 39  PRO B O   1 
ATOM   1070 C CB  . PRO B 1 39 ? -16.568 -0.299  23.221  1.00 41.44  ? 39  PRO B CB  1 
ATOM   1071 C CG  . PRO B 1 39 ? -15.744 0.849   22.748  1.00 41.99  ? 39  PRO B CG  1 
ATOM   1072 C CD  . PRO B 1 39 ? -14.468 0.180   22.286  1.00 40.51  ? 39  PRO B CD  1 
ATOM   1073 N N   . GLY B 1 40 ? -18.447 -1.849  21.047  1.00 40.37  ? 40  GLY B N   1 
ATOM   1074 C CA  . GLY B 1 40 ? -19.449 -1.736  20.005  1.00 40.67  ? 40  GLY B CA  1 
ATOM   1075 C C   . GLY B 1 40 ? -19.669 -3.017  19.230  1.00 40.19  ? 40  GLY B C   1 
ATOM   1076 O O   . GLY B 1 40 ? -19.009 -4.032  19.474  1.00 39.23  ? 40  GLY B O   1 
ATOM   1077 N N   . LYS B 1 41 ? -20.628 -2.970  18.310  1.00 39.50  ? 41  LYS B N   1 
ATOM   1078 C CA  . LYS B 1 41 ? -20.956 -4.126  17.467  1.00 38.36  ? 41  LYS B CA  1 
ATOM   1079 C C   . LYS B 1 41 ? -20.050 -4.130  16.241  1.00 36.96  ? 41  LYS B C   1 
ATOM   1080 O O   . LYS B 1 41 ? -19.656 -3.073  15.740  1.00 37.00  ? 41  LYS B O   1 
ATOM   1081 C CB  . LYS B 1 41 ? -22.420 -4.072  17.044  1.00 39.91  ? 41  LYS B CB  1 
ATOM   1082 N N   . TRP B 1 42 ? -19.717 -5.324  15.768  1.00 33.30  ? 42  TRP B N   1 
ATOM   1083 C CA  . TRP B 1 42 ? -18.855 -5.472  14.592  1.00 31.34  ? 42  TRP B CA  1 
ATOM   1084 C C   . TRP B 1 42 ? -19.396 -6.544  13.661  1.00 30.42  ? 42  TRP B C   1 
ATOM   1085 O O   . TRP B 1 42 ? -20.295 -7.301  14.026  1.00 30.03  ? 42  TRP B O   1 
ATOM   1086 C CB  . TRP B 1 42 ? -17.429 -5.828  15.020  1.00 31.37  ? 42  TRP B CB  1 
ATOM   1087 C CG  . TRP B 1 42 ? -17.353 -6.996  15.954  1.00 31.55  ? 42  TRP B CG  1 
ATOM   1088 C CD1 . TRP B 1 42 ? -17.383 -6.955  17.316  1.00 32.32  ? 42  TRP B CD1 1 
ATOM   1089 C CD2 . TRP B 1 42 ? -17.235 -8.377  15.594  1.00 32.55  ? 42  TRP B CD2 1 
ATOM   1090 N NE1 . TRP B 1 42 ? -17.292 -8.227  17.830  1.00 33.41  ? 42  TRP B NE1 1 
ATOM   1091 C CE2 . TRP B 1 42 ? -17.200 -9.118  16.794  1.00 32.86  ? 42  TRP B CE2 1 
ATOM   1092 C CE3 . TRP B 1 42 ? -17.156 -9.062  14.374  1.00 33.78  ? 42  TRP B CE3 1 
ATOM   1093 C CZ2 . TRP B 1 42 ? -17.088 -10.511 16.811  1.00 33.35  ? 42  TRP B CZ2 1 
ATOM   1094 C CZ3 . TRP B 1 42 ? -17.045 -10.447 14.392  1.00 33.94  ? 42  TRP B CZ3 1 
ATOM   1095 C CH2 . TRP B 1 42 ? -17.012 -11.156 15.603  1.00 33.71  ? 42  TRP B CH2 1 
ATOM   1096 N N   . LYS B 1 43 ? -18.850 -6.591  12.452  1.00 28.54  ? 43  LYS B N   1 
ATOM   1097 C CA  . LYS B 1 43 ? -19.258 -7.583  11.455  1.00 27.40  ? 43  LYS B CA  1 
ATOM   1098 C C   . LYS B 1 43 ? -18.004 -8.308  10.973  1.00 27.72  ? 43  LYS B C   1 
ATOM   1099 O O   . LYS B 1 43 ? -17.001 -7.670  10.652  1.00 26.37  ? 43  LYS B O   1 
ATOM   1100 C CB  . LYS B 1 43 ? -19.961 -6.899  10.290  1.00 26.76  ? 43  LYS B CB  1 
ATOM   1101 N N   . PRO B 1 44 ? -18.027 -9.654  10.971  1.00 27.93  ? 44  PRO B N   1 
ATOM   1102 C CA  . PRO B 1 44 ? -16.872 -10.441 10.523  1.00 25.87  ? 44  PRO B CA  1 
ATOM   1103 C C   . PRO B 1 44 ? -16.608 -10.180 9.045   1.00 23.12  ? 44  PRO B C   1 
ATOM   1104 O O   . PRO B 1 44 ? -17.538 -9.983  8.263   1.00 21.03  ? 44  PRO B O   1 
ATOM   1105 C CB  . PRO B 1 44 ? -17.318 -11.883 10.783  1.00 28.40  ? 44  PRO B CB  1 
ATOM   1106 C CG  . PRO B 1 44 ? -18.802 -11.815 10.607  1.00 30.67  ? 44  PRO B CG  1 
ATOM   1107 C CD  . PRO B 1 44 ? -19.150 -10.536 11.334  1.00 30.29  ? 44  PRO B CD  1 
ATOM   1108 N N   . LYS B 1 45 ? -15.338 -10.177 8.666   1.00 20.98  ? 45  LYS B N   1 
ATOM   1109 C CA  . LYS B 1 45 ? -14.975 -9.900  7.276   1.00 19.73  ? 45  LYS B CA  1 
ATOM   1110 C C   . LYS B 1 45 ? -13.646 -10.550 6.932   1.00 17.84  ? 45  LYS B C   1 
ATOM   1111 O O   . LYS B 1 45 ? -12.841 -10.853 7.812   1.00 16.81  ? 45  LYS B O   1 
ATOM   1112 C CB  . LYS B 1 45 ? -14.879 -8.382  7.083   1.00 21.29  ? 45  LYS B CB  1 
ATOM   1113 C CG  . LYS B 1 45 ? -14.872 -7.904  5.649   1.00 23.60  ? 45  LYS B CG  1 
ATOM   1114 C CD  . LYS B 1 45 ? -14.740 -6.393  5.602   1.00 28.82  ? 45  LYS B CD  1 
ATOM   1115 C CE  . LYS B 1 45 ? -14.975 -5.851  4.205   1.00 31.24  ? 45  LYS B CE  1 
ATOM   1116 N NZ  . LYS B 1 45 ? -14.024 -6.424  3.218   1.00 36.95  ? 45  LYS B NZ  1 
ATOM   1117 N N   . MET B 1 46 ? -13.448 -10.807 5.645   1.00 18.12  ? 46  MET B N   1 
ATOM   1118 C CA  . MET B 1 46 ? -12.198 -11.400 5.154   1.00 20.27  ? 46  MET B CA  1 
ATOM   1119 C C   . MET B 1 46 ? -11.613 -10.473 4.099   1.00 21.21  ? 46  MET B C   1 
ATOM   1120 O O   . MET B 1 46 ? -12.271 -10.164 3.100   1.00 21.27  ? 46  MET B O   1 
ATOM   1121 C CB  A MET B 1 46 ? -12.483 -12.758 4.506   0.50 20.60  ? 46  MET B CB  1 
ATOM   1122 C CB  B MET B 1 46 ? -12.430 -12.807 4.602   0.50 21.35  ? 46  MET B CB  1 
ATOM   1123 C CG  A MET B 1 46 ? -13.062 -13.809 5.436   0.50 21.44  ? 46  MET B CG  1 
ATOM   1124 C CG  B MET B 1 46 ? -12.656 -13.842 5.695   0.50 22.54  ? 46  MET B CG  1 
ATOM   1125 S SD  A MET B 1 46 ? -11.804 -14.842 6.179   0.50 23.53  ? 46  MET B SD  1 
ATOM   1126 S SD  B MET B 1 46 ? -12.843 -15.515 5.078   0.50 26.21  ? 46  MET B SD  1 
ATOM   1127 C CE  A MET B 1 46 ? -11.501 -16.006 4.836   0.50 22.27  ? 46  MET B CE  1 
ATOM   1128 C CE  B MET B 1 46 ? -11.129 -15.990 4.851   0.50 23.27  ? 46  MET B CE  1 
ATOM   1129 N N   . ILE B 1 47 ? -10.410 -9.974  4.361   1.00 19.79  ? 47  ILE B N   1 
ATOM   1130 C CA  . ILE B 1 47 ? -9.726  -9.073  3.422   1.00 21.05  ? 47  ILE B CA  1 
ATOM   1131 C C   . ILE B 1 47 ? -8.534  -9.769  2.795   1.00 22.08  ? 47  ILE B C   1 
ATOM   1132 O O   . ILE B 1 47 ? -7.781  -10.469 3.473   1.00 21.83  ? 47  ILE B O   1 
ATOM   1133 C CB  . ILE B 1 47 ? -9.245  -7.773  4.101   1.00 21.39  ? 47  ILE B CB  1 
ATOM   1134 C CG1 . ILE B 1 47 ? -8.495  -8.099  5.395   1.00 22.22  ? 47  ILE B CG1 1 
ATOM   1135 C CG2 . ILE B 1 47 ? -10.416 -6.843  4.337   1.00 21.96  ? 47  ILE B CG2 1 
ATOM   1136 C CD1 . ILE B 1 47 ? -7.826  -6.915  6.023   1.00 25.36  ? 47  ILE B CD1 1 
ATOM   1137 N N   . GLY B 1 48 ? -8.371  -9.579  1.491   1.00 23.62  ? 48  GLY B N   1 
ATOM   1138 C CA  . GLY B 1 48 ? -7.268  -10.206 0.794   1.00 25.53  ? 48  GLY B CA  1 
ATOM   1139 C C   . GLY B 1 48 ? -6.157  -9.246  0.442   1.00 26.67  ? 48  GLY B C   1 
ATOM   1140 O O   . GLY B 1 48 ? -6.402  -8.128  -0.011  1.00 27.40  ? 48  GLY B O   1 
ATOM   1141 N N   . GLY B 1 49 ? -4.927  -9.687  0.674   1.00 27.32  ? 49  GLY B N   1 
ATOM   1142 C CA  . GLY B 1 49 ? -3.771  -8.876  0.358   1.00 30.25  ? 49  GLY B CA  1 
ATOM   1143 C C   . GLY B 1 49 ? -2.812  -9.700  -0.474  1.00 30.89  ? 49  GLY B C   1 
ATOM   1144 O O   . GLY B 1 49 ? -3.235  -10.448 -1.354  1.00 31.51  ? 49  GLY B O   1 
ATOM   1145 N N   A ILE B 1 50 ? -1.520  -9.569  -0.202  0.50 31.99  ? 50  ILE B N   1 
ATOM   1146 N N   B ILE B 1 50 ? -1.522  -9.555  -0.185  0.50 32.16  ? 50  ILE B N   1 
ATOM   1147 C CA  A ILE B 1 50 ? -0.492  -10.289 -0.969  0.50 32.17  ? 50  ILE B CA  1 
ATOM   1148 C CA  B ILE B 1 50 ? -0.465  -10.327 -0.857  0.50 32.55  ? 50  ILE B CA  1 
ATOM   1149 C C   A ILE B 1 50 ? -0.458  -11.821 -0.835  0.50 30.41  ? 50  ILE B C   1 
ATOM   1150 C C   B ILE B 1 50 ? -0.369  -11.593 -0.014  0.50 30.91  ? 50  ILE B C   1 
ATOM   1151 O O   A ILE B 1 50 ? -0.650  -12.525 -1.828  0.50 29.30  ? 50  ILE B O   1 
ATOM   1152 O O   B ILE B 1 50 ? -0.292  -11.517 1.215   0.50 30.09  ? 50  ILE B O   1 
ATOM   1153 C CB  . ILE B 1 50 ? 0.917   -9.640  -0.755  1.00 34.19  ? 50  ILE B CB  1 
ATOM   1154 C CG1 . ILE B 1 50 ? 0.889   -8.211  -1.307  1.00 36.04  ? 50  ILE B CG1 1 
ATOM   1155 C CG2 . ILE B 1 50 ? 1.992   -10.441 -1.494  1.00 34.76  ? 50  ILE B CG2 1 
ATOM   1156 C CD1 . ILE B 1 50 ? 0.591   -8.122  -2.796  1.00 36.72  ? 50  ILE B CD1 1 
ATOM   1157 N N   A GLY B 1 51 ? -0.261  -12.336 0.376   0.50 28.99  ? 51  GLY B N   1 
ATOM   1158 N N   B GLY B 1 51 ? -0.363  -12.747 -0.663  0.50 30.02  ? 51  GLY B N   1 
ATOM   1159 C CA  A GLY B 1 51 ? -0.197  -13.781 0.559   0.50 27.87  ? 51  GLY B CA  1 
ATOM   1160 C CA  B GLY B 1 51 ? -0.274  -13.986 0.082   0.50 28.96  ? 51  GLY B CA  1 
ATOM   1161 C C   A GLY B 1 51 ? -1.504  -14.525 0.795   0.50 27.92  ? 51  GLY B C   1 
ATOM   1162 C C   B GLY B 1 51 ? -1.631  -14.612 0.310   0.50 28.84  ? 51  GLY B C   1 
ATOM   1163 O O   A GLY B 1 51 ? -1.496  -15.732 1.041   0.50 28.10  ? 51  GLY B O   1 
ATOM   1164 O O   B GLY B 1 51 ? -1.785  -15.821 0.128   0.50 29.88  ? 51  GLY B O   1 
ATOM   1165 N N   . GLY B 1 52 ? -2.623  -13.814 0.703   1.00 27.49  ? 52  GLY B N   1 
ATOM   1166 C CA  . GLY B 1 52 ? -3.933  -14.402 0.925   1.00 25.81  ? 52  GLY B CA  1 
ATOM   1167 C C   . GLY B 1 52 ? -4.909  -13.575 1.741   1.00 24.54  ? 52  GLY B C   1 
ATOM   1168 O O   . GLY B 1 52 ? -4.834  -12.344 1.762   1.00 24.10  ? 52  GLY B O   1 
ATOM   1169 N N   . PHE B 1 53 ? -5.819  -14.267 2.429   1.00 22.08  ? 53  PHE B N   1 
ATOM   1170 C CA  . PHE B 1 53 ? -6.861  -13.625 3.252   1.00 19.61  ? 53  PHE B CA  1 
ATOM   1171 C C   . PHE B 1 53 ? -6.731  -13.867 4.749   1.00 21.08  ? 53  PHE B C   1 
ATOM   1172 O O   . PHE B 1 53 ? -6.232  -14.905 5.190   1.00 21.35  ? 53  PHE B O   1 
ATOM   1173 C CB  . PHE B 1 53 ? -8.250  -14.108 2.820   1.00 16.83  ? 53  PHE B CB  1 
ATOM   1174 C CG  . PHE B 1 53 ? -8.683  -13.611 1.471   1.00 15.63  ? 53  PHE B CG  1 
ATOM   1175 C CD1 . PHE B 1 53 ? -8.066  -14.071 0.312   1.00 12.99  ? 53  PHE B CD1 1 
ATOM   1176 C CD2 . PHE B 1 53 ? -9.716  -12.690 1.360   1.00 12.88  ? 53  PHE B CD2 1 
ATOM   1177 C CE1 . PHE B 1 53 ? -8.468  -13.618 -0.931  1.00 14.13  ? 53  PHE B CE1 1 
ATOM   1178 C CE2 . PHE B 1 53 ? -10.127 -12.229 0.116   1.00 15.32  ? 53  PHE B CE2 1 
ATOM   1179 C CZ  . PHE B 1 53 ? -9.501  -12.695 -1.033  1.00 13.50  ? 53  PHE B CZ  1 
ATOM   1180 N N   . ILE B 1 54 ? -7.213  -12.902 5.526   1.00 21.61  ? 54  ILE B N   1 
ATOM   1181 C CA  . ILE B 1 54 ? -7.215  -12.987 6.996   1.00 22.07  ? 54  ILE B CA  1 
ATOM   1182 C C   . ILE B 1 54 ? -8.590  -12.527 7.473   1.00 22.95  ? 54  ILE B C   1 
ATOM   1183 O O   . ILE B 1 54 ? -9.226  -11.685 6.829   1.00 21.98  ? 54  ILE B O   1 
ATOM   1184 C CB  . ILE B 1 54 ? -6.144  -12.077 7.652   1.00 23.59  ? 54  ILE B CB  1 
ATOM   1185 C CG1 . ILE B 1 54 ? -6.346  -10.618 7.236   1.00 23.16  ? 54  ILE B CG1 1 
ATOM   1186 C CG2 . ILE B 1 54 ? -4.745  -12.564 7.307   1.00 25.69  ? 54  ILE B CG2 1 
ATOM   1187 C CD1 . ILE B 1 54 ? -5.595  -9.633  8.106   1.00 26.49  ? 54  ILE B CD1 1 
ATOM   1188 N N   . LYS B 1 55 ? -9.072  -13.097 8.572   1.00 21.89  ? 55  LYS B N   1 
ATOM   1189 C CA  . LYS B 1 55 ? -10.380 -12.683 9.089   1.00 23.18  ? 55  LYS B CA  1 
ATOM   1190 C C   . LYS B 1 55 ? -10.209 -11.485 10.019  1.00 20.54  ? 55  LYS B C   1 
ATOM   1191 O O   . LYS B 1 55 ? -9.288  -11.439 10.838  1.00 18.94  ? 55  LYS B O   1 
ATOM   1192 C CB  . LYS B 1 55 ? -11.099 -13.825 9.815   1.00 26.29  ? 55  LYS B CB  1 
ATOM   1193 C CG  . LYS B 1 55 ? -12.530 -13.448 10.207  1.00 33.77  ? 55  LYS B CG  1 
ATOM   1194 C CD  . LYS B 1 55 ? -13.184 -14.431 11.170  1.00 40.24  ? 55  LYS B CD  1 
ATOM   1195 C CE  . LYS B 1 55 ? -13.889 -15.568 10.451  1.00 42.96  ? 55  LYS B CE  1 
ATOM   1196 N NZ  . LYS B 1 55 ? -12.946 -16.507 9.785   1.00 49.70  ? 55  LYS B NZ  1 
ATOM   1197 N N   . VAL B 1 56 ? -11.083 -10.499 9.847   1.00 18.90  ? 56  VAL B N   1 
ATOM   1198 C CA  . VAL B 1 56 ? -11.061 -9.278  10.663  1.00 18.61  ? 56  VAL B CA  1 
ATOM   1199 C C   . VAL B 1 56 ? -12.464 -8.951  11.168  1.00 18.98  ? 56  VAL B C   1 
ATOM   1200 O O   . VAL B 1 56 ? -13.449 -9.571  10.761  1.00 19.33  ? 56  VAL B O   1 
ATOM   1201 C CB  . VAL B 1 56 ? -10.534 -8.058  9.857   1.00 17.02  ? 56  VAL B CB  1 
ATOM   1202 C CG1 . VAL B 1 56 ? -9.088  -8.281  9.435   1.00 16.46  ? 56  VAL B CG1 1 
ATOM   1203 C CG2 . VAL B 1 56 ? -11.421 -7.800  8.638   1.00 13.51  ? 56  VAL B CG2 1 
ATOM   1204 N N   . ARG B 1 57 ? -12.536 -7.992  12.082  1.00 19.43  ? 57  ARG B N   1 
ATOM   1205 C CA  . ARG B 1 57 ? -13.814 -7.541  12.644  1.00 19.99  ? 57  ARG B CA  1 
ATOM   1206 C C   . ARG B 1 57 ? -14.008 -6.119  12.145  1.00 19.40  ? 57  ARG B C   1 
ATOM   1207 O O   . ARG B 1 57 ? -13.124 -5.273  12.289  1.00 18.83  ? 57  ARG B O   1 
ATOM   1208 C CB  . ARG B 1 57 ? -13.768 -7.580  14.172  1.00 21.51  ? 57  ARG B CB  1 
ATOM   1209 C CG  . ARG B 1 57 ? -13.548 -8.975  14.740  1.00 25.98  ? 57  ARG B CG  1 
ATOM   1210 C CD  . ARG B 1 57 ? -13.409 -8.945  16.254  1.00 33.36  ? 57  ARG B CD  1 
ATOM   1211 N NE  . ARG B 1 57 ? -12.274 -8.112  16.680  1.00 39.26  ? 57  ARG B NE  1 
ATOM   1212 C CZ  . ARG B 1 57 ? -12.196 -7.490  17.852  1.00 42.12  ? 57  ARG B CZ  1 
ATOM   1213 N NH1 . ARG B 1 57 ? -13.182 -7.601  18.733  1.00 47.16  ? 57  ARG B NH1 1 
ATOM   1214 N NH2 . ARG B 1 57 ? -11.143 -6.738  18.137  1.00 42.61  ? 57  ARG B NH2 1 
ATOM   1215 N N   . GLN B 1 58 ? -15.148 -5.873  11.515  1.00 19.71  ? 58  GLN B N   1 
ATOM   1216 C CA  . GLN B 1 58 ? -15.445 -4.550  10.959  1.00 20.96  ? 58  GLN B CA  1 
ATOM   1217 C C   . GLN B 1 58 ? -16.227 -3.634  11.894  1.00 23.20  ? 58  GLN B C   1 
ATOM   1218 O O   . GLN B 1 58 ? -17.366 -3.923  12.260  1.00 24.11  ? 58  GLN B O   1 
ATOM   1219 C CB  . GLN B 1 58 ? -16.196 -4.700  9.636   1.00 22.76  ? 58  GLN B CB  1 
ATOM   1220 C CG  . GLN B 1 58 ? -16.618 -3.388  9.009   1.00 25.03  ? 58  GLN B CG  1 
ATOM   1221 C CD  . GLN B 1 58 ? -17.479 -3.583  7.783   1.00 28.51  ? 58  GLN B CD  1 
ATOM   1222 O OE1 . GLN B 1 58 ? -17.346 -4.576  7.068   1.00 32.52  ? 58  GLN B OE1 1 
ATOM   1223 N NE2 . GLN B 1 58 ? -18.372 -2.634  7.532   1.00 28.52  ? 58  GLN B NE2 1 
ATOM   1224 N N   . TYR B 1 59 ? -15.601 -2.525  12.272  1.00 21.84  ? 59  TYR B N   1 
ATOM   1225 C CA  . TYR B 1 59 ? -16.239 -1.528  13.142  1.00 22.19  ? 59  TYR B CA  1 
ATOM   1226 C C   . TYR B 1 59 ? -16.500 -0.303  12.279  1.00 23.76  ? 59  TYR B C   1 
ATOM   1227 O O   . TYR B 1 59 ? -15.636 0.106   11.504  1.00 23.26  ? 59  TYR B O   1 
ATOM   1228 C CB  . TYR B 1 59 ? -15.318 -1.152  14.301  1.00 22.13  ? 59  TYR B CB  1 
ATOM   1229 C CG  . TYR B 1 59 ? -15.098 -2.254  15.311  1.00 22.77  ? 59  TYR B CG  1 
ATOM   1230 C CD1 . TYR B 1 59 ? -15.952 -2.405  16.403  1.00 24.65  ? 59  TYR B CD1 1 
ATOM   1231 C CD2 . TYR B 1 59 ? -14.030 -3.137  15.184  1.00 22.41  ? 59  TYR B CD2 1 
ATOM   1232 C CE1 . TYR B 1 59 ? -15.743 -3.408  17.347  1.00 24.91  ? 59  TYR B CE1 1 
ATOM   1233 C CE2 . TYR B 1 59 ? -13.811 -4.142  16.120  1.00 23.63  ? 59  TYR B CE2 1 
ATOM   1234 C CZ  . TYR B 1 59 ? -14.670 -4.273  17.198  1.00 25.89  ? 59  TYR B CZ  1 
ATOM   1235 O OH  . TYR B 1 59 ? -14.455 -5.271  18.120  1.00 24.67  ? 59  TYR B OH  1 
ATOM   1236 N N   . ASP B 1 60 ? -17.694 0.268   12.392  1.00 24.12  ? 60  ASP B N   1 
ATOM   1237 C CA  . ASP B 1 60 ? -18.050 1.455   11.599  1.00 25.63  ? 60  ASP B CA  1 
ATOM   1238 C C   . ASP B 1 60 ? -18.092 2.717   12.438  1.00 24.73  ? 60  ASP B C   1 
ATOM   1239 O O   . ASP B 1 60 ? -18.249 2.656   13.655  1.00 25.45  ? 60  ASP B O   1 
ATOM   1240 C CB  . ASP B 1 60 ? -19.401 1.253   10.919  1.00 29.55  ? 60  ASP B CB  1 
ATOM   1241 C CG  . ASP B 1 60 ? -19.413 0.059   9.992   1.00 34.38  ? 60  ASP B CG  1 
ATOM   1242 O OD1 . ASP B 1 60 ? -18.377 -0.203  9.342   1.00 37.38  ? 60  ASP B OD1 1 
ATOM   1243 O OD2 . ASP B 1 60 ? -20.459 -0.621  9.915   1.00 39.27  ? 60  ASP B OD2 1 
ATOM   1244 N N   . GLN B 1 61 ? -17.940 3.861   11.775  1.00 24.82  ? 61  GLN B N   1 
ATOM   1245 C CA  . GLN B 1 61 ? -17.977 5.175   12.438  1.00 25.33  ? 61  GLN B CA  1 
ATOM   1246 C C   . GLN B 1 61 ? -17.013 5.328   13.614  1.00 25.06  ? 61  GLN B C   1 
ATOM   1247 O O   . GLN B 1 61 ? -17.378 5.881   14.652  1.00 24.94  ? 61  GLN B O   1 
ATOM   1248 C CB  . GLN B 1 61 ? -19.405 5.503   12.887  0.50 24.69  ? 61  GLN B CB  1 
ATOM   1249 C CG  . GLN B 1 61 ? -20.412 5.598   11.752  0.50 26.24  ? 61  GLN B CG  1 
ATOM   1250 C CD  . GLN B 1 61 ? -20.080 6.703   10.771  0.50 26.91  ? 61  GLN B CD  1 
ATOM   1251 O OE1 . GLN B 1 61 ? -20.250 7.885   11.068  0.50 28.58  ? 61  GLN B OE1 1 
ATOM   1252 N NE2 . GLN B 1 61 ? -19.601 6.323   9.593   0.50 27.93  ? 61  GLN B NE2 1 
ATOM   1253 N N   . ILE B 1 62 ? -15.792 4.824   13.452  1.00 25.37  ? 62  ILE B N   1 
ATOM   1254 C CA  . ILE B 1 62 ? -14.762 4.928   14.500  1.00 24.10  ? 62  ILE B CA  1 
ATOM   1255 C C   . ILE B 1 62 ? -13.935 6.187   14.243  1.00 25.74  ? 62  ILE B C   1 
ATOM   1256 O O   . ILE B 1 62 ? -13.421 6.388   13.141  1.00 25.84  ? 62  ILE B O   1 
ATOM   1257 C CB  . ILE B 1 62 ? -13.817 3.701   14.503  1.00 24.22  ? 62  ILE B CB  1 
ATOM   1258 C CG1 . ILE B 1 62 ? -14.592 2.431   14.865  1.00 23.88  ? 62  ILE B CG1 1 
ATOM   1259 C CG2 . ILE B 1 62 ? -12.664 3.913   15.481  1.00 20.73  ? 62  ILE B CG2 1 
ATOM   1260 C CD1 . ILE B 1 62 ? -15.122 2.402   16.284  1.00 22.34  ? 62  ILE B CD1 1 
ATOM   1261 N N   . PRO B 1 63 ? -13.855 7.084   15.240  1.00 27.51  ? 63  PRO B N   1 
ATOM   1262 C CA  . PRO B 1 63 ? -13.089 8.329   15.116  1.00 27.55  ? 63  PRO B CA  1 
ATOM   1263 C C   . PRO B 1 63 ? -11.592 8.052   15.205  1.00 26.70  ? 63  PRO B C   1 
ATOM   1264 O O   . PRO B 1 63 ? -11.119 7.448   16.166  1.00 25.83  ? 63  PRO B O   1 
ATOM   1265 C CB  . PRO B 1 63 ? -13.559 9.145   16.326  1.00 28.30  ? 63  PRO B CB  1 
ATOM   1266 C CG  . PRO B 1 63 ? -14.902 8.548   16.674  1.00 29.45  ? 63  PRO B CG  1 
ATOM   1267 C CD  . PRO B 1 63 ? -14.641 7.082   16.485  1.00 28.97  ? 63  PRO B CD  1 
ATOM   1268 N N   . VAL B 1 64 ? -10.855 8.480   14.188  1.00 26.71  ? 64  VAL B N   1 
ATOM   1269 C CA  . VAL B 1 64 ? -9.402  8.283   14.157  1.00 27.57  ? 64  VAL B CA  1 
ATOM   1270 C C   . VAL B 1 64 ? -8.735  9.603   13.803  1.00 28.92  ? 64  VAL B C   1 
ATOM   1271 O O   . VAL B 1 64 ? -9.039  10.202  12.770  1.00 30.60  ? 64  VAL B O   1 
ATOM   1272 C CB  . VAL B 1 64 ? -8.985  7.219   13.100  1.00 27.35  ? 64  VAL B CB  1 
ATOM   1273 C CG1 . VAL B 1 64 ? -7.475  6.994   13.143  1.00 26.86  ? 64  VAL B CG1 1 
ATOM   1274 C CG2 . VAL B 1 64 ? -9.718  5.906   13.338  1.00 25.58  ? 64  VAL B CG2 1 
ATOM   1275 N N   . GLU B 1 65 ? -7.858  10.076  14.679  1.00 28.84  ? 65  GLU B N   1 
ATOM   1276 C CA  . GLU B 1 65 ? -7.137  11.328  14.429  1.00 30.39  ? 65  GLU B CA  1 
ATOM   1277 C C   . GLU B 1 65 ? -5.780  10.978  13.827  1.00 29.61  ? 65  GLU B C   1 
ATOM   1278 O O   . GLU B 1 65 ? -4.972  10.295  14.454  1.00 28.05  ? 65  GLU B O   1 
ATOM   1279 C CB  . GLU B 1 65 ? -6.962  12.120  15.723  1.00 34.51  ? 65  GLU B CB  1 
ATOM   1280 C CG  . GLU B 1 65 ? -6.396  13.513  15.509  1.00 41.61  ? 65  GLU B CG  1 
ATOM   1281 C CD  . GLU B 1 65 ? -6.214  14.275  16.800  1.00 44.47  ? 65  GLU B CD  1 
ATOM   1282 O OE1 . GLU B 1 65 ? -5.113  14.192  17.387  1.00 48.44  ? 65  GLU B OE1 1 
ATOM   1283 O OE2 . GLU B 1 65 ? -7.169  14.958  17.227  1.00 46.48  ? 65  GLU B OE2 1 
ATOM   1284 N N   . ILE B 1 66 ? -5.554  11.417  12.594  1.00 28.90  ? 66  ILE B N   1 
ATOM   1285 C CA  . ILE B 1 66 ? -4.294  11.135  11.889  1.00 28.65  ? 66  ILE B CA  1 
ATOM   1286 C C   . ILE B 1 66 ? -3.411  12.373  11.846  1.00 28.96  ? 66  ILE B C   1 
ATOM   1287 O O   . ILE B 1 66 ? -3.686  13.313  11.098  1.00 26.96  ? 66  ILE B O   1 
ATOM   1288 C CB  . ILE B 1 66 ? -4.561  10.669  10.440  1.00 28.17  ? 66  ILE B CB  1 
ATOM   1289 C CG1 . ILE B 1 66 ? -5.571  9.519   10.430  1.00 29.19  ? 66  ILE B CG1 1 
ATOM   1290 C CG2 . ILE B 1 66 ? -3.262  10.223  9.781   1.00 30.09  ? 66  ILE B CG2 1 
ATOM   1291 C CD1 . ILE B 1 66 ? -6.094  9.187   9.051   1.00 29.55  ? 66  ILE B CD1 1 
HETATM 1292 N N   . ABA B 1 67 ? -2.354  12.365  12.656  1.00 30.80  ? 67  ABA B N   1 
HETATM 1293 C CA  . ABA B 1 67 ? -1.404  13.489  12.724  1.00 33.67  ? 67  ABA B CA  1 
HETATM 1294 C C   . ABA B 1 67 ? -2.122  14.824  12.930  1.00 34.91  ? 67  ABA B C   1 
HETATM 1295 O O   . ABA B 1 67 ? -1.828  15.810  12.249  1.00 35.99  ? 67  ABA B O   1 
HETATM 1296 C CB  . ABA B 1 67 ? -0.533  13.535  11.462  1.00 34.74  ? 67  ABA B CB  1 
HETATM 1297 C CG  . ABA B 1 67 ? 0.935   13.287  11.718  1.00 36.58  ? 67  ABA B CG  1 
ATOM   1298 N N   . GLY B 1 68 ? -3.082  14.839  13.852  1.00 35.34  ? 68  GLY B N   1 
ATOM   1299 C CA  . GLY B 1 68 ? -3.828  16.055  14.126  1.00 36.32  ? 68  GLY B CA  1 
ATOM   1300 C C   . GLY B 1 68 ? -4.998  16.295  13.189  1.00 36.52  ? 68  GLY B C   1 
ATOM   1301 O O   . GLY B 1 68 ? -5.659  17.331  13.272  1.00 37.52  ? 68  GLY B O   1 
ATOM   1302 N N   . HIS B 1 69 ? -5.233  15.359  12.275  1.00 36.15  ? 69  HIS B N   1 
ATOM   1303 C CA  . HIS B 1 69 ? -6.350  15.465  11.327  1.00 36.62  ? 69  HIS B CA  1 
ATOM   1304 C C   . HIS B 1 69 ? -7.460  14.513  11.738  1.00 36.09  ? 69  HIS B C   1 
ATOM   1305 O O   . HIS B 1 69 ? -7.301  13.293  11.684  1.00 34.50  ? 69  HIS B O   1 
ATOM   1306 C CB  . HIS B 1 69 ? -5.890  15.147  9.908   1.00 39.51  ? 69  HIS B CB  1 
ATOM   1307 C CG  . HIS B 1 69 ? -5.076  16.233  9.280   1.00 40.95  ? 69  HIS B CG  1 
ATOM   1308 N ND1 . HIS B 1 69 ? -5.597  17.098  8.343   1.00 42.15  ? 69  HIS B ND1 1 
ATOM   1309 C CD2 . HIS B 1 69 ? -3.783  16.588  9.447   1.00 41.88  ? 69  HIS B CD2 1 
ATOM   1310 C CE1 . HIS B 1 69 ? -4.655  17.942  7.956   1.00 43.18  ? 69  HIS B CE1 1 
ATOM   1311 N NE2 . HIS B 1 69 ? -3.543  17.652  8.613   1.00 43.96  ? 69  HIS B NE2 1 
ATOM   1312 N N   . LYS B 1 70 ? -8.587  15.084  12.144  1.00 35.22  ? 70  LYS B N   1 
ATOM   1313 C CA  . LYS B 1 70 ? -9.739  14.297  12.591  1.00 35.45  ? 70  LYS B CA  1 
ATOM   1314 C C   . LYS B 1 70 ? -10.491 13.648  11.432  1.00 34.13  ? 70  LYS B C   1 
ATOM   1315 O O   . LYS B 1 70 ? -10.910 14.321  10.489  1.00 34.63  ? 70  LYS B O   1 
ATOM   1316 C CB  . LYS B 1 70 ? -10.676 15.183  13.416  1.00 38.12  ? 70  LYS B CB  1 
ATOM   1317 C CG  . LYS B 1 70 ? -9.967  15.915  14.552  1.00 42.09  ? 70  LYS B CG  1 
ATOM   1318 C CD  . LYS B 1 70 ? -10.872 16.925  15.243  1.00 45.50  ? 70  LYS B CD  1 
ATOM   1319 C CE  . LYS B 1 70 ? -11.966 16.244  16.046  1.00 48.06  ? 70  LYS B CE  1 
ATOM   1320 N NZ  . LYS B 1 70 ? -11.412 15.402  17.147  1.00 51.64  ? 70  LYS B NZ  1 
ATOM   1321 N N   . ALA B 1 71 ? -10.626 12.328  11.499  1.00 31.54  ? 71  ALA B N   1 
ATOM   1322 C CA  . ALA B 1 71 ? -11.335 11.551  10.473  1.00 29.34  ? 71  ALA B CA  1 
ATOM   1323 C C   . ALA B 1 71 ? -12.219 10.527  11.176  1.00 28.01  ? 71  ALA B C   1 
ATOM   1324 O O   . ALA B 1 71 ? -12.036 10.253  12.363  1.00 29.03  ? 71  ALA B O   1 
ATOM   1325 C CB  . ALA B 1 71 ? -10.337 10.853  9.549   1.00 28.20  ? 71  ALA B CB  1 
ATOM   1326 N N   . ILE B 1 72 ? -13.192 9.980   10.454  1.00 25.52  ? 72  ILE B N   1 
ATOM   1327 C CA  . ILE B 1 72 ? -14.100 8.984   11.038  1.00 24.52  ? 72  ILE B CA  1 
ATOM   1328 C C   . ILE B 1 72 ? -14.642 8.031   9.977   1.00 23.09  ? 72  ILE B C   1 
ATOM   1329 O O   . ILE B 1 72 ? -15.130 8.456   8.927   1.00 22.19  ? 72  ILE B O   1 
ATOM   1330 C CB  . ILE B 1 72 ? -15.262 9.665   11.830  1.00 26.77  ? 72  ILE B CB  1 
ATOM   1331 C CG1 . ILE B 1 72 ? -16.107 8.611   12.548  1.00 26.62  ? 72  ILE B CG1 1 
ATOM   1332 C CG2 . ILE B 1 72 ? -16.123 10.521  10.904  1.00 26.10  ? 72  ILE B CG2 1 
ATOM   1333 C CD1 . ILE B 1 72 ? -17.103 9.186   13.533  1.00 29.36  ? 72  ILE B CD1 1 
ATOM   1334 N N   . GLY B 1 73 ? -14.512 6.735   10.241  1.00 21.27  ? 73  GLY B N   1 
ATOM   1335 C CA  . GLY B 1 73 ? -14.991 5.747   9.295   1.00 19.68  ? 73  GLY B CA  1 
ATOM   1336 C C   . GLY B 1 73 ? -14.801 4.311   9.739   1.00 18.59  ? 73  GLY B C   1 
ATOM   1337 O O   . GLY B 1 73 ? -14.577 4.034   10.918  1.00 18.30  ? 73  GLY B O   1 
ATOM   1338 N N   . THR B 1 74 ? -14.891 3.402   8.772   1.00 17.57  ? 74  THR B N   1 
ATOM   1339 C CA  . THR B 1 74 ? -14.748 1.962   9.017   1.00 17.55  ? 74  THR B CA  1 
ATOM   1340 C C   . THR B 1 74 ? -13.312 1.574   9.342   1.00 17.73  ? 74  THR B C   1 
ATOM   1341 O O   . THR B 1 74 ? -12.369 2.006   8.679   1.00 18.93  ? 74  THR B O   1 
ATOM   1342 C CB  . THR B 1 74 ? -15.227 1.142   7.800   1.00 19.74  ? 74  THR B CB  1 
ATOM   1343 O OG1 . THR B 1 74 ? -16.612 1.414   7.557   1.00 21.79  ? 74  THR B OG1 1 
ATOM   1344 C CG2 . THR B 1 74 ? -15.052 -0.350  8.045   1.00 21.01  ? 74  THR B CG2 1 
ATOM   1345 N N   . VAL B 1 75 ? -13.161 0.770   10.387  1.00 16.16  ? 75  VAL B N   1 
ATOM   1346 C CA  . VAL B 1 75 ? -11.848 0.291   10.823  1.00 17.47  ? 75  VAL B CA  1 
ATOM   1347 C C   . VAL B 1 75 ? -11.935 -1.217  11.007  1.00 17.16  ? 75  VAL B C   1 
ATOM   1348 O O   . VAL B 1 75 ? -12.852 -1.720  11.655  1.00 18.18  ? 75  VAL B O   1 
ATOM   1349 C CB  . VAL B 1 75 ? -11.420 0.952   12.154  1.00 19.26  ? 75  VAL B CB  1 
ATOM   1350 C CG1 . VAL B 1 75 ? -10.175 0.276   12.707  1.00 19.38  ? 75  VAL B CG1 1 
ATOM   1351 C CG2 . VAL B 1 75 ? -11.159 2.440   11.941  1.00 20.07  ? 75  VAL B CG2 1 
ATOM   1352 N N   . LEU B 1 76 ? -10.995 -1.932  10.396  1.00 15.98  ? 76  LEU B N   1 
ATOM   1353 C CA  . LEU B 1 76 ? -10.938 -3.396  10.488  1.00 14.65  ? 76  LEU B CA  1 
ATOM   1354 C C   . LEU B 1 76 ? -9.897  -3.797  11.529  1.00 16.03  ? 76  LEU B C   1 
ATOM   1355 O O   . LEU B 1 76 ? -8.762  -3.323  11.495  1.00 18.36  ? 76  LEU B O   1 
ATOM   1356 C CB  . LEU B 1 76 ? -10.563 -3.989  9.129   1.00 12.42  ? 76  LEU B CB  1 
ATOM   1357 C CG  . LEU B 1 76 ? -11.403 -3.530  7.940   1.00 12.43  ? 76  LEU B CG  1 
ATOM   1358 C CD1 . LEU B 1 76 ? -10.879 -4.154  6.658   1.00 11.68  ? 76  LEU B CD1 1 
ATOM   1359 C CD2 . LEU B 1 76 ? -12.860 -3.895  8.165   1.00 14.24  ? 76  LEU B CD2 1 
ATOM   1360 N N   . VAL B 1 77 ? -10.289 -4.646  12.473  1.00 14.53  ? 77  VAL B N   1 
ATOM   1361 C CA  . VAL B 1 77 ? -9.360  -5.104  13.518  1.00 13.57  ? 77  VAL B CA  1 
ATOM   1362 C C   . VAL B 1 77 ? -9.032  -6.573  13.278  1.00 15.26  ? 77  VAL B C   1 
ATOM   1363 O O   . VAL B 1 77 ? -9.927  -7.404  13.127  1.00 14.76  ? 77  VAL B O   1 
ATOM   1364 C CB  . VAL B 1 77 ? -9.954  -4.929  14.933  1.00 12.31  ? 77  VAL B CB  1 
ATOM   1365 C CG1 . VAL B 1 77 ? -8.944  -5.341  15.983  1.00 10.88  ? 77  VAL B CG1 1 
ATOM   1366 C CG2 . VAL B 1 77 ? -10.362 -3.491  15.152  1.00 15.28  ? 77  VAL B CG2 1 
ATOM   1367 N N   . GLY B 1 78 ? -7.742  -6.881  13.221  1.00 16.17  ? 78  GLY B N   1 
ATOM   1368 C CA  . GLY B 1 78 ? -7.320  -8.246  12.984  1.00 17.39  ? 78  GLY B CA  1 
ATOM   1369 C C   . GLY B 1 78 ? -5.850  -8.438  13.279  1.00 19.99  ? 78  GLY B C   1 
ATOM   1370 O O   . GLY B 1 78 ? -5.171  -7.496  13.688  1.00 19.57  ? 78  GLY B O   1 
ATOM   1371 N N   . PRO B 1 79 ? -5.325  -9.655  13.072  1.00 23.34  ? 79  PRO B N   1 
ATOM   1372 C CA  . PRO B 1 79 ? -3.920  -10.005 13.313  1.00 26.47  ? 79  PRO B CA  1 
ATOM   1373 C C   . PRO B 1 79 ? -2.931  -9.444  12.286  1.00 28.64  ? 79  PRO B C   1 
ATOM   1374 O O   . PRO B 1 79 ? -2.133  -10.187 11.709  1.00 32.47  ? 79  PRO B O   1 
ATOM   1375 C CB  . PRO B 1 79 ? -3.952  -11.534 13.293  1.00 26.42  ? 79  PRO B CB  1 
ATOM   1376 C CG  . PRO B 1 79 ? -5.009  -11.823 12.267  1.00 25.84  ? 79  PRO B CG  1 
ATOM   1377 C CD  . PRO B 1 79 ? -6.096  -10.835 12.634  1.00 24.34  ? 79  PRO B CD  1 
ATOM   1378 N N   . THR B 1 80 ? -2.982  -8.134  12.066  1.00 28.37  ? 80  THR B N   1 
ATOM   1379 C CA  . THR B 1 80 ? -2.071  -7.478  11.114  1.00 28.19  ? 80  THR B CA  1 
ATOM   1380 C C   . THR B 1 80 ? -0.731  -7.163  11.786  1.00 26.32  ? 80  THR B C   1 
ATOM   1381 O O   . THR B 1 80 ? -0.687  -6.790  12.959  1.00 26.13  ? 80  THR B O   1 
ATOM   1382 C CB  . THR B 1 80 ? -2.694  -6.175  10.532  1.00 28.83  ? 80  THR B CB  1 
ATOM   1383 O OG1 . THR B 1 80 ? -1.788  -5.588  9.589   1.00 31.30  ? 80  THR B OG1 1 
ATOM   1384 C CG2 . THR B 1 80 ? -2.989  -5.167  11.632  1.00 27.57  ? 80  THR B CG2 1 
ATOM   1385 N N   . PRO B 1 81 ? 0.384   -7.353  11.056  1.00 26.47  ? 81  PRO B N   1 
ATOM   1386 C CA  . PRO B 1 81 ? 1.724   -7.087  11.588  1.00 26.05  ? 81  PRO B CA  1 
ATOM   1387 C C   . PRO B 1 81 ? 2.008   -5.605  11.823  1.00 27.02  ? 81  PRO B C   1 
ATOM   1388 O O   . PRO B 1 81 ? 2.922   -5.252  12.567  1.00 28.33  ? 81  PRO B O   1 
ATOM   1389 C CB  . PRO B 1 81 ? 2.640   -7.667  10.508  1.00 25.15  ? 81  PRO B CB  1 
ATOM   1390 C CG  . PRO B 1 81 ? 1.848   -7.477  9.258   1.00 26.06  ? 81  PRO B CG  1 
ATOM   1391 C CD  . PRO B 1 81 ? 0.466   -7.901  9.690   1.00 25.94  ? 81  PRO B CD  1 
ATOM   1392 N N   . VAL B 1 82 ? 1.200   -4.744  11.209  1.00 25.68  ? 82  VAL B N   1 
ATOM   1393 C CA  . VAL B 1 82 ? 1.374   -3.289  11.330  1.00 22.48  ? 82  VAL B CA  1 
ATOM   1394 C C   . VAL B 1 82 ? 0.044   -2.566  11.095  1.00 20.66  ? 82  VAL B C   1 
ATOM   1395 O O   . VAL B 1 82 ? -0.825  -3.071  10.383  1.00 20.93  ? 82  VAL B O   1 
ATOM   1396 C CB  . VAL B 1 82 ? 2.447   -2.795  10.308  1.00 23.70  ? 82  VAL B CB  1 
ATOM   1397 C CG1 . VAL B 1 82 ? 2.010   -3.106  8.888   1.00 25.05  ? 82  VAL B CG1 1 
ATOM   1398 C CG2 . VAL B 1 82 ? 2.723   -1.312  10.476  1.00 25.54  ? 82  VAL B CG2 1 
ATOM   1399 N N   . ASN B 1 83 ? -0.133  -1.414  11.740  1.00 20.29  ? 83  ASN B N   1 
ATOM   1400 C CA  . ASN B 1 83 ? -1.360  -0.612  11.571  1.00 18.70  ? 83  ASN B CA  1 
ATOM   1401 C C   . ASN B 1 83 ? -1.342  0.025   10.189  1.00 17.28  ? 83  ASN B C   1 
ATOM   1402 O O   . ASN B 1 83 ? -0.352  0.635   9.789   1.00 16.48  ? 83  ASN B O   1 
ATOM   1403 C CB  . ASN B 1 83 ? -1.452  0.471   12.641  1.00 19.13  ? 83  ASN B CB  1 
ATOM   1404 C CG  . ASN B 1 83 ? -1.633  -0.099  14.017  1.00 22.02  ? 83  ASN B CG  1 
ATOM   1405 O OD1 . ASN B 1 83 ? -2.551  -0.880  14.257  1.00 24.80  ? 83  ASN B OD1 1 
ATOM   1406 N ND2 . ASN B 1 83 ? -0.750  0.271   14.935  1.00 23.27  ? 83  ASN B ND2 1 
ATOM   1407 N N   . ILE B 1 84 ? -2.448  -0.107  9.469   1.00 14.62  ? 84  ILE B N   1 
ATOM   1408 C CA  . ILE B 1 84 ? -2.542  0.428   8.106   1.00 14.14  ? 84  ILE B CA  1 
ATOM   1409 C C   . ILE B 1 84 ? -3.670  1.437   7.943   1.00 13.39  ? 84  ILE B C   1 
ATOM   1410 O O   . ILE B 1 84 ? -4.830  1.127   8.213   1.00 11.14  ? 84  ILE B O   1 
ATOM   1411 C CB  . ILE B 1 84 ? -2.754  -0.727  7.092   1.00 14.48  ? 84  ILE B CB  1 
ATOM   1412 C CG1 . ILE B 1 84 ? -1.568  -1.692  7.155   1.00 16.47  ? 84  ILE B CG1 1 
ATOM   1413 C CG2 . ILE B 1 84 ? -2.946  -0.187  5.675   1.00 12.58  ? 84  ILE B CG2 1 
ATOM   1414 C CD1 . ILE B 1 84 ? -1.737  -2.921  6.311   1.00 17.81  ? 84  ILE B CD1 1 
ATOM   1415 N N   . ILE B 1 85 ? -3.316  2.655   7.542   1.00 12.68  ? 85  ILE B N   1 
ATOM   1416 C CA  . ILE B 1 85 ? -4.320  3.699   7.298   1.00 11.09  ? 85  ILE B CA  1 
ATOM   1417 C C   . ILE B 1 85 ? -4.602  3.642   5.805   1.00 10.80  ? 85  ILE B C   1 
ATOM   1418 O O   . ILE B 1 85 ? -3.723  3.928   4.991   1.00 10.09  ? 85  ILE B O   1 
ATOM   1419 C CB  . ILE B 1 85 ? -3.810  5.103   7.678   1.00 12.37  ? 85  ILE B CB  1 
ATOM   1420 C CG1 . ILE B 1 85 ? -3.487  5.160   9.172   1.00 13.76  ? 85  ILE B CG1 1 
ATOM   1421 C CG2 . ILE B 1 85 ? -4.860  6.150   7.336   1.00 12.10  ? 85  ILE B CG2 1 
ATOM   1422 C CD1 . ILE B 1 85 ? -4.682  4.900   10.073  1.00 15.94  ? 85  ILE B CD1 1 
ATOM   1423 N N   . GLY B 1 86 ? -5.816  3.227   5.457   1.00 10.39  ? 86  GLY B N   1 
ATOM   1424 C CA  . GLY B 1 86 ? -6.192  3.104   4.059   1.00 11.63  ? 86  GLY B CA  1 
ATOM   1425 C C   . GLY B 1 86 ? -6.817  4.328   3.422   1.00 11.46  ? 86  GLY B C   1 
ATOM   1426 O O   . GLY B 1 86 ? -6.965  5.370   4.059   1.00 12.04  ? 86  GLY B O   1 
ATOM   1427 N N   . ARG B 1 87 ? -7.207  4.174   2.161   1.00 11.67  ? 87  ARG B N   1 
ATOM   1428 C CA  . ARG B 1 87 ? -7.820  5.256   1.376   1.00 11.80  ? 87  ARG B CA  1 
ATOM   1429 C C   . ARG B 1 87 ? -9.126  5.795   1.933   1.00 12.60  ? 87  ARG B C   1 
ATOM   1430 O O   . ARG B 1 87 ? -9.450  6.962   1.713   1.00 14.81  ? 87  ARG B O   1 
ATOM   1431 C CB  . ARG B 1 87 ? -8.033  4.818   -0.075  1.00 9.73   ? 87  ARG B CB  1 
ATOM   1432 C CG  . ARG B 1 87 ? -6.753  4.677   -0.885  1.00 6.99   ? 87  ARG B CG  1 
ATOM   1433 C CD  . ARG B 1 87 ? -7.054  4.539   -2.370  1.00 9.55   ? 87  ARG B CD  1 
ATOM   1434 N NE  . ARG B 1 87 ? -7.890  3.366   -2.663  1.00 14.16  ? 87  ARG B NE  1 
ATOM   1435 C CZ  . ARG B 1 87 ? -9.203  3.411   -2.872  1.00 17.76  ? 87  ARG B CZ  1 
ATOM   1436 N NH1 . ARG B 1 87 ? -9.847  4.570   -2.830  1.00 19.16  ? 87  ARG B NH1 1 
ATOM   1437 N NH2 . ARG B 1 87 ? -9.878  2.292   -3.102  1.00 17.50  ? 87  ARG B NH2 1 
ATOM   1438 N N   . ASN B 1 88 ? -9.876  4.960   2.648   1.00 14.16  ? 88  ASN B N   1 
ATOM   1439 C CA  . ASN B 1 88 ? -11.156 5.406   3.223   1.00 16.68  ? 88  ASN B CA  1 
ATOM   1440 C C   . ASN B 1 88 ? -10.954 6.567   4.198   1.00 16.94  ? 88  ASN B C   1 
ATOM   1441 O O   . ASN B 1 88 ? -11.788 7.469   4.285   1.00 18.38  ? 88  ASN B O   1 
ATOM   1442 C CB  . ASN B 1 88 ? -11.901 4.243   3.891   1.00 15.30  ? 88  ASN B CB  1 
ATOM   1443 C CG  . ASN B 1 88 ? -11.196 3.720   5.122   1.00 15.18  ? 88  ASN B CG  1 
ATOM   1444 O OD1 . ASN B 1 88 ? -10.039 3.322   5.063   1.00 17.74  ? 88  ASN B OD1 1 
ATOM   1445 N ND2 . ASN B 1 88 ? -11.901 3.708   6.245   1.00 14.43  ? 88  ASN B ND2 1 
ATOM   1446 N N   . LEU B 1 89 ? -9.817  6.566   4.886   1.00 17.38  ? 89  LEU B N   1 
ATOM   1447 C CA  . LEU B 1 89 ? -9.493  7.631   5.841   1.00 17.06  ? 89  LEU B CA  1 
ATOM   1448 C C   . LEU B 1 89 ? -8.549  8.684   5.256   1.00 17.28  ? 89  LEU B C   1 
ATOM   1449 O O   . LEU B 1 89 ? -8.590  9.850   5.656   1.00 17.81  ? 89  LEU B O   1 
ATOM   1450 C CB  . LEU B 1 89 ? -8.898  7.041   7.121   1.00 15.38  ? 89  LEU B CB  1 
ATOM   1451 C CG  . LEU B 1 89 ? -9.829  6.171   7.971   1.00 17.03  ? 89  LEU B CG  1 
ATOM   1452 C CD1 . LEU B 1 89 ? -9.125  5.797   9.265   1.00 16.60  ? 89  LEU B CD1 1 
ATOM   1453 C CD2 . LEU B 1 89 ? -11.119 6.917   8.273   1.00 13.80  ? 89  LEU B CD2 1 
ATOM   1454 N N   . LEU B 1 90 ? -7.706  8.277   4.308   1.00 16.95  ? 90  LEU B N   1 
ATOM   1455 C CA  . LEU B 1 90 ? -6.749  9.203   3.670   1.00 16.50  ? 90  LEU B CA  1 
ATOM   1456 C C   . LEU B 1 90 ? -7.456  10.277  2.857   1.00 16.77  ? 90  LEU B C   1 
ATOM   1457 O O   . LEU B 1 90 ? -7.005  11.421  2.800   1.00 17.97  ? 90  LEU B O   1 
ATOM   1458 C CB  . LEU B 1 90 ? -5.758  8.441   2.791   1.00 15.67  ? 90  LEU B CB  1 
ATOM   1459 C CG  . LEU B 1 90 ? -4.697  7.619   3.530   1.00 17.15  ? 90  LEU B CG  1 
ATOM   1460 C CD1 . LEU B 1 90 ? -3.834  6.857   2.533   1.00 15.20  ? 90  LEU B CD1 1 
ATOM   1461 C CD2 . LEU B 1 90 ? -3.838  8.538   4.384   1.00 16.81  ? 90  LEU B CD2 1 
ATOM   1462 N N   . THR B 1 91 ? -8.567  9.908   2.232   1.00 17.35  ? 91  THR B N   1 
ATOM   1463 C CA  . THR B 1 91 ? -9.353  10.861  1.435   1.00 18.04  ? 91  THR B CA  1 
ATOM   1464 C C   . THR B 1 91 ? -9.957  11.932  2.336   1.00 18.32  ? 91  THR B C   1 
ATOM   1465 O O   . THR B 1 91 ? -10.147 13.071  1.916   1.00 21.65  ? 91  THR B O   1 
ATOM   1466 C CB  . THR B 1 91 ? -10.497 10.158  0.690   1.00 17.19  ? 91  THR B CB  1 
ATOM   1467 O OG1 . THR B 1 91 ? -11.260 9.368   1.612   1.00 20.00  ? 91  THR B OG1 1 
ATOM   1468 C CG2 . THR B 1 91 ? -9.955  9.272   -0.394  1.00 17.12  ? 91  THR B CG2 1 
ATOM   1469 N N   . GLN B 1 92 ? -10.242 11.558  3.580   1.00 18.60  ? 92  GLN B N   1 
ATOM   1470 C CA  . GLN B 1 92 ? -10.836 12.479  4.559   1.00 20.97  ? 92  GLN B CA  1 
ATOM   1471 C C   . GLN B 1 92 ? -9.872  13.548  5.064   1.00 22.10  ? 92  GLN B C   1 
ATOM   1472 O O   . GLN B 1 92 ? -10.305 14.623  5.483   1.00 25.64  ? 92  GLN B O   1 
ATOM   1473 C CB  . GLN B 1 92 ? -11.412 11.704  5.743   1.00 21.21  ? 92  GLN B CB  1 
ATOM   1474 C CG  . GLN B 1 92 ? -12.572 10.799  5.380   1.00 22.19  ? 92  GLN B CG  1 
ATOM   1475 C CD  . GLN B 1 92 ? -13.165 10.108  6.587   1.00 23.96  ? 92  GLN B CD  1 
ATOM   1476 O OE1 . GLN B 1 92 ? -13.126 10.633  7.698   1.00 26.47  ? 92  GLN B OE1 1 
ATOM   1477 N NE2 . GLN B 1 92 ? -13.719 8.921   6.378   1.00 26.67  ? 92  GLN B NE2 1 
ATOM   1478 N N   . ILE B 1 93 ? -8.575  13.251  5.062   1.00 21.70  ? 93  ILE B N   1 
ATOM   1479 C CA  . ILE B 1 93 ? -7.582  14.233  5.523   1.00 19.22  ? 93  ILE B CA  1 
ATOM   1480 C C   . ILE B 1 93 ? -6.963  15.005  4.356   1.00 19.50  ? 93  ILE B C   1 
ATOM   1481 O O   . ILE B 1 93 ? -6.016  15.769  4.541   1.00 21.84  ? 93  ILE B O   1 
ATOM   1482 C CB  . ILE B 1 93 ? -6.473  13.585  6.391   1.00 19.71  ? 93  ILE B CB  1 
ATOM   1483 C CG1 . ILE B 1 93 ? -5.648  12.593  5.573   1.00 18.17  ? 93  ILE B CG1 1 
ATOM   1484 C CG2 . ILE B 1 93 ? -7.093  12.900  7.600   1.00 18.02  ? 93  ILE B CG2 1 
ATOM   1485 C CD1 . ILE B 1 93 ? -4.487  12.004  6.338   1.00 20.33  ? 93  ILE B CD1 1 
ATOM   1486 N N   . GLY B 1 94 ? -7.515  14.798  3.160   1.00 19.14  ? 94  GLY B N   1 
ATOM   1487 C CA  . GLY B 1 94 ? -7.040  15.480  1.965   1.00 17.95  ? 94  GLY B CA  1 
ATOM   1488 C C   . GLY B 1 94 ? -5.673  15.051  1.464   1.00 19.07  ? 94  GLY B C   1 
ATOM   1489 O O   . GLY B 1 94 ? -4.938  15.856  0.885   1.00 16.70  ? 94  GLY B O   1 
HETATM 1490 N N   . ABA B 1 95 ? -5.340  13.778  1.671   1.00 17.47  ? 95  ABA B N   1 
HETATM 1491 C CA  . ABA B 1 95 ? -4.045  13.229  1.246   1.00 15.97  ? 95  ABA B CA  1 
HETATM 1492 C C   . ABA B 1 95 ? -3.991  12.955  -0.254  1.00 15.58  ? 95  ABA B C   1 
HETATM 1493 O O   . ABA B 1 95 ? -4.950  12.447  -0.840  1.00 16.04  ? 95  ABA B O   1 
HETATM 1494 C CB  . ABA B 1 95 ? -3.710  11.962  2.037   1.00 16.70  ? 95  ABA B CB  1 
HETATM 1495 C CG  . ABA B 1 95 ? -2.247  11.598  2.001   1.00 16.19  ? 95  ABA B CG  1 
ATOM   1496 N N   . THR B 1 96 ? -2.860  13.298  -0.864  1.00 14.97  ? 96  THR B N   1 
ATOM   1497 C CA  . THR B 1 96 ? -2.643  13.100  -2.305  1.00 14.60  ? 96  THR B CA  1 
ATOM   1498 C C   . THR B 1 96 ? -1.231  12.610  -2.587  1.00 14.44  ? 96  THR B C   1 
ATOM   1499 O O   . THR B 1 96 ? -0.337  12.747  -1.752  1.00 15.61  ? 96  THR B O   1 
ATOM   1500 C CB  . THR B 1 96 ? -2.813  14.420  -3.103  1.00 14.63  ? 96  THR B CB  1 
ATOM   1501 O OG1 . THR B 1 96 ? -1.945  15.424  -2.561  1.00 15.37  ? 96  THR B OG1 1 
ATOM   1502 C CG2 . THR B 1 96 ? -4.248  14.910  -3.060  1.00 15.69  ? 96  THR B CG2 1 
ATOM   1503 N N   . LEU B 1 97 ? -1.053  12.015  -3.764  1.00 15.22  ? 97  LEU B N   1 
ATOM   1504 C CA  . LEU B 1 97 ? 0.262   11.538  -4.225  1.00 16.21  ? 97  LEU B CA  1 
ATOM   1505 C C   . LEU B 1 97 ? 0.718   12.573  -5.241  1.00 16.65  ? 97  LEU B C   1 
ATOM   1506 O O   . LEU B 1 97 ? -0.057  12.970  -6.111  1.00 18.10  ? 97  LEU B O   1 
ATOM   1507 C CB  . LEU B 1 97 ? 0.151   10.174  -4.912  1.00 14.64  ? 97  LEU B CB  1 
ATOM   1508 C CG  . LEU B 1 97 ? -0.010  8.940   -4.025  1.00 16.59  ? 97  LEU B CG  1 
ATOM   1509 C CD1 . LEU B 1 97 ? -0.351  7.732   -4.876  1.00 15.60  ? 97  LEU B CD1 1 
ATOM   1510 C CD2 . LEU B 1 97 ? 1.275   8.701   -3.250  1.00 14.49  ? 97  LEU B CD2 1 
ATOM   1511 N N   . ASN B 1 98 ? 1.959   13.029  -5.124  1.00 16.26  ? 98  ASN B N   1 
ATOM   1512 C CA  . ASN B 1 98 ? 2.478   14.036  -6.056  1.00 18.11  ? 98  ASN B CA  1 
ATOM   1513 C C   . ASN B 1 98 ? 3.855   13.666  -6.589  1.00 19.18  ? 98  ASN B C   1 
ATOM   1514 O O   . ASN B 1 98 ? 4.722   13.220  -5.836  1.00 18.82  ? 98  ASN B O   1 
ATOM   1515 C CB  . ASN B 1 98 ? 2.541   15.405  -5.374  1.00 19.44  ? 98  ASN B CB  1 
ATOM   1516 C CG  . ASN B 1 98 ? 1.186   15.877  -4.879  1.00 23.49  ? 98  ASN B CG  1 
ATOM   1517 O OD1 . ASN B 1 98 ? 0.732   15.491  -3.800  1.00 27.21  ? 98  ASN B OD1 1 
ATOM   1518 N ND2 . ASN B 1 98 ? 0.538   16.725  -5.661  1.00 28.09  ? 98  ASN B ND2 1 
ATOM   1519 N N   . PHE B 1 99 ? 4.034   13.836  -7.898  1.00 21.12  ? 99  PHE B N   1 
ATOM   1520 C CA  . PHE B 1 99 ? 5.314   13.550  -8.573  1.00 23.47  ? 99  PHE B CA  1 
ATOM   1521 C C   . PHE B 1 99 ? 5.407   14.245  -9.931  1.00 26.74  ? 99  PHE B C   1 
ATOM   1522 O O   . PHE B 1 99 ? 6.533   14.374  -10.458 1.00 29.93  ? 99  PHE B O   1 
ATOM   1523 C CB  . PHE B 1 99 ? 5.542   12.038  -8.729  1.00 20.93  ? 99  PHE B CB  1 
ATOM   1524 C CG  . PHE B 1 99 ? 4.503   11.336  -9.557  1.00 20.55  ? 99  PHE B CG  1 
ATOM   1525 C CD1 . PHE B 1 99 ? 3.308   10.910  -8.983  1.00 21.39  ? 99  PHE B CD1 1 
ATOM   1526 C CD2 . PHE B 1 99 ? 4.738   11.051  -10.899 1.00 20.73  ? 99  PHE B CD2 1 
ATOM   1527 C CE1 . PHE B 1 99 ? 2.367   10.206  -9.731  1.00 20.36  ? 99  PHE B CE1 1 
ATOM   1528 C CE2 . PHE B 1 99 ? 3.803   10.348  -11.654 1.00 20.54  ? 99  PHE B CE2 1 
ATOM   1529 C CZ  . PHE B 1 99 ? 2.616   9.925   -11.068 1.00 20.07  ? 99  PHE B CZ  1 
ATOM   1530 O OXT . PHE B 1 99 ? 4.358   14.676  -10.442 1.00 26.87  ? 99  PHE B OXT 1 
HETATM 1531 S S   . SO4 C 2 .  ? 12.161  11.881  -16.347 1.00 100.00 ? 501 SO4 A S   1 
HETATM 1532 O O1  . SO4 C 2 .  ? 12.646  11.612  -15.007 1.00 100.00 ? 501 SO4 A O1  1 
HETATM 1533 O O2  . SO4 C 2 .  ? 13.281  11.966  -17.265 1.00 99.75  ? 501 SO4 A O2  1 
HETATM 1534 O O3  . SO4 C 2 .  ? 11.427  13.132  -16.347 1.00 100.00 ? 501 SO4 A O3  1 
HETATM 1535 O O4  . SO4 C 2 .  ? 11.281  10.809  -16.769 1.00 100.00 ? 501 SO4 A O4  1 
HETATM 1536 S S   . SO4 D 2 .  ? 9.759   -20.704 -17.494 1.00 99.64  ? 502 SO4 A S   1 
HETATM 1537 O O1  . SO4 D 2 .  ? 9.796   -19.936 -18.726 1.00 99.70  ? 502 SO4 A O1  1 
HETATM 1538 O O2  . SO4 D 2 .  ? 8.745   -20.156 -16.614 1.00 100.00 ? 502 SO4 A O2  1 
HETATM 1539 O O3  . SO4 D 2 .  ? 11.051  -20.636 -16.840 1.00 100.00 ? 502 SO4 A O3  1 
HETATM 1540 O O4  . SO4 D 2 .  ? 9.440   -22.086 -17.795 1.00 99.99  ? 502 SO4 A O4  1 
HETATM 1541 N N1  . PI8 E 3 .  ? 3.656   -4.691  2.336   1.00 19.18  ? 201 PI8 A N1  1 
HETATM 1542 C C2  . PI8 E 3 .  ? 4.521   -5.748  1.779   1.00 20.16  ? 201 PI8 A C2  1 
HETATM 1543 C C1  . PI8 E 3 .  ? 5.894   -5.482  2.348   1.00 18.07  ? 201 PI8 A C1  1 
HETATM 1544 O O1  . PI8 E 3 .  ? 6.085   -4.073  2.519   1.00 18.53  ? 201 PI8 A O1  1 
HETATM 1545 C C9  . PI8 E 3 .  ? 6.853   -5.988  1.337   1.00 20.10  ? 201 PI8 A C9  1 
HETATM 1546 C C3  . PI8 E 3 .  ? 4.744   -5.748  0.300   1.00 20.72  ? 201 PI8 A C3  1 
HETATM 1547 C C8  . PI8 E 3 .  ? 6.096   -5.892  0.042   1.00 21.45  ? 201 PI8 A C8  1 
HETATM 1548 C C4  . PI8 E 3 .  ? 3.836   -5.637  -0.740  1.00 19.11  ? 201 PI8 A C4  1 
HETATM 1549 C C7  . PI8 E 3 .  ? 6.561   -5.927  -1.262  1.00 22.09  ? 201 PI8 A C7  1 
HETATM 1550 C C5  . PI8 E 3 .  ? 4.286   -5.670  -2.057  1.00 21.94  ? 201 PI8 A C5  1 
HETATM 1551 C C6  . PI8 E 3 .  ? 5.657   -5.815  -2.320  1.00 22.40  ? 201 PI8 A C6  1 
HETATM 1552 C C11 . PI8 E 3 .  ? 1.562   -3.709  3.094   1.00 20.30  ? 201 PI8 A C11 1 
HETATM 1553 C C12 . PI8 E 3 .  ? 1.349   -3.959  4.585   1.00 22.19  ? 201 PI8 A C12 1 
HETATM 1554 C C13 . PI8 E 3 .  ? 2.592   -4.365  5.310   1.00 23.03  ? 201 PI8 A C13 1 
HETATM 1555 C C18 . PI8 E 3 .  ? 2.796   -5.691  5.673   1.00 23.56  ? 201 PI8 A C18 1 
HETATM 1556 C C14 . PI8 E 3 .  ? 3.569   -3.425  5.613   1.00 24.49  ? 201 PI8 A C14 1 
HETATM 1557 C C17 . PI8 E 3 .  ? 3.959   -6.073  6.327   1.00 24.81  ? 201 PI8 A C17 1 
HETATM 1558 C C15 . PI8 E 3 .  ? 4.735   -3.796  6.265   1.00 24.54  ? 201 PI8 A C15 1 
HETATM 1559 C C16 . PI8 E 3 .  ? 4.932   -5.122  6.623   1.00 25.23  ? 201 PI8 A C16 1 
HETATM 1560 C C10 . PI8 E 3 .  ? 2.347   -4.875  2.476   1.00 20.55  ? 201 PI8 A C10 1 
HETATM 1561 O O2  . PI8 E 3 .  ? 1.772   -5.913  2.130   1.00 19.25  ? 201 PI8 A O2  1 
HETATM 1562 C C19 . PI8 E 3 .  ? 0.202   -3.594  2.425   1.00 17.94  ? 201 PI8 A C19 1 
HETATM 1563 O O3  A PI8 E 3 .  ? 0.099   -1.918  0.690   0.50 18.23  ? 201 PI8 A O3  1 
HETATM 1564 O O3  B PI8 E 3 .  ? 0.841   -1.977  0.730   0.50 21.49  ? 201 PI8 A O3  1 
HETATM 1565 C C20 A PI8 E 3 .  ? 0.211   -3.326  0.932   0.50 18.98  ? 201 PI8 A C20 1 
HETATM 1566 C C20 B PI8 E 3 .  ? 0.256   -3.270  0.928   0.50 19.50  ? 201 PI8 A C20 1 
HETATM 1567 C C21 A PI8 E 3 .  ? -0.986  -4.043  0.353   0.50 20.52  ? 201 PI8 A C21 1 
HETATM 1568 C C21 B PI8 E 3 .  ? -1.132  -3.301  0.288   0.50 19.16  ? 201 PI8 A C21 1 
HETATM 1569 N N2  . PI8 E 3 .  ? -1.066  -3.827  -1.087  1.00 17.66  ? 201 PI8 A N2  1 
HETATM 1570 C C22 . PI8 E 3 .  ? -2.426  -4.069  -1.581  1.00 19.21  ? 201 PI8 A C22 1 
HETATM 1571 C C23 . PI8 E 3 .  ? -2.365  -4.768  -2.943  1.00 18.71  ? 201 PI8 A C23 1 
HETATM 1572 C C24 . PI8 E 3 .  ? -3.687  -5.338  -3.382  1.00 20.63  ? 201 PI8 A C24 1 
HETATM 1573 C C25 . PI8 E 3 .  ? -4.652  -4.528  -3.975  1.00 21.72  ? 201 PI8 A C25 1 
HETATM 1574 C C26 . PI8 E 3 .  ? -5.899  -5.038  -4.327  1.00 25.67  ? 201 PI8 A C26 1 
HETATM 1575 C C29 . PI8 E 3 .  ? -3.994  -6.680  -3.157  1.00 20.00  ? 201 PI8 A C29 1 
HETATM 1576 C C28 . PI8 E 3 .  ? -5.234  -7.199  -3.502  1.00 25.78  ? 201 PI8 A C28 1 
HETATM 1577 C C27 . PI8 E 3 .  ? -6.187  -6.375  -4.087  1.00 26.10  ? 201 PI8 A C27 1 
HETATM 1578 O O6  . PI8 E 3 .  ? -7.421  -6.915  -4.402  0.50 27.31  ? 201 PI8 A O6  1 
HETATM 1579 C C30 . PI8 E 3 .  ? -3.387  -4.827  -0.647  1.00 20.46  ? 201 PI8 A C30 1 
HETATM 1580 O O4  . PI8 E 3 .  ? -3.080  -5.922  -0.175  1.00 22.68  ? 201 PI8 A O4  1 
HETATM 1581 N N3  . PI8 E 3 .  ? -4.508  -4.185  -0.320  1.00 19.03  ? 201 PI8 A N3  1 
HETATM 1582 C C31 . PI8 E 3 .  ? -5.583  -4.798  0.489   1.00 21.43  ? 201 PI8 A C31 1 
HETATM 1583 C C32 A PI8 E 3 .  ? -5.453  -4.480  2.003   0.50 22.46  ? 201 PI8 A C32 1 
HETATM 1584 C C32 B PI8 E 3 .  ? -5.445  -4.569  2.041   0.50 20.09  ? 201 PI8 A C32 1 
HETATM 1585 C C33 A PI8 E 3 .  ? -5.887  -5.697  2.826   0.50 24.59  ? 201 PI8 A C33 1 
HETATM 1586 C C33 B PI8 E 3 .  ? -4.279  -3.657  2.399   0.50 21.21  ? 201 PI8 A C33 1 
HETATM 1587 C C34 A PI8 E 3 .  ? -4.014  -4.110  2.367   0.50 23.35  ? 201 PI8 A C34 1 
HETATM 1588 C C34 B PI8 E 3 .  ? -6.765  -4.056  2.621   0.50 17.69  ? 201 PI8 A C34 1 
HETATM 1589 C C35 A PI8 E 3 .  ? -3.759  -4.043  3.836   0.50 22.81  ? 201 PI8 A C35 1 
HETATM 1590 C C35 B PI8 E 3 .  ? -6.677  -3.573  4.011   0.50 17.72  ? 201 PI8 A C35 1 
HETATM 1591 C C36 . PI8 E 3 .  ? -6.906  -4.219  -0.017  1.00 22.84  ? 201 PI8 A C36 1 
HETATM 1592 O O5  . PI8 E 3 .  ? -6.986  -3.027  -0.340  1.00 24.71  ? 201 PI8 A O5  1 
HETATM 1593 N N4  . PI8 E 3 .  ? -7.926  -5.068  -0.126  1.00 26.52  ? 201 PI8 A N4  1 
HETATM 1594 C C37 . PI8 E 3 .  ? -9.272  -4.691  -0.595  1.00 26.49  ? 201 PI8 A C37 1 
HETATM 1595 C C38 . PI8 E 3 .  ? -10.071 -5.881  -1.116  0.50 27.90  ? 201 PI8 A C38 1 
HETATM 1596 C C39 . PI8 E 3 .  ? -9.418  -6.519  -2.335  0.50 26.93  ? 201 PI8 A C39 1 
HETATM 1597 C C40 . PI8 E 3 .  ? -9.123  -5.486  -3.410  0.50 25.69  ? 201 PI8 A C40 1 
HETATM 1598 C C41 . PI8 E 3 .  ? -8.575  -6.132  -4.676  0.50 26.00  ? 201 PI8 A C41 1 
HETATM 1599 O O   . HOH F 4 .  ? 4.088   -18.423 -3.624  1.00 33.80  ? 302 HOH A O   1 
HETATM 1600 O O   . HOH F 4 .  ? 18.287  -12.160 -21.709 1.00 55.32  ? 303 HOH A O   1 
HETATM 1601 O O   . HOH F 4 .  ? 15.393  -0.711  -6.834  1.00 15.69  ? 304 HOH A O   1 
HETATM 1602 O O   . HOH F 4 .  ? 15.691  2.335   -5.901  1.00 33.14  ? 305 HOH A O   1 
HETATM 1603 O O   . HOH F 4 .  ? 15.177  3.887   -2.693  1.00 40.64  ? 306 HOH A O   1 
HETATM 1604 O O   . HOH F 4 .  ? 11.281  -4.437  -5.879  1.00 19.60  ? 307 HOH A O   1 
HETATM 1605 O O   . HOH F 4 .  ? 11.751  -2.834  -19.426 1.00 27.65  ? 315 HOH A O   1 
HETATM 1606 O O   . HOH F 4 .  ? -9.503  9.659   -7.073  1.00 34.41  ? 316 HOH A O   1 
HETATM 1607 O O   . HOH F 4 .  ? 12.111  -0.557  -24.193 1.00 35.82  ? 318 HOH A O   1 
HETATM 1608 O O   . HOH F 4 .  ? 6.216   1.426   2.901   1.00 14.10  ? 320 HOH A O   1 
HETATM 1609 O O   . HOH F 4 .  ? 5.977   -1.285  3.826   1.00 21.11  ? 321 HOH A O   1 
HETATM 1610 O O   . HOH F 4 .  ? 9.947   10.012  -2.128  1.00 19.01  ? 322 HOH A O   1 
HETATM 1611 O O   . HOH F 4 .  ? -2.663  17.079  -11.839 1.00 35.78  ? 328 HOH A O   1 
HETATM 1612 O O   . HOH F 4 .  ? -9.775  13.627  -9.357  1.00 35.68  ? 329 HOH A O   1 
HETATM 1613 O O   . HOH F 4 .  ? 13.580  -5.270  -19.519 1.00 29.80  ? 331 HOH A O   1 
HETATM 1614 O O   . HOH F 4 .  ? 18.376  -9.372  -12.720 1.00 36.63  ? 332 HOH A O   1 
HETATM 1615 O O   . HOH F 4 .  ? 18.015  -3.230  -9.284  1.00 38.93  ? 333 HOH A O   1 
HETATM 1616 O O   . HOH F 4 .  ? -6.573  12.154  -9.086  1.00 43.39  ? 334 HOH A O   1 
HETATM 1617 O O   . HOH F 4 .  ? 9.382   -5.180  -26.179 1.00 42.59  ? 335 HOH A O   1 
HETATM 1618 O O   . HOH F 4 .  ? -3.075  -4.638  -12.489 1.00 36.31  ? 336 HOH A O   1 
HETATM 1619 O O   . HOH F 4 .  ? 4.701   -12.509 -20.955 1.00 41.77  ? 338 HOH A O   1 
HETATM 1620 O O   . HOH F 4 .  ? 1.094   -18.479 -3.998  1.00 43.22  ? 343 HOH A O   1 
HETATM 1621 O O   . HOH F 4 .  ? 13.373  2.458   -1.047  1.00 28.88  ? 347 HOH A O   1 
HETATM 1622 O O   . HOH F 4 .  ? 16.450  3.501   1.336   1.00 39.30  ? 350 HOH A O   1 
HETATM 1623 O O   . HOH F 4 .  ? -6.707  7.572   -8.001  1.00 39.62  ? 354 HOH A O   1 
HETATM 1624 O O   . HOH F 4 .  ? -2.062  6.814   -16.441 1.00 45.45  ? 355 HOH A O   1 
HETATM 1625 O O   . HOH F 4 .  ? 13.486  1.167   2.223   1.00 33.12  ? 356 HOH A O   1 
HETATM 1626 O O   . HOH F 4 .  ? 19.286  -1.092  -16.967 1.00 40.53  ? 357 HOH A O   1 
HETATM 1627 O O   . HOH F 4 .  ? 4.020   5.522   -19.108 1.00 34.59  ? 358 HOH A O   1 
HETATM 1628 O O   . HOH F 4 .  ? -11.326 2.470   -7.493  1.00 45.43  ? 363 HOH A O   1 
HETATM 1629 O O   . HOH F 4 .  ? 16.933  -13.002 -3.381  1.00 47.69  ? 364 HOH A O   1 
HETATM 1630 O O   . HOH F 4 .  ? 11.106  -18.302 -7.100  1.00 46.39  ? 365 HOH A O   1 
HETATM 1631 O O   . HOH F 4 .  ? 12.585  -0.364  -0.499  1.00 49.58  ? 366 HOH A O   1 
HETATM 1632 O O   . HOH F 4 .  ? 6.681   15.500  -5.268  1.00 33.42  ? 367 HOH A O   1 
HETATM 1633 O O   . HOH F 4 .  ? -2.841  21.492  -4.869  1.00 40.63  ? 370 HOH A O   1 
HETATM 1634 O O   . HOH F 4 .  ? -8.896  4.337   -10.656 1.00 73.59  ? 373 HOH A O   1 
HETATM 1635 O O   . HOH F 4 .  ? 5.514   2.579   -26.601 1.00 48.45  ? 374 HOH A O   1 
HETATM 1636 O O   . HOH F 4 .  ? 8.110   -21.447 -3.483  1.00 52.19  ? 375 HOH A O   1 
HETATM 1637 O O   . HOH F 4 .  ? 15.726  -2.220  -4.287  1.00 41.27  ? 378 HOH A O   1 
HETATM 1638 O O   . HOH F 4 .  ? -4.937  13.529  -11.136 1.00 47.55  ? 379 HOH A O   1 
HETATM 1639 O O   . HOH F 4 .  ? 3.186   -19.592 -6.279  1.00 55.28  ? 380 HOH A O   1 
HETATM 1640 O O   . HOH F 4 .  ? 2.460   19.580  1.292   1.00 45.09  ? 381 HOH A O   1 
HETATM 1641 O O   . HOH F 4 .  ? 16.463  -5.444  -18.685 1.00 60.57  ? 382 HOH A O   1 
HETATM 1642 O O   . HOH F 4 .  ? -1.395  -12.734 -10.450 1.00 35.89  ? 383 HOH A O   1 
HETATM 1643 O O   . HOH F 4 .  ? 8.653   -8.918  3.004   1.00 62.26  ? 386 HOH A O   1 
HETATM 1644 O O   . HOH F 4 .  ? 10.321  -0.899  -21.481 1.00 59.19  ? 388 HOH A O   1 
HETATM 1645 O O   . HOH F 4 .  ? 16.026  0.987   1.579   1.00 56.40  ? 389 HOH A O   1 
HETATM 1646 O O   . HOH G 4 .  ? -0.785  -7.207  1.366   1.00 28.33  ? 301 HOH B O   1 
HETATM 1647 O O   . HOH G 4 .  ? -7.189  -14.624 9.974   1.00 39.06  ? 308 HOH B O   1 
HETATM 1648 O O   . HOH G 4 .  ? -2.862  17.427  -0.595  1.00 35.57  ? 309 HOH B O   1 
HETATM 1649 O O   . HOH G 4 .  ? 1.754   1.202   17.516  1.00 29.39  ? 310 HOH B O   1 
HETATM 1650 O O   . HOH G 4 .  ? -15.460 -10.373 3.472   1.00 27.41  ? 311 HOH B O   1 
HETATM 1651 O O   . HOH G 4 .  ? -15.132 4.173   5.541   1.00 23.88  ? 312 HOH B O   1 
HETATM 1652 O O   . HOH G 4 .  ? -5.933  1.457   -3.182  1.00 17.88  ? 313 HOH B O   1 
HETATM 1653 O O   . HOH G 4 .  ? -6.062  -1.334  -3.335  1.00 19.96  ? 314 HOH B O   1 
HETATM 1654 O O   . HOH G 4 .  ? -7.441  11.997  -1.503  1.00 14.82  ? 317 HOH B O   1 
HETATM 1655 O O   . HOH G 4 .  ? 11.851  1.873   6.224   1.00 36.50  ? 319 HOH B O   1 
HETATM 1656 O O   . HOH G 4 .  ? -10.150 -9.366  15.465  1.00 51.17  ? 323 HOH B O   1 
HETATM 1657 O O   . HOH G 4 .  ? -9.091  14.492  -0.890  1.00 47.53  ? 324 HOH B O   1 
HETATM 1658 O O   . HOH G 4 .  ? -9.466  17.782  11.122  1.00 29.05  ? 325 HOH B O   1 
HETATM 1659 O O   . HOH G 4 .  ? -12.016 2.981   0.261   1.00 46.24  ? 326 HOH B O   1 
HETATM 1660 O O   . HOH G 4 .  ? -19.842 -0.835  14.187  1.00 51.26  ? 327 HOH B O   1 
HETATM 1661 O O   . HOH G 4 .  ? -10.880 -8.593  0.255   1.00 44.65  ? 330 HOH B O   1 
HETATM 1662 O O   . HOH G 4 .  ? 9.506   12.847  4.839   1.00 40.16  ? 337 HOH B O   1 
HETATM 1663 O O   . HOH G 4 .  ? -5.648  18.586  4.480   1.00 67.19  ? 339 HOH B O   1 
HETATM 1664 O O   . HOH G 4 .  ? -1.952  -7.221  15.983  1.00 34.92  ? 340 HOH B O   1 
HETATM 1665 O O   . HOH G 4 .  ? -8.223  -13.322 13.113  1.00 50.14  ? 341 HOH B O   1 
HETATM 1666 O O   . HOH G 4 .  ? 3.519   11.590  13.071  1.00 36.52  ? 342 HOH B O   1 
HETATM 1667 O O   . HOH G 4 .  ? -8.524  -16.896 8.613   1.00 45.21  ? 344 HOH B O   1 
HETATM 1668 O O   . HOH G 4 .  ? 8.110   8.351   4.948   1.00 27.85  ? 345 HOH B O   1 
HETATM 1669 O O   . HOH G 4 .  ? -4.538  -14.923 10.650  1.00 39.16  ? 346 HOH B O   1 
HETATM 1670 O O   . HOH G 4 .  ? -1.386  19.837  0.154   1.00 33.45  ? 348 HOH B O   1 
HETATM 1671 O O   . HOH G 4 .  ? -11.648 0.351   6.717   1.00 22.67  ? 349 HOH B O   1 
HETATM 1672 O O   . HOH G 4 .  ? -0.751  -14.353 -3.704  1.00 39.16  ? 351 HOH B O   1 
HETATM 1673 O O   . HOH G 4 .  ? 9.826   15.585  3.724   1.00 41.67  ? 352 HOH B O   1 
HETATM 1674 O O   . HOH G 4 .  ? 2.572   18.212  -7.672  1.00 44.99  ? 353 HOH B O   1 
HETATM 1675 O O   . HOH G 4 .  ? 7.983   8.008   9.236   1.00 59.84  ? 359 HOH B O   1 
HETATM 1676 O O   . HOH G 4 .  ? 2.196   -0.233  13.485  1.00 30.81  ? 360 HOH B O   1 
HETATM 1677 O O   . HOH G 4 .  ? -13.559 0.711   4.448   1.00 45.55  ? 361 HOH B O   1 
HETATM 1678 O O   . HOH G 4 .  ? -12.690 -4.291  0.869   1.00 46.10  ? 362 HOH B O   1 
HETATM 1679 O O   . HOH G 4 .  ? 7.336   -1.121  10.496  1.00 68.52  ? 368 HOH B O   1 
HETATM 1680 O O   . HOH G 4 .  ? -2.645  12.214  16.867  1.00 42.06  ? 369 HOH B O   1 
HETATM 1681 O O   . HOH G 4 .  ? -20.098 -3.163  11.624  1.00 40.49  ? 371 HOH B O   1 
HETATM 1682 O O   . HOH G 4 .  ? -18.024 4.055   8.460   1.00 33.80  ? 372 HOH B O   1 
HETATM 1683 O O   . HOH G 4 .  ? -11.993 6.587   18.655  1.00 36.12  ? 376 HOH B O   1 
HETATM 1684 O O   . HOH G 4 .  ? -9.629  16.373  7.779   1.00 46.29  ? 377 HOH B O   1 
HETATM 1685 O O   . HOH G 4 .  ? 9.593   4.280   9.385   1.00 62.71  ? 384 HOH B O   1 
HETATM 1686 O O   . HOH G 4 .  ? -6.221  -17.177 1.719   1.00 50.75  ? 385 HOH B O   1 
HETATM 1687 O O   . HOH G 4 .  ? -6.762  11.740  20.669  1.00 66.52  ? 387 HOH B O   1 
# 
loop_
_pdbx_poly_seq_scheme.asym_id 
_pdbx_poly_seq_scheme.entity_id 
_pdbx_poly_seq_scheme.seq_id 
_pdbx_poly_seq_scheme.mon_id 
_pdbx_poly_seq_scheme.ndb_seq_num 
_pdbx_poly_seq_scheme.pdb_seq_num 
_pdbx_poly_seq_scheme.auth_seq_num 
_pdbx_poly_seq_scheme.pdb_mon_id 
_pdbx_poly_seq_scheme.auth_mon_id 
_pdbx_poly_seq_scheme.pdb_strand_id 
_pdbx_poly_seq_scheme.pdb_ins_code 
_pdbx_poly_seq_scheme.hetero 
A 1 1  PRO 1  1  1  PRO PRO A . n 
A 1 2  GLN 2  2  2  GLN GLN A . n 
A 1 3  ILE 3  3  3  ILE ILE A . n 
A 1 4  THR 4  4  4  THR THR A . n 
A 1 5  LEU 5  5  5  LEU LEU A . n 
A 1 6  TRP 6  6  6  TRP TRP A . n 
A 1 7  LYS 7  7  7  LYS LYS A . n 
A 1 8  ARG 8  8  8  ARG ARG A . n 
A 1 9  PRO 9  9  9  PRO PRO A . n 
A 1 10 LEU 10 10 10 LEU LEU A . n 
A 1 11 VAL 11 11 11 VAL VAL A . n 
A 1 12 THR 12 12 12 THR THR A . n 
A 1 13 ILE 13 13 13 ILE ILE A . n 
A 1 14 ARG 14 14 14 ARG ARG A . n 
A 1 15 ILE 15 15 15 ILE ILE A . n 
A 1 16 GLY 16 16 16 GLY GLY A . n 
A 1 17 GLY 17 17 17 GLY GLY A . n 
A 1 18 GLN 18 18 18 GLN GLN A . n 
A 1 19 LEU 19 19 19 LEU LEU A . n 
A 1 20 LYS 20 20 20 LYS LYS A . n 
A 1 21 GLU 21 21 21 GLU GLU A . n 
A 1 22 ALA 22 22 22 ALA ALA A . n 
A 1 23 LEU 23 23 23 LEU LEU A . n 
A 1 24 LEU 24 24 24 LEU LEU A . n 
A 1 25 ASP 25 25 25 ASP ASP A . n 
A 1 26 THR 26 26 26 THR THR A . n 
A 1 27 GLY 27 27 27 GLY GLY A . n 
A 1 28 ALA 28 28 28 ALA ALA A . n 
A 1 29 ASP 29 29 29 ASP ASP A . n 
A 1 30 ASP 30 30 30 ASP ASP A . n 
A 1 31 THR 31 31 31 THR THR A . n 
A 1 32 VAL 32 32 32 VAL VAL A . n 
A 1 33 ILE 33 33 33 ILE ILE A . n 
A 1 34 GLU 34 34 34 GLU GLU A . n 
A 1 35 GLU 35 35 35 GLU GLU A . n 
A 1 36 MET 36 36 36 MET MET A . n 
A 1 37 ASN 37 37 37 ASN ALA A . n 
A 1 38 LEU 38 38 38 LEU LEU A . n 
A 1 39 PRO 39 39 39 PRO PRO A . n 
A 1 40 GLY 40 40 40 GLY GLY A . n 
A 1 41 LYS 41 41 41 LYS ALA A . n 
A 1 42 TRP 42 42 42 TRP TRP A . n 
A 1 43 LYS 43 43 43 LYS ALA A . n 
A 1 44 PRO 44 44 44 PRO PRO A . n 
A 1 45 LYS 45 45 45 LYS ALA A . n 
A 1 46 MET 46 46 46 MET MET A . n 
A 1 47 ILE 47 47 47 ILE ILE A . n 
A 1 48 GLY 48 48 48 GLY GLY A . n 
A 1 49 GLY 49 49 49 GLY GLY A . n 
A 1 50 ILE 50 50 50 ILE ILE A . n 
A 1 51 GLY 51 51 51 GLY GLY A . n 
A 1 52 GLY 52 52 52 GLY GLY A . n 
A 1 53 PHE 53 53 53 PHE PHE A . n 
A 1 54 ILE 54 54 54 ILE ILE A . n 
A 1 55 LYS 55 55 55 LYS ALA A . n 
A 1 56 VAL 56 56 56 VAL VAL A . n 
A 1 57 ARG 57 57 57 ARG ARG A . n 
A 1 58 GLN 58 58 58 GLN GLN A . n 
A 1 59 TYR 59 59 59 TYR TYR A . n 
A 1 60 ASP 60 60 60 ASP ASP A . n 
A 1 61 GLN 61 61 61 GLN GLN A . n 
A 1 62 ILE 62 62 62 ILE ILE A . n 
A 1 63 PRO 63 63 63 PRO PRO A . n 
A 1 64 VAL 64 64 64 VAL VAL A . n 
A 1 65 GLU 65 65 65 GLU GLU A . n 
A 1 66 ILE 66 66 66 ILE ILE A . n 
A 1 67 ABA 67 67 67 ABA ABA A . n 
A 1 68 GLY 68 68 68 GLY GLY A . n 
A 1 69 HIS 69 69 69 HIS HIS A . n 
A 1 70 LYS 70 70 70 LYS LYS A . n 
A 1 71 ALA 71 71 71 ALA ALA A . n 
A 1 72 ILE 72 72 72 ILE ILE A . n 
A 1 73 GLY 73 73 73 GLY GLY A . n 
A 1 74 THR 74 74 74 THR THR A . n 
A 1 75 VAL 75 75 75 VAL VAL A . n 
A 1 76 LEU 76 76 76 LEU LEU A . n 
A 1 77 VAL 77 77 77 VAL VAL A . n 
A 1 78 GLY 78 78 78 GLY GLY A . n 
A 1 79 PRO 79 79 79 PRO PRO A . n 
A 1 80 THR 80 80 80 THR THR A . n 
A 1 81 PRO 81 81 81 PRO PRO A . n 
A 1 82 VAL 82 82 82 VAL VAL A . n 
A 1 83 ASN 83 83 83 ASN ASN A . n 
A 1 84 ILE 84 84 84 ILE ILE A . n 
A 1 85 ILE 85 85 85 ILE ILE A . n 
A 1 86 GLY 86 86 86 GLY GLY A . n 
A 1 87 ARG 87 87 87 ARG ARG A . n 
A 1 88 ASN 88 88 88 ASN ASN A . n 
A 1 89 LEU 89 89 89 LEU LEU A . n 
A 1 90 LEU 90 90 90 LEU LEU A . n 
A 1 91 THR 91 91 91 THR THR A . n 
A 1 92 GLN 92 92 92 GLN GLN A . n 
A 1 93 ILE 93 93 93 ILE ILE A . n 
A 1 94 GLY 94 94 94 GLY GLY A . n 
A 1 95 ABA 95 95 95 ABA ABA A . n 
A 1 96 THR 96 96 96 THR THR A . n 
A 1 97 LEU 97 97 97 LEU LEU A . n 
A 1 98 ASN 98 98 98 ASN ASN A . n 
A 1 99 PHE 99 99 99 PHE PHE A . n 
B 1 1  PRO 1  1  1  PRO PRO B . n 
B 1 2  GLN 2  2  2  GLN GLN B . n 
B 1 3  ILE 3  3  3  ILE ILE B . n 
B 1 4  THR 4  4  4  THR THR B . n 
B 1 5  LEU 5  5  5  LEU LEU B . n 
B 1 6  TRP 6  6  6  TRP TRP B . n 
B 1 7  LYS 7  7  7  LYS LYS B . n 
B 1 8  ARG 8  8  8  ARG ARG B . n 
B 1 9  PRO 9  9  9  PRO PRO B . n 
B 1 10 LEU 10 10 10 LEU LEU B . n 
B 1 11 VAL 11 11 11 VAL VAL B . n 
B 1 12 THR 12 12 12 THR THR B . n 
B 1 13 ILE 13 13 13 ILE ILE B . n 
B 1 14 ARG 14 14 14 ARG ALA B . n 
B 1 15 ILE 15 15 15 ILE ILE B . n 
B 1 16 GLY 16 16 16 GLY GLY B . n 
B 1 17 GLY 17 17 17 GLY GLY B . n 
B 1 18 GLN 18 18 18 GLN GLN B . n 
B 1 19 LEU 19 19 19 LEU LEU B . n 
B 1 20 LYS 20 20 20 LYS LYS B . n 
B 1 21 GLU 21 21 21 GLU GLU B . n 
B 1 22 ALA 22 22 22 ALA ALA B . n 
B 1 23 LEU 23 23 23 LEU LEU B . n 
B 1 24 LEU 24 24 24 LEU LEU B . n 
B 1 25 ASP 25 25 25 ASP ASP B . n 
B 1 26 THR 26 26 26 THR THR B . n 
B 1 27 GLY 27 27 27 GLY GLY B . n 
B 1 28 ALA 28 28 28 ALA ALA B . n 
B 1 29 ASP 29 29 29 ASP ASP B . n 
B 1 30 ASP 30 30 30 ASP ASP B . n 
B 1 31 THR 31 31 31 THR THR B . n 
B 1 32 VAL 32 32 32 VAL VAL B . n 
B 1 33 ILE 33 33 33 ILE ILE B . n 
B 1 34 GLU 34 34 34 GLU GLU B . n 
B 1 35 GLU 35 35 35 GLU GLU B . n 
B 1 36 MET 36 36 36 MET MET B . n 
B 1 37 ASN 37 37 37 ASN ALA B . n 
B 1 38 LEU 38 38 38 LEU LEU B . n 
B 1 39 PRO 39 39 39 PRO PRO B . n 
B 1 40 GLY 40 40 40 GLY GLY B . n 
B 1 41 LYS 41 41 41 LYS ALA B . n 
B 1 42 TRP 42 42 42 TRP TRP B . n 
B 1 43 LYS 43 43 43 LYS ALA B . n 
B 1 44 PRO 44 44 44 PRO PRO B . n 
B 1 45 LYS 45 45 45 LYS LYS B . n 
B 1 46 MET 46 46 46 MET MET B . n 
B 1 47 ILE 47 47 47 ILE ILE B . n 
B 1 48 GLY 48 48 48 GLY GLY B . n 
B 1 49 GLY 49 49 49 GLY GLY B . n 
B 1 50 ILE 50 50 50 ILE ILE B . n 
B 1 51 GLY 51 51 51 GLY GLY B . n 
B 1 52 GLY 52 52 52 GLY GLY B . n 
B 1 53 PHE 53 53 53 PHE PHE B . n 
B 1 54 ILE 54 54 54 ILE ILE B . n 
B 1 55 LYS 55 55 55 LYS LYS B . n 
B 1 56 VAL 56 56 56 VAL VAL B . n 
B 1 57 ARG 57 57 57 ARG ARG B . n 
B 1 58 GLN 58 58 58 GLN GLN B . n 
B 1 59 TYR 59 59 59 TYR TYR B . n 
B 1 60 ASP 60 60 60 ASP ASP B . n 
B 1 61 GLN 61 61 61 GLN GLN B . n 
B 1 62 ILE 62 62 62 ILE ILE B . n 
B 1 63 PRO 63 63 63 PRO PRO B . n 
B 1 64 VAL 64 64 64 VAL VAL B . n 
B 1 65 GLU 65 65 65 GLU GLU B . n 
B 1 66 ILE 66 66 66 ILE ILE B . n 
B 1 67 ABA 67 67 67 ABA ABA B . n 
B 1 68 GLY 68 68 68 GLY GLY B . n 
B 1 69 HIS 69 69 69 HIS HIS B . n 
B 1 70 LYS 70 70 70 LYS LYS B . n 
B 1 71 ALA 71 71 71 ALA ALA B . n 
B 1 72 ILE 72 72 72 ILE ILE B . n 
B 1 73 GLY 73 73 73 GLY GLY B . n 
B 1 74 THR 74 74 74 THR THR B . n 
B 1 75 VAL 75 75 75 VAL VAL B . n 
B 1 76 LEU 76 76 76 LEU LEU B . n 
B 1 77 VAL 77 77 77 VAL VAL B . n 
B 1 78 GLY 78 78 78 GLY GLY B . n 
B 1 79 PRO 79 79 79 PRO PRO B . n 
B 1 80 THR 80 80 80 THR THR B . n 
B 1 81 PRO 81 81 81 PRO PRO B . n 
B 1 82 VAL 82 82 82 VAL VAL B . n 
B 1 83 ASN 83 83 83 ASN ASN B . n 
B 1 84 ILE 84 84 84 ILE ILE B . n 
B 1 85 ILE 85 85 85 ILE ILE B . n 
B 1 86 GLY 86 86 86 GLY GLY B . n 
B 1 87 ARG 87 87 87 ARG ARG B . n 
B 1 88 ASN 88 88 88 ASN ASN B . n 
B 1 89 LEU 89 89 89 LEU LEU B . n 
B 1 90 LEU 90 90 90 LEU LEU B . n 
B 1 91 THR 91 91 91 THR THR B . n 
B 1 92 GLN 92 92 92 GLN GLN B . n 
B 1 93 ILE 93 93 93 ILE ILE B . n 
B 1 94 GLY 94 94 94 GLY GLY B . n 
B 1 95 ABA 95 95 95 ABA ABA B . n 
B 1 96 THR 96 96 96 THR THR B . n 
B 1 97 LEU 97 97 97 LEU LEU B . n 
B 1 98 ASN 98 98 98 ASN ASN B . n 
B 1 99 PHE 99 99 99 PHE PHE B . n 
# 
loop_
_pdbx_nonpoly_scheme.asym_id 
_pdbx_nonpoly_scheme.entity_id 
_pdbx_nonpoly_scheme.mon_id 
_pdbx_nonpoly_scheme.ndb_seq_num 
_pdbx_nonpoly_scheme.pdb_seq_num 
_pdbx_nonpoly_scheme.auth_seq_num 
_pdbx_nonpoly_scheme.pdb_mon_id 
_pdbx_nonpoly_scheme.auth_mon_id 
_pdbx_nonpoly_scheme.pdb_strand_id 
_pdbx_nonpoly_scheme.pdb_ins_code 
C 2 SO4 1  501 501 SO4 SO4 A . 
D 2 SO4 1  502 502 SO4 SO4 A . 
E 3 PI8 1  201 201 PI8 BR1 A . 
F 4 HOH 1  302 302 HOH HOH A . 
F 4 HOH 2  303 303 HOH HOH A . 
F 4 HOH 3  304 304 HOH HOH A . 
F 4 HOH 4  305 305 HOH HOH A . 
F 4 HOH 5  306 306 HOH HOH A . 
F 4 HOH 6  307 307 HOH HOH A . 
F 4 HOH 7  315 315 HOH HOH A . 
F 4 HOH 8  316 316 HOH HOH A . 
F 4 HOH 9  318 318 HOH HOH A . 
F 4 HOH 10 320 320 HOH HOH A . 
F 4 HOH 11 321 321 HOH HOH A . 
F 4 HOH 12 322 322 HOH HOH A . 
F 4 HOH 13 328 328 HOH HOH A . 
F 4 HOH 14 329 329 HOH HOH A . 
F 4 HOH 15 331 331 HOH HOH A . 
F 4 HOH 16 332 332 HOH HOH A . 
F 4 HOH 17 333 333 HOH HOH A . 
F 4 HOH 18 334 334 HOH HOH A . 
F 4 HOH 19 335 335 HOH HOH A . 
F 4 HOH 20 336 336 HOH HOH A . 
F 4 HOH 21 338 338 HOH HOH A . 
F 4 HOH 22 343 343 HOH HOH A . 
F 4 HOH 23 347 347 HOH HOH A . 
F 4 HOH 24 350 350 HOH HOH A . 
F 4 HOH 25 354 354 HOH HOH A . 
F 4 HOH 26 355 355 HOH HOH A . 
F 4 HOH 27 356 356 HOH HOH A . 
F 4 HOH 28 357 357 HOH HOH A . 
F 4 HOH 29 358 358 HOH HOH A . 
F 4 HOH 30 363 363 HOH HOH A . 
F 4 HOH 31 364 364 HOH HOH A . 
F 4 HOH 32 365 365 HOH HOH A . 
F 4 HOH 33 366 366 HOH HOH A . 
F 4 HOH 34 367 367 HOH HOH A . 
F 4 HOH 35 370 370 HOH HOH A . 
F 4 HOH 36 373 373 HOH HOH A . 
F 4 HOH 37 374 374 HOH HOH A . 
F 4 HOH 38 375 375 HOH HOH A . 
F 4 HOH 39 378 378 HOH HOH A . 
F 4 HOH 40 379 379 HOH HOH A . 
F 4 HOH 41 380 380 HOH HOH A . 
F 4 HOH 42 381 381 HOH HOH A . 
F 4 HOH 43 382 382 HOH HOH A . 
F 4 HOH 44 383 383 HOH HOH A . 
F 4 HOH 45 386 386 HOH HOH A . 
F 4 HOH 46 388 388 HOH HOH A . 
F 4 HOH 47 389 389 HOH HOH A . 
G 4 HOH 1  301 301 HOH HOH B . 
G 4 HOH 2  308 308 HOH HOH B . 
G 4 HOH 3  309 309 HOH HOH B . 
G 4 HOH 4  310 310 HOH HOH B . 
G 4 HOH 5  311 311 HOH HOH B . 
G 4 HOH 6  312 312 HOH HOH B . 
G 4 HOH 7  313 313 HOH HOH B . 
G 4 HOH 8  314 314 HOH HOH B . 
G 4 HOH 9  317 317 HOH HOH B . 
G 4 HOH 10 319 319 HOH HOH B . 
G 4 HOH 11 323 323 HOH HOH B . 
G 4 HOH 12 324 324 HOH HOH B . 
G 4 HOH 13 325 325 HOH HOH B . 
G 4 HOH 14 326 326 HOH HOH B . 
G 4 HOH 15 327 327 HOH HOH B . 
G 4 HOH 16 330 330 HOH HOH B . 
G 4 HOH 17 337 337 HOH HOH B . 
G 4 HOH 18 339 339 HOH HOH B . 
G 4 HOH 19 340 340 HOH HOH B . 
G 4 HOH 20 341 341 HOH HOH B . 
G 4 HOH 21 342 342 HOH HOH B . 
G 4 HOH 22 344 344 HOH HOH B . 
G 4 HOH 23 345 345 HOH HOH B . 
G 4 HOH 24 346 346 HOH HOH B . 
G 4 HOH 25 348 348 HOH HOH B . 
G 4 HOH 26 349 349 HOH HOH B . 
G 4 HOH 27 351 351 HOH HOH B . 
G 4 HOH 28 352 352 HOH HOH B . 
G 4 HOH 29 353 353 HOH HOH B . 
G 4 HOH 30 359 359 HOH HOH B . 
G 4 HOH 31 360 360 HOH HOH B . 
G 4 HOH 32 361 361 HOH HOH B . 
G 4 HOH 33 362 362 HOH HOH B . 
G 4 HOH 34 368 368 HOH HOH B . 
G 4 HOH 35 369 369 HOH HOH B . 
G 4 HOH 36 371 371 HOH HOH B . 
G 4 HOH 37 372 372 HOH HOH B . 
G 4 HOH 38 376 376 HOH HOH B . 
G 4 HOH 39 377 377 HOH HOH B . 
G 4 HOH 40 384 384 HOH HOH B . 
G 4 HOH 41 385 385 HOH HOH B . 
G 4 HOH 42 387 387 HOH HOH B . 
# 
loop_
_pdbx_struct_mod_residue.id 
_pdbx_struct_mod_residue.label_asym_id 
_pdbx_struct_mod_residue.label_comp_id 
_pdbx_struct_mod_residue.label_seq_id 
_pdbx_struct_mod_residue.auth_asym_id 
_pdbx_struct_mod_residue.auth_comp_id 
_pdbx_struct_mod_residue.auth_seq_id 
_pdbx_struct_mod_residue.PDB_ins_code 
_pdbx_struct_mod_residue.parent_comp_id 
_pdbx_struct_mod_residue.details 
1 A ABA 67 A ABA 67 ? ALA 'ALPHA-AMINOBUTYRIC ACID' 
2 A ABA 95 A ABA 95 ? ALA 'ALPHA-AMINOBUTYRIC ACID' 
3 B ABA 67 B ABA 67 ? ALA 'ALPHA-AMINOBUTYRIC ACID' 
4 B ABA 95 B ABA 95 ? ALA 'ALPHA-AMINOBUTYRIC ACID' 
# 
_pdbx_struct_assembly.id                   1 
_pdbx_struct_assembly.details              author_and_software_defined_assembly 
_pdbx_struct_assembly.method_details       PISA 
_pdbx_struct_assembly.oligomeric_details   dimeric 
_pdbx_struct_assembly.oligomeric_count     2 
# 
_pdbx_struct_assembly_gen.assembly_id       1 
_pdbx_struct_assembly_gen.oper_expression   1 
_pdbx_struct_assembly_gen.asym_id_list      A,B,C,D,E,F,G 
# 
loop_
_pdbx_struct_assembly_prop.biol_id 
_pdbx_struct_assembly_prop.type 
_pdbx_struct_assembly_prop.value 
_pdbx_struct_assembly_prop.details 
1 'ABSA (A^2)' 5460 ? 
1 MORE         -42  ? 
1 'SSA (A^2)'  8850 ? 
# 
_pdbx_struct_oper_list.id                   1 
_pdbx_struct_oper_list.type                 'identity operation' 
_pdbx_struct_oper_list.name                 1_555 
_pdbx_struct_oper_list.symmetry_operation   x,y,z 
_pdbx_struct_oper_list.matrix[1][1]         1.0000000000 
_pdbx_struct_oper_list.matrix[1][2]         0.0000000000 
_pdbx_struct_oper_list.matrix[1][3]         0.0000000000 
_pdbx_struct_oper_list.vector[1]            0.0000000000 
_pdbx_struct_oper_list.matrix[2][1]         0.0000000000 
_pdbx_struct_oper_list.matrix[2][2]         1.0000000000 
_pdbx_struct_oper_list.matrix[2][3]         0.0000000000 
_pdbx_struct_oper_list.vector[2]            0.0000000000 
_pdbx_struct_oper_list.matrix[3][1]         0.0000000000 
_pdbx_struct_oper_list.matrix[3][2]         0.0000000000 
_pdbx_struct_oper_list.matrix[3][3]         1.0000000000 
_pdbx_struct_oper_list.vector[3]            0.0000000000 
# 
loop_
_pdbx_audit_revision_history.ordinal 
_pdbx_audit_revision_history.data_content_type 
_pdbx_audit_revision_history.major_revision 
_pdbx_audit_revision_history.minor_revision 
_pdbx_audit_revision_history.revision_date 
1 'Structure model' 1 0 2000-10-11 
2 'Structure model' 1 1 2008-04-27 
3 'Structure model' 1 2 2011-07-13 
4 'Structure model' 1 3 2017-10-04 
5 'Structure model' 1 4 2021-11-03 
# 
_pdbx_audit_revision_details.ordinal             1 
_pdbx_audit_revision_details.revision_ordinal    1 
_pdbx_audit_revision_details.data_content_type   'Structure model' 
_pdbx_audit_revision_details.provider            repository 
_pdbx_audit_revision_details.type                'Initial release' 
_pdbx_audit_revision_details.description         ? 
_pdbx_audit_revision_details.details             ? 
# 
loop_
_pdbx_audit_revision_group.ordinal 
_pdbx_audit_revision_group.revision_ordinal 
_pdbx_audit_revision_group.data_content_type 
_pdbx_audit_revision_group.group 
1 2 'Structure model' 'Version format compliance' 
2 3 'Structure model' 'Version format compliance' 
3 4 'Structure model' 'Refinement description'    
4 5 'Structure model' 'Database references'       
5 5 'Structure model' 'Derived calculations'      
# 
loop_
_pdbx_audit_revision_category.ordinal 
_pdbx_audit_revision_category.revision_ordinal 
_pdbx_audit_revision_category.data_content_type 
_pdbx_audit_revision_category.category 
1 4 'Structure model' software           
2 5 'Structure model' database_2         
3 5 'Structure model' struct_conn        
4 5 'Structure model' struct_ref_seq_dif 
5 5 'Structure model' struct_site        
# 
loop_
_pdbx_audit_revision_item.ordinal 
_pdbx_audit_revision_item.revision_ordinal 
_pdbx_audit_revision_item.data_content_type 
_pdbx_audit_revision_item.item 
1 5 'Structure model' '_database_2.pdbx_DOI'                
2 5 'Structure model' '_database_2.pdbx_database_accession' 
3 5 'Structure model' '_struct_conn.pdbx_leaving_atom_flag' 
4 5 'Structure model' '_struct_ref_seq_dif.details'         
5 5 'Structure model' '_struct_site.pdbx_auth_asym_id'      
6 5 'Structure model' '_struct_site.pdbx_auth_comp_id'      
7 5 'Structure model' '_struct_site.pdbx_auth_seq_id'       
# 
loop_
_software.name 
_software.classification 
_software.version 
_software.citation_id 
_software.pdbx_ordinal 
X-PLOR    'model building' .     ? 1 
X-PLOR    refinement       3.851 ? 2 
DENZO     'data reduction' .     ? 3 
SCALEPACK 'data scaling'   .     ? 4 
X-PLOR    phasing          .     ? 5 
# 
loop_
_pdbx_unobs_or_zero_occ_atoms.id 
_pdbx_unobs_or_zero_occ_atoms.PDB_model_num 
_pdbx_unobs_or_zero_occ_atoms.polymer_flag 
_pdbx_unobs_or_zero_occ_atoms.occupancy_flag 
_pdbx_unobs_or_zero_occ_atoms.auth_asym_id 
_pdbx_unobs_or_zero_occ_atoms.auth_comp_id 
_pdbx_unobs_or_zero_occ_atoms.auth_seq_id 
_pdbx_unobs_or_zero_occ_atoms.PDB_ins_code 
_pdbx_unobs_or_zero_occ_atoms.auth_atom_id 
_pdbx_unobs_or_zero_occ_atoms.label_alt_id 
_pdbx_unobs_or_zero_occ_atoms.label_asym_id 
_pdbx_unobs_or_zero_occ_atoms.label_comp_id 
_pdbx_unobs_or_zero_occ_atoms.label_seq_id 
_pdbx_unobs_or_zero_occ_atoms.label_atom_id 
1  1 Y 1 A ASN 37 ? CG  ? A ASN 37 CG  
2  1 Y 1 A ASN 37 ? OD1 ? A ASN 37 OD1 
3  1 Y 1 A ASN 37 ? ND2 ? A ASN 37 ND2 
4  1 Y 1 A LYS 41 ? CG  ? A LYS 41 CG  
5  1 Y 1 A LYS 41 ? CD  ? A LYS 41 CD  
6  1 Y 1 A LYS 41 ? CE  ? A LYS 41 CE  
7  1 Y 1 A LYS 41 ? NZ  ? A LYS 41 NZ  
8  1 Y 1 A LYS 43 ? CG  ? A LYS 43 CG  
9  1 Y 1 A LYS 43 ? CD  ? A LYS 43 CD  
10 1 Y 1 A LYS 43 ? CE  ? A LYS 43 CE  
11 1 Y 1 A LYS 43 ? NZ  ? A LYS 43 NZ  
12 1 Y 1 A LYS 45 ? CG  ? A LYS 45 CG  
13 1 Y 1 A LYS 45 ? CD  ? A LYS 45 CD  
14 1 Y 1 A LYS 45 ? CE  ? A LYS 45 CE  
15 1 Y 1 A LYS 45 ? NZ  ? A LYS 45 NZ  
16 1 Y 1 A LYS 55 ? CG  ? A LYS 55 CG  
17 1 Y 1 A LYS 55 ? CD  ? A LYS 55 CD  
18 1 Y 1 A LYS 55 ? CE  ? A LYS 55 CE  
19 1 Y 1 A LYS 55 ? NZ  ? A LYS 55 NZ  
20 1 Y 1 B ARG 14 ? CG  ? B ARG 14 CG  
21 1 Y 1 B ARG 14 ? CD  ? B ARG 14 CD  
22 1 Y 1 B ARG 14 ? NE  ? B ARG 14 NE  
23 1 Y 1 B ARG 14 ? CZ  ? B ARG 14 CZ  
24 1 Y 1 B ARG 14 ? NH1 ? B ARG 14 NH1 
25 1 Y 1 B ARG 14 ? NH2 ? B ARG 14 NH2 
26 1 Y 1 B ASN 37 ? CG  ? B ASN 37 CG  
27 1 Y 1 B ASN 37 ? OD1 ? B ASN 37 OD1 
28 1 Y 1 B ASN 37 ? ND2 ? B ASN 37 ND2 
29 1 Y 1 B LYS 41 ? CG  ? B LYS 41 CG  
30 1 Y 1 B LYS 41 ? CD  ? B LYS 41 CD  
31 1 Y 1 B LYS 41 ? CE  ? B LYS 41 CE  
32 1 Y 1 B LYS 41 ? NZ  ? B LYS 41 NZ  
33 1 Y 1 B LYS 43 ? CG  ? B LYS 43 CG  
34 1 Y 1 B LYS 43 ? CD  ? B LYS 43 CD  
35 1 Y 1 B LYS 43 ? CE  ? B LYS 43 CE  
36 1 Y 1 B LYS 43 ? NZ  ? B LYS 43 NZ  
# 
loop_
_pdbx_entity_nonpoly.entity_id 
_pdbx_entity_nonpoly.name 
_pdbx_entity_nonpoly.comp_id 
2 'SULFATE ION' SO4 
3 
;N-13-[(10S,13S)-9,12-DIOXO-10-(2-BUTYL)-2-OXA-8,11-DIAZABICYCLO [13.2.2] NONADECA-15,17,18-TRIENE] (2R)-BENZYL-(4S)-HYDROXY-5-AMINOPENTANOIC (1R)-HYDROXY-(2S)-INDANEAMIDE
;
PI8 
4 water HOH 
# 
